data_5EY5
#
_entry.id   5EY5
#
_cell.length_a   95.963
_cell.length_b   162.996
_cell.length_c   78.058
_cell.angle_alpha   90.00
_cell.angle_beta   93.78
_cell.angle_gamma   90.00
#
_symmetry.space_group_name_H-M   'C 1 2 1'
#
loop_
_entity.id
_entity.type
_entity.pdbx_description
1 polymer LBCATS-a
2 polymer LBCA-b
3 non-polymer SN-GLYCEROL-3-PHOSPHATE
4 non-polymer "PYRIDOXAL-5'-PHOSPHATE"
5 non-polymer 'SODIUM ION'
6 water water
#
loop_
_entity_poly.entity_id
_entity_poly.type
_entity_poly.pdbx_seq_one_letter_code
_entity_poly.pdbx_strand_id
1 'polypeptide(L)'
;MNRIAEAFEELKKKGEKALIPFITAGDPDLETTLELVRALVEAGADIIELGIPFSDPLADGPTIQRASQRALASGTTLDK
VFEMVRELREKNTDVPIVFLTYYNPIFRYGIERFVKECAEAGVDGLIVPDLPPEEAADLAAAAEKYGVDLIFLVAPTSTD
ERIKMIAKHASGFVYCVSVTGVTGARSEIAADLAELVSRIRKHTDLPIAVGFGISTPEQAAEVAQVADGVIVGSAIVKRI
EENQDEEDIVEEVREFVRELREAVKLEHHHHHH
;
A,C
2 'polypeptide(L)'
;GRFGKYGGQYVPETLMPALEELEEAYERAKNDPEFQAELEYYLRDYVGRPTPLYFAENLTKDLGGAKIYLKREDLNHTGA
HKINNALGQALLAKRMGKKRVIAETGAGQHGVATATVAAMFGLECVVYMGAEDIERQALNVFRMKLLGAKVRPVTSGSRT
LKDAINEAMRDWVTNVEDTFYIIGSVVGPHPYPMMVRDFQSVIGEEARQQILEKEGRLPDAIVACVGGGSNAMGIFHPFI
DDESVRLIGVEAAGKGIETGKHAATLSAGRPGVLHGAMTYLLQDEDGQIIEAHSISAGLDYPGVGPEHAYLKDTGRAEYV
SVTDDEALEAFQLLSRTEGIIPALESSHAVAYAMKLAPELSKDQIIVVNLSGRGDKDVNTVARYLLGVELDLEHHHHHH
;
B,D
#
loop_
_chem_comp.id
_chem_comp.type
_chem_comp.name
_chem_comp.formula
G3P non-polymer SN-GLYCEROL-3-PHOSPHATE 'C3 H9 O6 P'
NA non-polymer 'SODIUM ION' 'Na 1'
PLP non-polymer PYRIDOXAL-5'-PHOSPHATE 'C8 H10 N O6 P'
#
# COMPACT_ATOMS: atom_id res chain seq x y z
N MET A 1 -1.59 -57.80 33.84
CA MET A 1 -2.35 -57.18 32.77
C MET A 1 -2.62 -55.70 33.06
N ASN A 2 -2.67 -54.89 32.01
CA ASN A 2 -2.91 -53.46 32.16
C ASN A 2 -4.15 -53.21 33.02
N ARG A 3 -4.07 -52.19 33.88
CA ARG A 3 -5.23 -51.80 34.67
C ARG A 3 -6.45 -51.50 33.81
N ILE A 4 -6.23 -50.97 32.61
CA ILE A 4 -7.38 -50.69 31.74
C ILE A 4 -8.10 -51.98 31.37
N ALA A 5 -7.33 -52.99 30.94
CA ALA A 5 -7.91 -54.28 30.63
C ALA A 5 -8.62 -54.87 31.85
N GLU A 6 -7.99 -54.80 33.02
CA GLU A 6 -8.60 -55.35 34.23
C GLU A 6 -9.94 -54.66 34.53
N ALA A 7 -9.97 -53.34 34.41
CA ALA A 7 -11.21 -52.60 34.65
C ALA A 7 -12.33 -53.05 33.70
N PHE A 8 -12.04 -53.16 32.40
CA PHE A 8 -13.09 -53.51 31.43
C PHE A 8 -13.56 -54.94 31.64
N GLU A 9 -12.62 -55.85 31.94
CA GLU A 9 -12.99 -57.23 32.21
C GLU A 9 -13.89 -57.33 33.43
N GLU A 10 -13.59 -56.58 34.50
CA GLU A 10 -14.42 -56.65 35.69
C GLU A 10 -15.82 -56.12 35.42
N LEU A 11 -15.94 -55.00 34.69
CA LEU A 11 -17.25 -54.47 34.34
C LEU A 11 -18.05 -55.47 33.50
N LYS A 12 -17.39 -56.08 32.51
CA LYS A 12 -18.04 -57.11 31.72
C LYS A 12 -18.62 -58.22 32.59
N LYS A 13 -17.86 -58.68 33.57
CA LYS A 13 -18.40 -59.74 34.43
C LYS A 13 -19.54 -59.26 35.30
N LYS A 14 -19.64 -57.97 35.57
CA LYS A 14 -20.72 -57.40 36.38
C LYS A 14 -21.89 -56.91 35.55
N GLY A 15 -21.82 -56.97 34.22
CA GLY A 15 -22.87 -56.40 33.39
C GLY A 15 -22.95 -54.89 33.43
N GLU A 16 -21.82 -54.20 33.52
CA GLU A 16 -21.77 -52.75 33.71
C GLU A 16 -21.00 -52.05 32.60
N LYS A 17 -21.13 -50.72 32.57
CA LYS A 17 -20.53 -49.88 31.54
C LYS A 17 -19.52 -48.93 32.18
N ALA A 18 -18.41 -48.69 31.48
CA ALA A 18 -17.37 -47.83 32.00
C ALA A 18 -17.76 -46.37 31.87
N LEU A 19 -17.68 -45.64 32.99
CA LEU A 19 -17.77 -44.19 33.01
C LEU A 19 -16.35 -43.64 33.09
N ILE A 20 -15.99 -42.81 32.12
CA ILE A 20 -14.60 -42.36 31.99
C ILE A 20 -14.59 -40.84 32.03
N PRO A 21 -14.41 -40.21 33.20
CA PRO A 21 -14.34 -38.74 33.22
C PRO A 21 -13.00 -38.25 32.70
N PHE A 22 -13.02 -37.09 32.04
CA PHE A 22 -11.82 -36.36 31.68
C PHE A 22 -11.77 -35.04 32.46
N ILE A 23 -10.63 -34.77 33.13
CA ILE A 23 -10.34 -33.42 33.60
C ILE A 23 -8.95 -33.01 33.12
N THR A 24 -8.76 -31.70 33.03
CA THR A 24 -7.42 -31.16 32.73
C THR A 24 -6.59 -31.13 34.01
N ALA A 25 -5.39 -31.72 33.95
CA ALA A 25 -4.53 -31.70 35.12
C ALA A 25 -3.99 -30.29 35.37
N GLY A 26 -4.06 -29.85 36.64
CA GLY A 26 -3.60 -28.52 37.01
C GLY A 26 -4.62 -27.41 36.87
N ASP A 27 -5.87 -27.75 36.58
CA ASP A 27 -6.93 -26.75 36.50
C ASP A 27 -7.93 -26.97 37.61
N PRO A 28 -8.02 -26.05 38.59
CA PRO A 28 -7.29 -24.79 38.71
C PRO A 28 -5.86 -24.92 39.27
N ASP A 29 -5.53 -26.04 39.89
CA ASP A 29 -4.16 -26.31 40.30
C ASP A 29 -4.08 -27.80 40.60
N LEU A 30 -2.84 -28.29 40.80
CA LEU A 30 -2.65 -29.75 40.86
C LEU A 30 -3.17 -30.35 42.16
N GLU A 31 -3.08 -29.60 43.26
CA GLU A 31 -3.71 -30.05 44.51
C GLU A 31 -5.21 -30.27 44.29
N THR A 32 -5.86 -29.37 43.55
CA THR A 32 -7.29 -29.53 43.31
C THR A 32 -7.56 -30.69 42.35
N THR A 33 -6.66 -30.92 41.39
CA THR A 33 -6.77 -32.09 40.53
C THR A 33 -6.76 -33.38 41.35
N LEU A 34 -5.76 -33.52 42.20
CA LEU A 34 -5.68 -34.65 43.12
C LEU A 34 -7.00 -34.84 43.86
N GLU A 35 -7.46 -33.80 44.57
CA GLU A 35 -8.76 -33.87 45.22
C GLU A 35 -9.85 -34.33 44.25
N LEU A 36 -9.82 -33.82 43.01
CA LEU A 36 -10.85 -34.16 42.02
C LEU A 36 -10.76 -35.63 41.63
N VAL A 37 -9.55 -36.12 41.34
CA VAL A 37 -9.37 -37.53 41.03
C VAL A 37 -9.97 -38.39 42.13
N ARG A 38 -9.63 -38.08 43.38
CA ARG A 38 -10.13 -38.87 44.50
C ARG A 38 -11.65 -38.82 44.55
N ALA A 39 -12.21 -37.62 44.36
CA ALA A 39 -13.67 -37.49 44.28
C ALA A 39 -14.23 -38.31 43.13
N LEU A 40 -13.56 -38.32 41.98
CA LEU A 40 -14.08 -39.04 40.82
C LEU A 40 -14.15 -40.53 41.08
N VAL A 41 -13.12 -41.07 41.74
CA VAL A 41 -13.11 -42.49 42.09
C VAL A 41 -14.25 -42.80 43.04
N GLU A 42 -14.41 -42.00 44.09
CA GLU A 42 -15.50 -42.21 45.05
C GLU A 42 -16.86 -42.11 44.38
N ALA A 43 -16.96 -41.36 43.28
CA ALA A 43 -18.21 -41.20 42.56
C ALA A 43 -18.47 -42.32 41.55
N GLY A 44 -17.56 -43.28 41.42
CA GLY A 44 -17.78 -44.45 40.58
C GLY A 44 -17.01 -44.47 39.28
N ALA A 45 -16.19 -43.46 38.99
CA ALA A 45 -15.42 -43.47 37.75
C ALA A 45 -14.61 -44.75 37.64
N ASP A 46 -14.57 -45.30 36.43
CA ASP A 46 -13.87 -46.57 36.21
C ASP A 46 -12.48 -46.36 35.65
N ILE A 47 -12.32 -45.34 34.84
CA ILE A 47 -11.05 -44.93 34.28
C ILE A 47 -11.06 -43.42 34.30
N ILE A 48 -9.91 -42.82 34.58
CA ILE A 48 -9.80 -41.38 34.65
C ILE A 48 -8.83 -40.92 33.57
N GLU A 49 -9.31 -40.02 32.71
CA GLU A 49 -8.45 -39.33 31.76
C GLU A 49 -7.97 -38.01 32.38
N LEU A 50 -6.66 -37.82 32.36
CA LEU A 50 -6.03 -36.57 32.79
C LEU A 50 -5.47 -35.87 31.56
N GLY A 51 -5.95 -34.67 31.28
CA GLY A 51 -5.43 -33.90 30.17
C GLY A 51 -4.15 -33.20 30.54
N ILE A 52 -3.09 -33.46 29.77
CA ILE A 52 -1.82 -32.75 29.93
C ILE A 52 -1.92 -31.46 29.15
N PRO A 53 -1.88 -30.31 29.79
CA PRO A 53 -2.25 -29.07 29.10
C PRO A 53 -1.21 -28.71 28.06
N PHE A 54 -1.67 -28.28 26.90
CA PHE A 54 -0.81 -27.92 25.79
C PHE A 54 -1.17 -26.51 25.34
N SER A 55 -0.18 -25.79 24.82
CA SER A 55 -0.45 -24.41 24.44
C SER A 55 -1.26 -24.31 23.14
N ASP A 56 -1.25 -25.34 22.30
CA ASP A 56 -1.97 -25.31 21.01
C ASP A 56 -2.79 -26.58 20.81
N PRO A 57 -3.78 -26.78 21.63
CA PRO A 57 -4.57 -28.02 21.57
C PRO A 57 -5.53 -28.04 20.38
N LEU A 58 -5.02 -28.54 19.24
CA LEU A 58 -5.72 -28.50 17.95
C LEU A 58 -7.09 -29.16 17.99
N ALA A 59 -7.32 -30.10 18.91
CA ALA A 59 -8.50 -30.95 18.88
C ALA A 59 -9.53 -30.59 19.95
N ASP A 60 -9.34 -29.50 20.68
CA ASP A 60 -10.21 -29.16 21.81
C ASP A 60 -11.08 -27.94 21.53
N GLY A 61 -12.34 -28.01 21.99
CA GLY A 61 -13.23 -26.88 21.95
C GLY A 61 -12.88 -25.85 23.02
N PRO A 62 -13.65 -24.76 23.07
CA PRO A 62 -13.29 -23.64 23.94
C PRO A 62 -13.17 -24.00 25.42
N THR A 63 -14.08 -24.82 25.94
CA THR A 63 -14.04 -25.20 27.35
C THR A 63 -12.68 -25.76 27.75
N ILE A 64 -12.24 -26.79 27.04
CA ILE A 64 -10.99 -27.43 27.41
C ILE A 64 -9.79 -26.59 27.00
N GLN A 65 -9.94 -25.73 25.97
CA GLN A 65 -8.92 -24.73 25.65
C GLN A 65 -8.66 -23.84 26.85
N ARG A 66 -9.73 -23.34 27.46
CA ARG A 66 -9.62 -22.46 28.63
C ARG A 66 -9.05 -23.19 29.83
N ALA A 67 -9.44 -24.46 30.04
CA ALA A 67 -8.85 -25.21 31.14
C ALA A 67 -7.35 -25.38 30.94
N SER A 68 -6.91 -25.69 29.70
CA SER A 68 -5.49 -25.83 29.39
C SER A 68 -4.72 -24.54 29.64
N GLN A 69 -5.30 -23.40 29.24
CA GLN A 69 -4.61 -22.14 29.48
C GLN A 69 -4.50 -21.86 30.98
N ARG A 70 -5.57 -22.15 31.73
CA ARG A 70 -5.50 -21.99 33.18
C ARG A 70 -4.46 -22.92 33.78
N ALA A 71 -4.48 -24.19 33.38
CA ALA A 71 -3.53 -25.16 33.92
C ALA A 71 -2.09 -24.76 33.59
N LEU A 72 -1.85 -24.21 32.41
CA LEU A 72 -0.50 -23.80 32.07
C LEU A 72 -0.06 -22.57 32.86
N ALA A 73 -0.98 -21.64 33.10
CA ALA A 73 -0.57 -20.48 33.89
C ALA A 73 -0.33 -20.85 35.34
N SER A 74 -0.98 -21.92 35.84
CA SER A 74 -0.72 -22.41 37.19
C SER A 74 0.55 -23.24 37.26
N GLY A 75 1.34 -23.30 36.19
CA GLY A 75 2.65 -23.93 36.21
C GLY A 75 2.68 -25.41 35.89
N THR A 76 1.59 -25.98 35.40
CA THR A 76 1.52 -27.42 35.18
C THR A 76 2.57 -27.84 34.16
N THR A 77 3.34 -28.87 34.51
CA THR A 77 4.28 -29.50 33.59
C THR A 77 4.05 -31.01 33.63
N LEU A 78 4.62 -31.71 32.64
CA LEU A 78 4.55 -33.16 32.63
C LEU A 78 5.11 -33.74 33.92
N ASP A 79 6.30 -33.31 34.30
CA ASP A 79 6.91 -33.80 35.53
C ASP A 79 6.02 -33.61 36.74
N LYS A 80 5.25 -32.51 36.78
CA LYS A 80 4.38 -32.25 37.94
C LYS A 80 3.15 -33.16 37.94
N VAL A 81 2.61 -33.47 36.78
CA VAL A 81 1.47 -34.39 36.76
C VAL A 81 1.94 -35.80 37.12
N PHE A 82 3.14 -36.19 36.66
CA PHE A 82 3.74 -37.45 37.09
C PHE A 82 3.85 -37.54 38.61
N GLU A 83 4.34 -36.48 39.26
CA GLU A 83 4.46 -36.51 40.71
C GLU A 83 3.08 -36.62 41.36
N MET A 84 2.08 -35.95 40.80
CA MET A 84 0.73 -36.09 41.31
C MET A 84 0.23 -37.52 41.15
N VAL A 85 0.48 -38.14 39.99
CA VAL A 85 0.09 -39.53 39.82
C VAL A 85 0.81 -40.43 40.81
N ARG A 86 2.05 -40.10 41.16
CA ARG A 86 2.74 -40.93 42.14
C ARG A 86 2.16 -40.72 43.53
N GLU A 87 1.81 -39.48 43.89
CA GLU A 87 1.07 -39.28 45.13
C GLU A 87 -0.23 -40.07 45.10
N LEU A 88 -0.92 -40.05 43.97
CA LEU A 88 -2.11 -40.86 43.82
C LEU A 88 -1.81 -42.32 44.12
N ARG A 89 -0.79 -42.88 43.47
CA ARG A 89 -0.52 -44.31 43.59
C ARG A 89 -0.11 -44.69 45.00
N GLU A 90 0.35 -43.75 45.81
CA GLU A 90 0.66 -44.10 47.19
C GLU A 90 -0.54 -44.73 47.88
N LYS A 91 -1.74 -44.21 47.60
CA LYS A 91 -2.94 -44.66 48.29
C LYS A 91 -3.95 -45.36 47.40
N ASN A 92 -3.87 -45.21 46.08
CA ASN A 92 -4.81 -45.87 45.16
C ASN A 92 -4.04 -46.49 44.00
N THR A 93 -3.79 -47.80 44.10
CA THR A 93 -3.13 -48.56 43.05
C THR A 93 -4.10 -49.19 42.06
N ASP A 94 -5.41 -48.99 42.26
CA ASP A 94 -6.43 -49.65 41.46
C ASP A 94 -6.84 -48.85 40.24
N VAL A 95 -7.12 -47.57 40.40
CA VAL A 95 -7.83 -46.80 39.36
C VAL A 95 -6.96 -46.65 38.12
N PRO A 96 -7.44 -47.00 36.93
CA PRO A 96 -6.66 -46.76 35.72
C PRO A 96 -6.58 -45.27 35.43
N ILE A 97 -5.37 -44.82 35.10
CA ILE A 97 -5.11 -43.42 34.77
C ILE A 97 -4.63 -43.38 33.32
N VAL A 98 -5.23 -42.51 32.53
CA VAL A 98 -4.84 -42.27 31.14
C VAL A 98 -4.42 -40.82 31.01
N PHE A 99 -3.25 -40.58 30.42
CA PHE A 99 -2.80 -39.25 30.03
C PHE A 99 -3.29 -38.95 28.63
N LEU A 100 -3.98 -37.82 28.47
CA LEU A 100 -4.37 -37.32 27.15
C LEU A 100 -3.44 -36.15 26.88
N THR A 101 -2.56 -36.31 25.91
CA THR A 101 -1.55 -35.29 25.70
C THR A 101 -1.33 -35.15 24.21
N TYR A 102 -1.17 -33.91 23.74
CA TYR A 102 -0.67 -33.70 22.40
C TYR A 102 0.77 -34.20 22.30
N TYR A 103 1.25 -34.35 21.06
CA TYR A 103 2.48 -35.07 20.81
C TYR A 103 3.72 -34.27 21.13
N ASN A 104 3.73 -32.96 20.85
CA ASN A 104 4.97 -32.22 21.06
C ASN A 104 5.45 -32.22 22.51
N PRO A 105 4.60 -32.16 23.54
CA PRO A 105 5.16 -32.32 24.90
C PRO A 105 5.82 -33.68 25.11
N ILE A 106 5.22 -34.73 24.55
CA ILE A 106 5.82 -36.07 24.57
C ILE A 106 7.13 -36.09 23.80
N PHE A 107 7.07 -35.75 22.53
CA PHE A 107 8.28 -35.39 21.83
C PHE A 107 8.85 -34.25 22.68
N ARG A 108 10.14 -34.01 22.64
CA ARG A 108 10.65 -32.98 23.54
C ARG A 108 10.96 -33.57 24.91
N TYR A 109 9.94 -34.10 25.61
CA TYR A 109 10.22 -34.87 26.82
C TYR A 109 11.19 -36.01 26.51
N GLY A 110 10.95 -36.69 25.39
CA GLY A 110 11.73 -37.83 24.98
C GLY A 110 10.78 -39.01 24.97
N ILE A 111 10.58 -39.63 23.81
CA ILE A 111 9.48 -40.58 23.64
C ILE A 111 9.64 -41.75 24.61
N GLU A 112 10.78 -42.44 24.52
CA GLU A 112 10.99 -43.60 25.39
C GLU A 112 11.09 -43.16 26.85
N ARG A 113 11.74 -42.02 27.10
CA ARG A 113 11.81 -41.52 28.46
C ARG A 113 10.42 -41.23 29.01
N PHE A 114 9.50 -40.82 28.15
CA PHE A 114 8.15 -40.48 28.60
C PHE A 114 7.35 -41.73 28.93
N VAL A 115 7.39 -42.73 28.05
CA VAL A 115 6.71 -43.99 28.32
C VAL A 115 7.31 -44.69 29.53
N LYS A 116 8.64 -44.62 29.69
CA LYS A 116 9.26 -45.21 30.88
C LYS A 116 8.75 -44.53 32.14
N GLU A 117 8.69 -43.20 32.15
CA GLU A 117 8.15 -42.50 33.31
C GLU A 117 6.67 -42.82 33.51
N CYS A 118 5.92 -43.05 32.43
CA CYS A 118 4.53 -43.48 32.57
C CYS A 118 4.46 -44.77 33.38
N ALA A 119 5.27 -45.76 33.00
CA ALA A 119 5.21 -47.07 33.65
C ALA A 119 5.65 -46.97 35.10
N GLU A 120 6.61 -46.11 35.40
CA GLU A 120 7.11 -46.05 36.78
C GLU A 120 6.16 -45.25 37.67
N ALA A 121 5.56 -44.20 37.13
CA ALA A 121 4.62 -43.42 37.93
C ALA A 121 3.29 -44.13 38.13
N GLY A 122 2.84 -44.89 37.14
CA GLY A 122 1.60 -45.62 37.29
C GLY A 122 0.53 -45.11 36.34
N VAL A 123 0.93 -44.73 35.13
CA VAL A 123 0.01 -44.26 34.10
C VAL A 123 -0.24 -45.42 33.15
N ASP A 124 -1.50 -45.78 32.97
CA ASP A 124 -1.80 -47.03 32.28
C ASP A 124 -2.01 -46.86 30.78
N GLY A 125 -2.35 -45.66 30.32
CA GLY A 125 -2.67 -45.52 28.92
C GLY A 125 -2.46 -44.10 28.44
N LEU A 126 -2.44 -43.97 27.12
CA LEU A 126 -2.12 -42.72 26.44
C LEU A 126 -3.13 -42.48 25.35
N ILE A 127 -3.65 -41.26 25.31
CA ILE A 127 -4.44 -40.73 24.22
C ILE A 127 -3.67 -39.56 23.65
N VAL A 128 -3.30 -39.62 22.38
CA VAL A 128 -2.49 -38.59 21.74
C VAL A 128 -3.28 -38.03 20.56
N PRO A 129 -4.00 -36.92 20.75
CA PRO A 129 -5.00 -36.56 19.74
C PRO A 129 -4.42 -36.22 18.36
N ASP A 130 -3.19 -35.69 18.25
CA ASP A 130 -2.67 -35.35 16.93
C ASP A 130 -1.69 -36.37 16.37
N LEU A 131 -1.80 -37.64 16.77
CA LEU A 131 -0.84 -38.67 16.35
C LEU A 131 -1.56 -39.85 15.67
N PRO A 132 -1.67 -39.86 14.35
CA PRO A 132 -2.27 -41.01 13.68
C PRO A 132 -1.32 -42.20 13.69
N PRO A 133 -1.85 -43.41 13.56
CA PRO A 133 -0.97 -44.60 13.41
C PRO A 133 0.23 -44.41 12.50
N GLU A 134 0.07 -43.79 11.33
CA GLU A 134 1.20 -43.68 10.41
C GLU A 134 2.37 -42.91 11.01
N GLU A 135 2.12 -42.07 12.02
CA GLU A 135 3.18 -41.32 12.69
C GLU A 135 3.50 -41.87 14.08
N ALA A 136 2.81 -42.92 14.53
CA ALA A 136 2.90 -43.39 15.90
C ALA A 136 3.86 -44.56 16.09
N ALA A 137 4.64 -44.91 15.06
CA ALA A 137 5.49 -46.10 15.17
C ALA A 137 6.41 -46.02 16.39
N ASP A 138 7.05 -44.87 16.63
CA ASP A 138 8.01 -44.75 17.73
C ASP A 138 7.30 -44.87 19.09
N LEU A 139 6.26 -44.07 19.30
CA LEU A 139 5.54 -44.12 20.57
C LEU A 139 4.95 -45.50 20.82
N ALA A 140 4.43 -46.14 19.76
CA ALA A 140 3.77 -47.44 19.91
C ALA A 140 4.75 -48.52 20.34
N ALA A 141 5.98 -48.48 19.85
CA ALA A 141 6.94 -49.51 20.25
C ALA A 141 7.40 -49.31 21.69
N ALA A 142 7.60 -48.06 22.10
CA ALA A 142 7.92 -47.80 23.51
C ALA A 142 6.75 -48.19 24.41
N ALA A 143 5.53 -47.84 24.03
CA ALA A 143 4.38 -48.23 24.82
C ALA A 143 4.32 -49.74 24.97
N GLU A 144 4.53 -50.47 23.87
CA GLU A 144 4.50 -51.94 23.93
C GLU A 144 5.62 -52.45 24.83
N LYS A 145 6.80 -51.86 24.71
CA LYS A 145 7.92 -52.23 25.56
C LYS A 145 7.58 -52.10 27.05
N TYR A 146 6.79 -51.11 27.42
CA TYR A 146 6.57 -50.83 28.84
C TYR A 146 5.15 -51.12 29.31
N GLY A 147 4.33 -51.78 28.48
CA GLY A 147 3.01 -52.16 28.94
C GLY A 147 2.03 -51.01 29.08
N VAL A 148 2.25 -49.92 28.33
CA VAL A 148 1.37 -48.77 28.36
C VAL A 148 0.47 -48.82 27.13
N ASP A 149 -0.84 -48.72 27.35
CA ASP A 149 -1.77 -48.80 26.24
C ASP A 149 -1.79 -47.49 25.47
N LEU A 150 -1.95 -47.60 24.16
CA LEU A 150 -2.05 -46.47 23.25
C LEU A 150 -3.46 -46.49 22.67
N ILE A 151 -4.29 -45.57 23.10
CA ILE A 151 -5.68 -45.51 22.68
C ILE A 151 -5.81 -44.58 21.47
N PHE A 152 -6.29 -45.12 20.35
CA PHE A 152 -6.46 -44.32 19.13
C PHE A 152 -7.92 -43.96 18.92
N LEU A 153 -8.15 -42.78 18.33
CA LEU A 153 -9.50 -42.28 18.03
C LEU A 153 -9.96 -42.74 16.65
N VAL A 154 -11.26 -43.00 16.55
CA VAL A 154 -11.92 -43.32 15.29
C VAL A 154 -13.07 -42.33 15.14
N ALA A 155 -13.12 -41.70 14.01
CA ALA A 155 -14.09 -40.66 13.77
C ALA A 155 -15.17 -41.14 12.82
N PRO A 156 -16.34 -40.51 12.86
CA PRO A 156 -17.44 -40.95 11.98
C PRO A 156 -17.07 -40.94 10.51
N THR A 157 -16.07 -40.16 10.10
CA THR A 157 -15.65 -40.11 8.71
C THR A 157 -14.46 -41.02 8.42
N SER A 158 -14.00 -41.78 9.41
CA SER A 158 -12.96 -42.76 9.16
C SER A 158 -13.51 -43.90 8.33
N THR A 159 -12.77 -44.27 7.29
CA THR A 159 -13.19 -45.34 6.41
C THR A 159 -12.91 -46.71 7.03
N ASP A 160 -13.66 -47.72 6.58
CA ASP A 160 -13.42 -49.08 7.04
C ASP A 160 -11.94 -49.43 6.96
N GLU A 161 -11.27 -48.99 5.89
CA GLU A 161 -9.83 -49.24 5.76
C GLU A 161 -9.05 -48.56 6.87
N ARG A 162 -9.38 -47.29 7.16
CA ARG A 162 -8.66 -46.60 8.22
C ARG A 162 -8.96 -47.22 9.60
N ILE A 163 -10.17 -47.74 9.80
CA ILE A 163 -10.49 -48.41 11.06
C ILE A 163 -9.63 -49.66 11.23
N LYS A 164 -9.62 -50.55 10.21
CA LYS A 164 -8.75 -51.72 10.27
C LYS A 164 -7.37 -51.34 10.74
N MET A 165 -6.81 -50.32 10.09
CA MET A 165 -5.46 -49.88 10.38
C MET A 165 -5.36 -49.31 11.79
N ILE A 166 -6.36 -48.53 12.22
CA ILE A 166 -6.35 -47.99 13.58
C ILE A 166 -6.41 -49.12 14.60
N ALA A 167 -7.45 -49.96 14.49
CA ALA A 167 -7.62 -51.05 15.44
C ALA A 167 -6.44 -52.01 15.46
N LYS A 168 -5.62 -52.03 14.40
CA LYS A 168 -4.47 -52.91 14.41
C LYS A 168 -3.41 -52.45 15.40
N HIS A 169 -3.31 -51.15 15.66
CA HIS A 169 -2.31 -50.63 16.56
C HIS A 169 -2.89 -50.24 17.92
N ALA A 170 -4.22 -50.29 18.07
CA ALA A 170 -4.85 -49.83 19.30
C ALA A 170 -4.69 -50.85 20.42
N SER A 171 -4.63 -50.34 21.64
CA SER A 171 -4.69 -51.19 22.82
C SER A 171 -5.40 -50.41 23.93
N GLY A 172 -5.87 -51.14 24.92
CA GLY A 172 -6.64 -50.52 26.00
C GLY A 172 -8.09 -50.39 25.60
N PHE A 173 -8.42 -49.35 24.85
CA PHE A 173 -9.73 -49.30 24.23
C PHE A 173 -9.62 -48.51 22.94
N VAL A 174 -10.69 -48.53 22.18
CA VAL A 174 -10.84 -47.65 21.02
C VAL A 174 -11.71 -46.48 21.43
N TYR A 175 -11.23 -45.29 21.15
CA TYR A 175 -11.96 -44.06 21.45
C TYR A 175 -12.78 -43.70 20.21
N CYS A 176 -14.10 -43.80 20.31
CA CYS A 176 -15.00 -43.50 19.20
C CYS A 176 -15.45 -42.05 19.35
N VAL A 177 -15.06 -41.21 18.39
CA VAL A 177 -15.40 -39.79 18.41
C VAL A 177 -16.82 -39.62 17.88
N SER A 178 -17.71 -39.14 18.74
CA SER A 178 -19.12 -39.10 18.37
C SER A 178 -19.40 -38.11 17.25
N VAL A 179 -18.54 -37.12 17.04
CA VAL A 179 -18.80 -36.04 16.10
C VAL A 179 -17.53 -35.70 15.33
N THR A 180 -17.67 -35.42 14.06
CA THR A 180 -16.56 -34.93 13.31
C THR A 180 -16.42 -33.45 13.67
N GLY A 181 -15.52 -33.22 14.60
CA GLY A 181 -15.29 -31.86 15.05
C GLY A 181 -14.34 -31.83 16.22
N VAL A 182 -14.59 -30.93 17.16
CA VAL A 182 -13.72 -30.68 18.29
C VAL A 182 -14.48 -31.01 19.58
N THR A 183 -13.75 -31.14 20.69
CA THR A 183 -14.38 -31.39 21.98
C THR A 183 -15.29 -30.23 22.38
N GLY A 184 -16.28 -30.54 23.21
CA GLY A 184 -17.24 -29.53 23.66
C GLY A 184 -18.62 -30.12 23.85
N ALA A 185 -19.31 -29.67 24.89
CA ALA A 185 -20.60 -30.22 25.22
C ALA A 185 -21.62 -29.83 24.18
N ARG A 186 -22.20 -30.83 23.54
CA ARG A 186 -23.17 -30.62 22.49
C ARG A 186 -24.51 -31.24 22.91
N SER A 187 -25.54 -31.14 22.09
CA SER A 187 -26.86 -31.70 22.40
C SER A 187 -27.37 -32.48 21.19
N GLU A 188 -26.95 -33.75 21.07
CA GLU A 188 -27.46 -34.63 20.02
C GLU A 188 -26.73 -35.97 20.01
N ILE A 189 -26.37 -36.45 18.82
CA ILE A 189 -25.71 -37.74 18.67
C ILE A 189 -25.34 -37.97 17.20
N SER A 198 -23.88 -47.39 12.49
CA SER A 198 -23.27 -46.85 13.66
C SER A 198 -21.87 -47.43 13.81
N ARG A 199 -21.21 -47.17 14.93
CA ARG A 199 -19.96 -47.88 15.24
C ARG A 199 -19.96 -48.56 16.61
N ILE A 200 -19.83 -49.88 16.66
CA ILE A 200 -19.99 -50.79 15.54
C ILE A 200 -18.75 -50.80 14.74
N ARG A 201 -17.65 -50.73 15.50
CA ARG A 201 -16.26 -50.68 14.99
C ARG A 201 -15.61 -52.07 15.09
N LYS A 202 -16.43 -53.06 15.34
CA LYS A 202 -15.95 -54.43 15.34
C LYS A 202 -15.32 -54.95 14.01
N HIS A 203 -14.11 -54.46 13.72
CA HIS A 203 -12.96 -55.13 13.19
C HIS A 203 -12.02 -55.30 14.36
N THR A 204 -12.51 -55.10 15.56
CA THR A 204 -11.65 -55.33 16.70
C THR A 204 -12.51 -55.89 17.81
N ASP A 205 -11.87 -56.57 18.76
CA ASP A 205 -12.57 -56.98 19.98
C ASP A 205 -12.22 -56.11 21.16
N LEU A 206 -11.49 -55.02 20.95
CA LEU A 206 -11.19 -54.11 22.04
C LEU A 206 -12.49 -53.48 22.56
N PRO A 207 -12.52 -53.08 23.83
CA PRO A 207 -13.67 -52.30 24.30
C PRO A 207 -13.74 -50.99 23.53
N ILE A 208 -14.96 -50.50 23.32
CA ILE A 208 -15.16 -49.23 22.63
C ILE A 208 -15.82 -48.26 23.59
N ALA A 209 -15.22 -47.09 23.75
CA ALA A 209 -15.78 -45.98 24.50
C ALA A 209 -16.12 -44.82 23.55
N VAL A 210 -17.18 -44.09 23.88
CA VAL A 210 -17.67 -42.99 23.05
C VAL A 210 -17.49 -41.68 23.81
N GLY A 211 -16.97 -40.66 23.12
CA GLY A 211 -16.71 -39.35 23.69
C GLY A 211 -16.93 -38.24 22.69
N PHE A 212 -16.77 -37.00 23.18
CA PHE A 212 -17.11 -35.75 22.47
C PHE A 212 -18.59 -35.42 22.58
N GLY A 213 -18.92 -34.36 23.31
CA GLY A 213 -20.25 -33.80 23.31
C GLY A 213 -21.18 -34.27 24.42
N ILE A 214 -20.87 -35.38 25.09
CA ILE A 214 -21.81 -35.94 26.06
C ILE A 214 -21.85 -35.03 27.27
N SER A 215 -22.96 -34.30 27.46
CA SER A 215 -23.01 -33.25 28.47
C SER A 215 -24.03 -33.44 29.58
N THR A 216 -24.96 -34.38 29.47
CA THR A 216 -26.02 -34.56 30.44
C THR A 216 -26.19 -36.03 30.77
N PRO A 217 -26.72 -36.35 31.96
CA PRO A 217 -27.02 -37.75 32.26
C PRO A 217 -27.89 -38.43 31.22
N GLU A 218 -28.90 -37.75 30.67
CA GLU A 218 -29.75 -38.38 29.66
C GLU A 218 -28.93 -38.79 28.44
N GLN A 219 -27.99 -37.96 28.01
CA GLN A 219 -27.13 -38.32 26.89
C GLN A 219 -26.18 -39.44 27.27
N ALA A 220 -25.62 -39.40 28.48
CA ALA A 220 -24.74 -40.47 28.90
C ALA A 220 -25.46 -41.81 28.90
N ALA A 221 -26.73 -41.81 29.29
CA ALA A 221 -27.51 -43.04 29.30
C ALA A 221 -27.72 -43.57 27.89
N GLU A 222 -28.04 -42.68 26.95
CA GLU A 222 -28.19 -43.08 25.55
C GLU A 222 -26.90 -43.70 25.03
N VAL A 223 -25.75 -43.10 25.32
CA VAL A 223 -24.48 -43.66 24.86
C VAL A 223 -24.23 -45.02 25.50
N ALA A 224 -24.56 -45.17 26.78
CA ALA A 224 -24.24 -46.40 27.50
C ALA A 224 -24.95 -47.61 26.93
N GLN A 225 -25.98 -47.42 26.11
CA GLN A 225 -26.68 -48.57 25.57
C GLN A 225 -26.01 -49.17 24.35
N VAL A 226 -25.03 -48.48 23.75
CA VAL A 226 -24.41 -48.95 22.51
C VAL A 226 -22.92 -49.21 22.65
N ALA A 227 -22.26 -48.72 23.69
CA ALA A 227 -20.82 -48.83 23.78
C ALA A 227 -20.42 -49.36 25.14
N ASP A 228 -19.18 -49.84 25.23
CA ASP A 228 -18.66 -50.37 26.48
C ASP A 228 -18.37 -49.28 27.50
N GLY A 229 -18.26 -48.03 27.08
CA GLY A 229 -17.93 -46.97 28.02
C GLY A 229 -18.30 -45.61 27.46
N VAL A 230 -18.36 -44.63 28.36
CA VAL A 230 -18.80 -43.29 28.04
C VAL A 230 -17.76 -42.32 28.57
N ILE A 231 -17.27 -41.44 27.72
CA ILE A 231 -16.27 -40.44 28.11
C ILE A 231 -16.96 -39.08 28.20
N VAL A 232 -16.73 -38.39 29.30
CA VAL A 232 -17.27 -37.06 29.54
C VAL A 232 -16.15 -36.14 30.01
N GLY A 233 -15.92 -35.05 29.30
CA GLY A 233 -14.90 -34.12 29.70
C GLY A 233 -15.42 -32.71 29.85
N SER A 234 -15.76 -32.08 28.72
CA SER A 234 -16.14 -30.67 28.77
C SER A 234 -17.18 -30.39 29.85
N ALA A 235 -18.18 -31.26 29.97
CA ALA A 235 -19.24 -30.98 30.92
C ALA A 235 -18.72 -30.96 32.36
N ILE A 236 -17.71 -31.78 32.67
CA ILE A 236 -17.16 -31.79 34.02
C ILE A 236 -16.25 -30.59 34.22
N VAL A 237 -15.45 -30.27 33.19
CA VAL A 237 -14.59 -29.12 33.25
C VAL A 237 -15.38 -27.83 33.42
N LYS A 238 -16.59 -27.76 32.85
CA LYS A 238 -17.45 -26.59 33.08
C LYS A 238 -17.70 -26.40 34.56
N ARG A 239 -18.00 -27.49 35.27
CA ARG A 239 -18.32 -27.33 36.68
C ARG A 239 -17.09 -26.90 37.47
N ILE A 240 -15.91 -27.32 37.04
CA ILE A 240 -14.69 -26.82 37.66
C ILE A 240 -14.52 -25.34 37.38
N GLU A 241 -14.75 -24.93 36.15
CA GLU A 241 -14.51 -23.54 35.77
C GLU A 241 -15.50 -22.60 36.45
N GLU A 242 -16.74 -23.03 36.57
CA GLU A 242 -17.81 -22.19 37.04
C GLU A 242 -17.89 -22.02 38.55
N ASN A 243 -16.95 -22.59 39.26
CA ASN A 243 -16.82 -22.35 40.65
C ASN A 243 -15.38 -21.97 40.80
N GLN A 244 -15.07 -20.72 40.51
CA GLN A 244 -15.89 -19.57 40.81
C GLN A 244 -16.50 -19.53 42.21
N ASP A 245 -15.87 -20.11 43.22
CA ASP A 245 -14.52 -20.61 43.16
C ASP A 245 -13.97 -21.30 44.38
N GLU A 246 -14.79 -21.52 45.38
CA GLU A 246 -14.34 -22.24 46.57
C GLU A 246 -14.05 -23.69 46.19
N GLU A 247 -13.01 -24.26 46.79
CA GLU A 247 -12.67 -25.64 46.51
C GLU A 247 -13.88 -26.57 46.59
N ASP A 248 -15.06 -26.01 46.90
CA ASP A 248 -16.37 -26.59 46.66
C ASP A 248 -16.58 -26.93 45.17
N ILE A 249 -15.57 -26.66 44.35
CA ILE A 249 -15.49 -27.29 43.04
C ILE A 249 -15.70 -28.80 43.17
N VAL A 250 -15.24 -29.37 44.27
CA VAL A 250 -15.28 -30.83 44.44
C VAL A 250 -16.72 -31.32 44.53
N GLU A 251 -17.56 -30.64 45.33
CA GLU A 251 -18.93 -31.09 45.52
C GLU A 251 -19.74 -31.03 44.24
N GLU A 252 -19.58 -29.97 43.45
CA GLU A 252 -20.32 -29.86 42.20
C GLU A 252 -19.90 -30.95 41.24
N VAL A 253 -18.59 -31.18 41.11
CA VAL A 253 -18.11 -32.26 40.25
C VAL A 253 -18.59 -33.61 40.79
N ARG A 254 -18.44 -33.84 42.10
CA ARG A 254 -18.91 -35.09 42.66
C ARG A 254 -20.40 -35.30 42.42
N GLU A 255 -21.20 -34.24 42.61
CA GLU A 255 -22.63 -34.38 42.41
C GLU A 255 -22.96 -34.67 40.96
N PHE A 256 -22.32 -33.96 40.03
CA PHE A 256 -22.58 -34.18 38.61
C PHE A 256 -22.18 -35.59 38.20
N VAL A 257 -21.00 -36.03 38.64
CA VAL A 257 -20.51 -37.33 38.22
C VAL A 257 -21.29 -38.46 38.87
N ARG A 258 -21.92 -38.22 40.02
CA ARG A 258 -22.80 -39.23 40.58
C ARG A 258 -24.05 -39.39 39.71
N GLU A 259 -24.58 -38.28 39.19
CA GLU A 259 -25.67 -38.36 38.22
C GLU A 259 -25.23 -39.15 37.00
N LEU A 260 -24.04 -38.86 36.48
CA LEU A 260 -23.54 -39.59 35.33
C LEU A 260 -23.39 -41.07 35.64
N ARG A 261 -22.96 -41.39 36.85
CA ARG A 261 -22.76 -42.79 37.22
C ARG A 261 -24.07 -43.55 37.27
N GLU A 262 -25.11 -42.94 37.85
CA GLU A 262 -26.43 -43.58 37.84
C GLU A 262 -26.94 -43.73 36.42
N ALA A 263 -26.51 -42.85 35.51
CA ALA A 263 -26.96 -42.91 34.13
C ALA A 263 -26.19 -43.91 33.29
N VAL A 264 -24.89 -44.07 33.52
CA VAL A 264 -24.08 -44.94 32.68
C VAL A 264 -24.22 -46.39 33.13
N LYS A 265 -25.16 -47.09 32.53
CA LYS A 265 -25.53 -48.45 32.92
C LYS A 265 -26.56 -48.93 31.91
N LEU A 266 -26.76 -50.23 31.81
CA LEU A 266 -27.75 -50.76 30.90
C LEU A 266 -29.12 -50.37 31.40
N GLU A 267 -29.97 -49.97 30.49
CA GLU A 267 -31.28 -49.44 30.88
C GLU A 267 -32.16 -50.56 31.44
N HIS A 268 -33.05 -50.18 32.35
CA HIS A 268 -33.99 -51.09 32.99
C HIS A 268 -35.29 -51.15 32.19
N HIS A 269 -36.03 -52.22 32.39
CA HIS A 269 -37.31 -52.40 31.71
C HIS A 269 -38.43 -52.64 32.71
N GLY B 1 4.79 -37.37 2.11
CA GLY B 1 4.61 -36.04 2.69
C GLY B 1 5.71 -35.65 3.66
N ARG B 2 6.87 -36.24 3.44
CA ARG B 2 7.99 -36.20 4.37
C ARG B 2 9.20 -35.57 3.66
N PHE B 3 9.89 -34.68 4.37
CA PHE B 3 11.14 -34.09 3.89
C PHE B 3 12.22 -34.62 4.82
N GLY B 4 12.84 -35.72 4.44
CA GLY B 4 13.71 -36.41 5.37
C GLY B 4 12.89 -36.87 6.56
N LYS B 5 13.29 -36.48 7.77
CA LYS B 5 12.49 -36.84 8.94
C LYS B 5 11.36 -35.87 9.18
N TYR B 6 11.30 -34.77 8.45
CA TYR B 6 10.40 -33.68 8.72
C TYR B 6 9.12 -33.80 7.91
N GLY B 7 8.11 -33.03 8.33
CA GLY B 7 6.84 -32.99 7.63
C GLY B 7 5.81 -33.90 8.30
N GLY B 8 5.16 -34.73 7.52
CA GLY B 8 4.16 -35.63 8.05
C GLY B 8 2.77 -35.01 8.08
N GLN B 9 1.87 -35.75 8.76
CA GLN B 9 0.46 -35.40 8.95
C GLN B 9 0.12 -35.68 10.43
N TYR B 10 0.47 -34.75 11.31
CA TYR B 10 0.22 -34.91 12.74
C TYR B 10 -1.08 -34.20 13.12
N VAL B 11 -2.19 -34.78 12.70
CA VAL B 11 -3.50 -34.15 12.93
C VAL B 11 -4.44 -35.17 13.55
N PRO B 12 -5.49 -34.71 14.22
CA PRO B 12 -6.49 -35.64 14.78
C PRO B 12 -7.14 -36.46 13.68
N GLU B 13 -7.63 -37.64 14.05
CA GLU B 13 -8.28 -38.54 13.10
C GLU B 13 -9.49 -37.89 12.44
N THR B 14 -10.15 -36.96 13.13
CA THR B 14 -11.28 -36.24 12.56
C THR B 14 -10.91 -35.48 11.31
N LEU B 15 -9.62 -35.16 11.15
CA LEU B 15 -9.15 -34.41 10.00
C LEU B 15 -8.49 -35.26 8.94
N MET B 16 -8.17 -36.52 9.24
CA MET B 16 -7.48 -37.31 8.21
C MET B 16 -8.28 -37.47 6.94
N PRO B 17 -9.59 -37.74 6.96
CA PRO B 17 -10.32 -37.88 5.69
C PRO B 17 -10.28 -36.62 4.85
N ALA B 18 -10.32 -35.45 5.50
CA ALA B 18 -10.25 -34.18 4.80
C ALA B 18 -8.89 -34.01 4.12
N LEU B 19 -7.81 -34.43 4.78
CA LEU B 19 -6.49 -34.33 4.17
C LEU B 19 -6.35 -35.29 2.99
N GLU B 20 -6.92 -36.49 3.11
CA GLU B 20 -6.86 -37.41 1.98
C GLU B 20 -7.58 -36.82 0.78
N GLU B 21 -8.78 -36.28 1.01
CA GLU B 21 -9.54 -35.63 -0.06
C GLU B 21 -8.74 -34.50 -0.68
N LEU B 22 -8.01 -33.76 0.15
CA LEU B 22 -7.25 -32.62 -0.37
C LEU B 22 -6.05 -33.08 -1.18
N GLU B 23 -5.31 -34.08 -0.70
CA GLU B 23 -4.13 -34.46 -1.45
C GLU B 23 -4.51 -35.10 -2.78
N GLU B 24 -5.55 -35.93 -2.79
CA GLU B 24 -6.02 -36.48 -4.06
C GLU B 24 -6.53 -35.38 -4.98
N ALA B 25 -7.27 -34.43 -4.44
CA ALA B 25 -7.73 -33.32 -5.27
C ALA B 25 -6.56 -32.56 -5.86
N TYR B 26 -5.60 -32.18 -5.02
CA TYR B 26 -4.43 -31.46 -5.52
C TYR B 26 -3.68 -32.29 -6.56
N GLU B 27 -3.53 -33.59 -6.32
CA GLU B 27 -2.85 -34.42 -7.29
C GLU B 27 -3.51 -34.33 -8.66
N ARG B 28 -4.84 -34.39 -8.70
CA ARG B 28 -5.53 -34.28 -9.98
C ARG B 28 -5.34 -32.89 -10.60
N ALA B 29 -5.50 -31.84 -9.79
CA ALA B 29 -5.39 -30.48 -10.33
C ALA B 29 -3.97 -30.21 -10.84
N LYS B 30 -2.97 -30.58 -10.03
CA LYS B 30 -1.58 -30.44 -10.44
C LYS B 30 -1.38 -30.82 -11.90
N ASN B 31 -1.84 -32.01 -12.26
CA ASN B 31 -1.61 -32.63 -13.56
C ASN B 31 -2.77 -32.41 -14.53
N ASP B 32 -3.65 -31.45 -14.27
CA ASP B 32 -4.71 -31.13 -15.21
C ASP B 32 -4.33 -29.85 -15.95
N PRO B 33 -4.21 -29.90 -17.27
CA PRO B 33 -3.77 -28.72 -18.02
C PRO B 33 -4.78 -27.58 -17.98
N GLU B 34 -6.08 -27.88 -17.85
CA GLU B 34 -7.05 -26.80 -17.73
C GLU B 34 -6.83 -26.03 -16.42
N PHE B 35 -6.59 -26.74 -15.32
CA PHE B 35 -6.29 -26.06 -14.05
C PHE B 35 -5.05 -25.19 -14.18
N GLN B 36 -3.95 -25.74 -14.71
CA GLN B 36 -2.73 -24.95 -14.77
C GLN B 36 -2.89 -23.76 -15.71
N ALA B 37 -3.69 -23.90 -16.78
CA ALA B 37 -3.90 -22.81 -17.72
C ALA B 37 -4.80 -21.73 -17.14
N GLU B 38 -5.80 -22.13 -16.35
CA GLU B 38 -6.65 -21.15 -15.66
C GLU B 38 -5.86 -20.41 -14.59
N LEU B 39 -4.97 -21.11 -13.88
CA LEU B 39 -4.14 -20.44 -12.89
C LEU B 39 -3.20 -19.45 -13.55
N GLU B 40 -2.59 -19.85 -14.68
CA GLU B 40 -1.69 -18.94 -15.38
C GLU B 40 -2.43 -17.72 -15.92
N TYR B 41 -3.68 -17.90 -16.36
CA TYR B 41 -4.49 -16.77 -16.82
C TYR B 41 -4.65 -15.74 -15.71
N TYR B 42 -5.02 -16.19 -14.51
CA TYR B 42 -5.22 -15.24 -13.41
C TYR B 42 -3.90 -14.70 -12.89
N LEU B 43 -2.83 -15.50 -12.87
CA LEU B 43 -1.56 -14.93 -12.46
C LEU B 43 -1.17 -13.78 -13.37
N ARG B 44 -1.46 -13.89 -14.67
CA ARG B 44 -1.07 -12.84 -15.62
C ARG B 44 -1.99 -11.63 -15.54
N ASP B 45 -3.30 -11.83 -15.71
CA ASP B 45 -4.20 -10.70 -15.88
C ASP B 45 -4.68 -10.12 -14.57
N TYR B 46 -4.77 -10.93 -13.52
CA TYR B 46 -5.22 -10.40 -12.23
C TYR B 46 -4.08 -10.04 -11.29
N VAL B 47 -3.10 -10.94 -11.14
CA VAL B 47 -1.99 -10.70 -10.23
C VAL B 47 -0.95 -9.80 -10.86
N GLY B 48 -0.74 -9.94 -12.17
CA GLY B 48 0.21 -9.11 -12.86
C GLY B 48 1.57 -9.72 -13.14
N ARG B 49 1.70 -11.04 -13.07
CA ARG B 49 2.98 -11.71 -13.38
C ARG B 49 3.22 -11.82 -14.88
N PRO B 50 4.49 -11.96 -15.29
CA PRO B 50 5.71 -12.13 -14.48
C PRO B 50 6.13 -10.85 -13.77
N THR B 51 6.67 -10.95 -12.55
CA THR B 51 7.27 -9.76 -11.95
C THR B 51 8.70 -9.61 -12.46
N PRO B 52 9.24 -8.41 -12.51
CA PRO B 52 10.54 -8.22 -13.14
C PRO B 52 11.66 -8.68 -12.21
N LEU B 53 12.84 -8.88 -12.80
CA LEU B 53 14.06 -9.07 -12.06
C LEU B 53 14.92 -7.82 -12.30
N TYR B 54 15.07 -6.99 -11.28
CA TYR B 54 15.58 -5.64 -11.47
C TYR B 54 17.03 -5.51 -10.98
N PHE B 55 17.90 -5.00 -11.85
CA PHE B 55 19.28 -4.77 -11.47
C PHE B 55 19.36 -3.52 -10.63
N ALA B 56 19.68 -3.67 -9.34
CA ALA B 56 19.82 -2.55 -8.40
C ALA B 56 21.21 -1.95 -8.59
N GLU B 57 21.31 -1.01 -9.53
CA GLU B 57 22.62 -0.52 -9.92
C GLU B 57 23.24 0.43 -8.89
N ASN B 58 22.47 1.36 -8.34
CA ASN B 58 23.00 2.23 -7.28
C ASN B 58 23.45 1.41 -6.08
N LEU B 59 22.59 0.49 -5.64
CA LEU B 59 22.97 -0.37 -4.52
C LEU B 59 24.22 -1.16 -4.85
N THR B 60 24.24 -1.78 -6.03
CA THR B 60 25.43 -2.54 -6.43
C THR B 60 26.68 -1.68 -6.31
N LYS B 61 26.60 -0.43 -6.77
CA LYS B 61 27.77 0.45 -6.72
C LYS B 61 28.06 0.89 -5.29
N ASP B 62 27.02 1.18 -4.50
CA ASP B 62 27.22 1.56 -3.11
C ASP B 62 27.98 0.50 -2.34
N LEU B 63 27.62 -0.78 -2.50
CA LEU B 63 28.22 -1.84 -1.70
C LEU B 63 29.58 -2.29 -2.22
N GLY B 64 29.87 -2.05 -3.50
CA GLY B 64 31.21 -2.28 -4.02
C GLY B 64 31.58 -3.72 -4.32
N GLY B 65 30.64 -4.65 -4.30
CA GLY B 65 30.95 -6.04 -4.59
C GLY B 65 30.08 -6.66 -5.66
N ALA B 66 29.34 -7.71 -5.29
CA ALA B 66 28.50 -8.44 -6.22
C ALA B 66 27.40 -7.54 -6.81
N LYS B 67 26.96 -7.90 -8.01
CA LYS B 67 25.73 -7.35 -8.57
C LYS B 67 24.51 -7.78 -7.75
N ILE B 68 23.63 -6.83 -7.47
CA ILE B 68 22.40 -7.09 -6.73
C ILE B 68 21.23 -7.04 -7.70
N TYR B 69 20.51 -8.15 -7.83
CA TYR B 69 19.24 -8.17 -8.53
C TYR B 69 18.14 -8.39 -7.52
N LEU B 70 17.03 -7.66 -7.69
CA LEU B 70 15.84 -7.77 -6.85
C LEU B 70 14.75 -8.45 -7.63
N LYS B 71 14.28 -9.60 -7.13
CA LYS B 71 13.08 -10.24 -7.66
C LYS B 71 11.88 -9.49 -7.09
N ARG B 72 11.12 -8.81 -7.97
CA ARG B 72 10.19 -7.76 -7.55
C ARG B 72 8.80 -8.30 -7.20
N GLU B 73 8.75 -9.19 -6.21
CA GLU B 73 7.44 -9.64 -5.72
C GLU B 73 6.63 -8.51 -5.06
N ASP B 74 7.27 -7.38 -4.77
CA ASP B 74 6.53 -6.21 -4.32
C ASP B 74 5.57 -5.65 -5.37
N LEU B 75 5.63 -6.12 -6.63
CA LEU B 75 4.78 -5.59 -7.69
C LEU B 75 3.52 -6.43 -7.93
N ASN B 76 3.39 -7.60 -7.29
CA ASN B 76 2.16 -8.35 -7.38
C ASN B 76 0.97 -7.50 -6.94
N HIS B 77 -0.20 -7.76 -7.51
CA HIS B 77 -1.44 -7.31 -6.90
C HIS B 77 -1.47 -7.67 -5.41
N THR B 78 -1.81 -6.70 -4.57
CA THR B 78 -1.79 -6.71 -3.11
C THR B 78 -0.39 -6.46 -2.54
N GLY B 79 0.66 -6.50 -3.33
CA GLY B 79 1.92 -5.99 -2.80
C GLY B 79 2.83 -7.03 -2.21
N ALA B 80 2.48 -8.31 -2.28
CA ALA B 80 3.31 -9.35 -1.69
C ALA B 80 3.12 -10.64 -2.47
N HIS B 81 4.04 -11.58 -2.26
CA HIS B 81 3.99 -12.88 -2.89
C HIS B 81 2.80 -13.72 -2.45
N LYS B 82 2.26 -13.45 -1.27
CA LYS B 82 1.22 -14.30 -0.72
C LYS B 82 0.10 -14.62 -1.70
N ILE B 83 -0.31 -13.67 -2.51
CA ILE B 83 -1.43 -13.89 -3.43
C ILE B 83 -1.19 -15.02 -4.42
N ASN B 84 0.08 -15.35 -4.73
CA ASN B 84 0.31 -16.48 -5.65
C ASN B 84 -0.30 -17.75 -5.08
N ASN B 85 -0.16 -17.92 -3.77
CA ASN B 85 -0.59 -19.14 -3.10
C ASN B 85 -2.08 -19.08 -2.83
N ALA B 86 -2.58 -17.94 -2.33
CA ALA B 86 -4.01 -17.84 -2.10
C ALA B 86 -4.78 -18.09 -3.39
N LEU B 87 -4.26 -17.59 -4.49
CA LEU B 87 -4.91 -17.74 -5.79
C LEU B 87 -4.99 -19.21 -6.20
N GLY B 88 -3.87 -19.91 -6.16
CA GLY B 88 -3.89 -21.32 -6.50
C GLY B 88 -4.81 -22.12 -5.60
N GLN B 89 -4.78 -21.85 -4.29
CA GLN B 89 -5.59 -22.65 -3.38
C GLN B 89 -7.07 -22.34 -3.56
N ALA B 90 -7.42 -21.08 -3.81
CA ALA B 90 -8.82 -20.74 -4.04
C ALA B 90 -9.34 -21.37 -5.33
N LEU B 91 -8.50 -21.43 -6.37
CA LEU B 91 -8.92 -22.09 -7.61
C LEU B 91 -9.17 -23.57 -7.37
N LEU B 92 -8.36 -24.20 -6.51
CA LEU B 92 -8.58 -25.60 -6.16
C LEU B 92 -9.86 -25.78 -5.33
N ALA B 93 -10.09 -24.89 -4.38
CA ALA B 93 -11.34 -24.92 -3.62
C ALA B 93 -12.57 -24.94 -4.55
N LYS B 94 -12.60 -24.04 -5.54
CA LYS B 94 -13.74 -24.01 -6.45
C LYS B 94 -13.85 -25.32 -7.20
N ARG B 95 -12.71 -25.86 -7.63
CA ARG B 95 -12.68 -27.15 -8.32
C ARG B 95 -13.18 -28.28 -7.42
N MET B 96 -13.06 -28.13 -6.10
CA MET B 96 -13.58 -29.12 -5.17
C MET B 96 -15.00 -28.80 -4.72
N GLY B 97 -15.62 -27.75 -5.24
CA GLY B 97 -16.99 -27.43 -4.90
C GLY B 97 -17.15 -26.81 -3.53
N LYS B 98 -16.13 -26.11 -3.04
CA LYS B 98 -16.19 -25.47 -1.74
C LYS B 98 -16.67 -24.04 -1.96
N LYS B 99 -17.79 -23.67 -1.34
CA LYS B 99 -18.29 -22.32 -1.44
C LYS B 99 -17.60 -21.35 -0.49
N ARG B 100 -16.83 -21.84 0.47
CA ARG B 100 -16.33 -21.01 1.56
C ARG B 100 -14.86 -21.29 1.75
N VAL B 101 -14.04 -20.25 1.85
CA VAL B 101 -12.63 -20.41 2.17
C VAL B 101 -12.35 -19.67 3.45
N ILE B 102 -11.50 -20.27 4.29
CA ILE B 102 -11.02 -19.63 5.50
C ILE B 102 -9.50 -19.49 5.41
N ALA B 103 -8.97 -18.54 6.18
CA ALA B 103 -7.53 -18.33 6.24
C ALA B 103 -7.16 -17.77 7.63
N GLU B 104 -5.93 -18.03 8.04
CA GLU B 104 -5.30 -17.39 9.18
C GLU B 104 -4.49 -16.20 8.68
N THR B 105 -4.26 -15.27 9.56
CA THR B 105 -3.32 -14.23 9.18
C THR B 105 -2.73 -13.66 10.44
N GLY B 106 -1.47 -13.24 10.33
CA GLY B 106 -0.81 -12.67 11.49
C GLY B 106 -0.75 -11.17 11.34
N ALA B 107 0.11 -10.73 10.43
CA ALA B 107 0.19 -9.31 10.11
C ALA B 107 -0.94 -8.86 9.20
N GLY B 108 -1.74 -9.79 8.66
CA GLY B 108 -2.84 -9.47 7.79
C GLY B 108 -2.56 -9.61 6.29
N GLN B 109 -1.33 -9.90 5.90
CA GLN B 109 -1.02 -9.98 4.47
C GLN B 109 -1.68 -11.20 3.83
N HIS B 110 -1.57 -12.38 4.45
CA HIS B 110 -2.28 -13.53 3.90
C HIS B 110 -3.78 -13.32 3.95
N GLY B 111 -4.28 -12.75 5.04
CA GLY B 111 -5.72 -12.50 5.10
C GLY B 111 -6.20 -11.58 4.00
N VAL B 112 -5.40 -10.55 3.66
CA VAL B 112 -5.77 -9.67 2.55
C VAL B 112 -5.71 -10.43 1.24
N ALA B 113 -4.64 -11.20 1.02
CA ALA B 113 -4.51 -12.00 -0.19
C ALA B 113 -5.69 -12.95 -0.35
N THR B 114 -6.09 -13.60 0.74
CA THR B 114 -7.17 -14.57 0.64
C THR B 114 -8.49 -13.87 0.38
N ALA B 115 -8.75 -12.79 1.11
CA ALA B 115 -9.98 -12.04 0.85
C ALA B 115 -10.00 -11.53 -0.58
N THR B 116 -8.83 -11.18 -1.11
CA THR B 116 -8.75 -10.59 -2.44
C THR B 116 -9.16 -11.60 -3.51
N VAL B 117 -8.59 -12.82 -3.46
CA VAL B 117 -8.96 -13.81 -4.46
C VAL B 117 -10.37 -14.34 -4.21
N ALA B 118 -10.80 -14.38 -2.94
CA ALA B 118 -12.16 -14.80 -2.65
C ALA B 118 -13.18 -13.84 -3.27
N ALA B 119 -12.92 -12.53 -3.18
CA ALA B 119 -13.81 -11.57 -3.80
C ALA B 119 -13.86 -11.79 -5.31
N MET B 120 -12.69 -11.94 -5.95
CA MET B 120 -12.63 -12.11 -7.39
C MET B 120 -13.34 -13.40 -7.84
N PHE B 121 -13.20 -14.48 -7.07
CA PHE B 121 -13.81 -15.75 -7.41
C PHE B 121 -15.26 -15.87 -6.91
N GLY B 122 -15.73 -14.94 -6.09
CA GLY B 122 -17.08 -15.01 -5.57
C GLY B 122 -17.26 -15.98 -4.41
N LEU B 123 -16.21 -16.28 -3.67
CA LEU B 123 -16.30 -17.23 -2.58
C LEU B 123 -16.58 -16.50 -1.28
N GLU B 124 -17.25 -17.18 -0.38
CA GLU B 124 -17.36 -16.68 0.98
C GLU B 124 -16.00 -16.81 1.65
N CYS B 125 -15.60 -15.80 2.41
CA CYS B 125 -14.27 -15.77 2.99
C CYS B 125 -14.35 -15.34 4.46
N VAL B 126 -13.70 -16.12 5.33
CA VAL B 126 -13.56 -15.81 6.75
C VAL B 126 -12.08 -15.88 7.11
N VAL B 127 -11.56 -14.84 7.73
CA VAL B 127 -10.17 -14.78 8.13
C VAL B 127 -10.09 -14.77 9.65
N TYR B 128 -9.31 -15.69 10.19
CA TYR B 128 -9.05 -15.76 11.62
C TYR B 128 -7.81 -14.94 11.95
N MET B 129 -7.91 -14.14 13.00
CA MET B 129 -6.80 -13.27 13.31
C MET B 129 -6.75 -13.11 14.81
N GLY B 130 -5.60 -13.39 15.42
CA GLY B 130 -5.46 -13.19 16.84
C GLY B 130 -5.73 -11.75 17.22
N ALA B 131 -6.33 -11.57 18.40
CA ALA B 131 -6.77 -10.25 18.78
C ALA B 131 -5.60 -9.28 19.00
N GLU B 132 -4.43 -9.79 19.42
CA GLU B 132 -3.28 -8.88 19.52
C GLU B 132 -2.89 -8.37 18.14
N ASP B 133 -3.02 -9.20 17.13
CA ASP B 133 -2.68 -8.76 15.77
C ASP B 133 -3.74 -7.81 15.20
N ILE B 134 -5.02 -8.12 15.40
CA ILE B 134 -6.07 -7.16 15.06
C ILE B 134 -5.73 -5.79 15.63
N GLU B 135 -5.38 -5.74 16.92
CA GLU B 135 -5.16 -4.46 17.58
C GLU B 135 -4.05 -3.65 16.92
N ARG B 136 -3.11 -4.32 16.24
CA ARG B 136 -1.96 -3.67 15.63
C ARG B 136 -2.09 -3.48 14.12
N GLN B 137 -3.13 -4.04 13.50
CA GLN B 137 -3.27 -4.02 12.05
C GLN B 137 -4.65 -3.52 11.66
N ALA B 138 -5.06 -2.40 12.25
CA ALA B 138 -6.36 -1.82 11.93
C ALA B 138 -6.54 -1.63 10.42
N LEU B 139 -5.51 -1.14 9.74
CA LEU B 139 -5.66 -0.88 8.32
C LEU B 139 -5.86 -2.16 7.53
N ASN B 140 -5.08 -3.21 7.83
CA ASN B 140 -5.26 -4.47 7.12
C ASN B 140 -6.59 -5.11 7.46
N VAL B 141 -7.09 -4.92 8.69
CA VAL B 141 -8.40 -5.42 9.04
C VAL B 141 -9.48 -4.71 8.23
N PHE B 142 -9.31 -3.41 8.01
CA PHE B 142 -10.28 -2.67 7.22
C PHE B 142 -10.21 -3.07 5.75
N ARG B 143 -9.01 -3.36 5.22
CA ARG B 143 -8.94 -3.87 3.86
C ARG B 143 -9.72 -5.16 3.71
N MET B 144 -9.54 -6.10 4.67
CA MET B 144 -10.22 -7.39 4.56
C MET B 144 -11.73 -7.20 4.54
N LYS B 145 -12.24 -6.29 5.37
CA LYS B 145 -13.67 -6.05 5.39
C LYS B 145 -14.14 -5.39 4.11
N LEU B 146 -13.38 -4.40 3.59
CA LEU B 146 -13.70 -3.83 2.29
C LEU B 146 -13.81 -4.90 1.22
N LEU B 147 -12.91 -5.88 1.25
CA LEU B 147 -12.93 -6.95 0.25
C LEU B 147 -14.05 -7.96 0.50
N GLY B 148 -14.86 -7.77 1.55
CA GLY B 148 -16.03 -8.60 1.79
C GLY B 148 -15.79 -9.80 2.68
N ALA B 149 -14.62 -9.94 3.27
CA ALA B 149 -14.41 -11.05 4.17
C ALA B 149 -14.94 -10.72 5.55
N LYS B 150 -15.22 -11.76 6.32
CA LYS B 150 -15.46 -11.63 7.76
C LYS B 150 -14.16 -11.90 8.48
N VAL B 151 -13.87 -11.08 9.48
CA VAL B 151 -12.69 -11.23 10.31
C VAL B 151 -13.18 -11.79 11.64
N ARG B 152 -12.69 -12.97 12.01
CA ARG B 152 -13.08 -13.54 13.29
C ARG B 152 -11.91 -13.37 14.25
N PRO B 153 -12.01 -12.53 15.27
CA PRO B 153 -10.88 -12.34 16.19
C PRO B 153 -10.67 -13.57 17.07
N VAL B 154 -9.41 -13.90 17.31
CA VAL B 154 -9.12 -15.07 18.14
C VAL B 154 -8.59 -14.56 19.46
N THR B 155 -9.39 -14.71 20.50
CA THR B 155 -9.05 -14.23 21.83
C THR B 155 -8.54 -15.34 22.73
N SER B 156 -8.53 -16.57 22.23
CA SER B 156 -8.07 -17.73 22.96
C SER B 156 -6.55 -17.85 22.88
N GLY B 157 -6.00 -18.67 23.77
CA GLY B 157 -4.57 -18.88 23.79
C GLY B 157 -3.80 -17.58 23.89
N SER B 158 -2.75 -17.47 23.08
CA SER B 158 -1.90 -16.28 23.11
C SER B 158 -2.40 -15.18 22.18
N ARG B 159 -3.56 -15.35 21.56
CA ARG B 159 -4.21 -14.26 20.83
C ARG B 159 -3.38 -13.76 19.65
N THR B 160 -2.64 -14.66 19.01
CA THR B 160 -1.80 -14.27 17.88
C THR B 160 -1.84 -15.36 16.82
N LEU B 161 -0.81 -15.41 15.97
CA LEU B 161 -0.92 -16.17 14.73
C LEU B 161 -1.12 -17.65 15.00
N LYS B 162 -0.36 -18.23 15.94
CA LYS B 162 -0.48 -19.67 16.13
C LYS B 162 -1.88 -20.02 16.60
N ASP B 163 -2.49 -19.17 17.41
CA ASP B 163 -3.84 -19.42 17.88
C ASP B 163 -4.88 -19.23 16.77
N ALA B 164 -4.59 -18.35 15.80
CA ALA B 164 -5.50 -18.19 14.69
C ALA B 164 -5.50 -19.43 13.80
N ILE B 165 -4.32 -20.03 13.62
CA ILE B 165 -4.22 -21.26 12.84
C ILE B 165 -4.96 -22.40 13.54
N ASN B 166 -4.85 -22.48 14.87
CA ASN B 166 -5.60 -23.49 15.60
C ASN B 166 -7.10 -23.35 15.36
N GLU B 167 -7.62 -22.12 15.50
CA GLU B 167 -9.05 -21.89 15.32
C GLU B 167 -9.49 -22.19 13.90
N ALA B 168 -8.67 -21.80 12.91
CA ALA B 168 -8.99 -22.10 11.53
C ALA B 168 -9.04 -23.60 11.30
N MET B 169 -8.09 -24.34 11.86
CA MET B 169 -8.16 -25.80 11.79
C MET B 169 -9.45 -26.34 12.39
N ARG B 170 -9.85 -25.82 13.55
CA ARG B 170 -11.10 -26.24 14.19
C ARG B 170 -12.29 -25.95 13.30
N ASP B 171 -12.30 -24.77 12.67
CA ASP B 171 -13.35 -24.42 11.72
C ASP B 171 -13.35 -25.40 10.55
N TRP B 172 -12.16 -25.68 10.01
CA TRP B 172 -12.08 -26.58 8.87
C TRP B 172 -12.62 -27.95 9.22
N VAL B 173 -12.19 -28.53 10.34
CA VAL B 173 -12.61 -29.90 10.63
C VAL B 173 -14.13 -29.96 10.79
N THR B 174 -14.72 -28.87 11.29
CA THR B 174 -16.16 -28.82 11.54
C THR B 174 -16.96 -28.59 10.27
N ASN B 175 -16.40 -27.90 9.29
CA ASN B 175 -17.14 -27.42 8.14
C ASN B 175 -16.59 -27.95 6.83
N VAL B 176 -15.87 -29.07 6.86
CA VAL B 176 -15.11 -29.48 5.67
C VAL B 176 -16.03 -29.74 4.48
N GLU B 177 -17.31 -30.03 4.72
CA GLU B 177 -18.22 -30.28 3.60
C GLU B 177 -18.20 -29.13 2.59
N ASP B 178 -18.14 -27.88 3.06
CA ASP B 178 -18.29 -26.71 2.22
C ASP B 178 -17.12 -25.75 2.30
N THR B 179 -16.14 -26.02 3.15
CA THR B 179 -15.06 -25.08 3.43
C THR B 179 -13.71 -25.63 3.00
N PHE B 180 -12.89 -24.75 2.45
CA PHE B 180 -11.49 -25.01 2.13
C PHE B 180 -10.60 -24.12 2.98
N TYR B 181 -9.57 -24.69 3.60
CA TYR B 181 -8.68 -23.93 4.47
C TYR B 181 -7.44 -23.54 3.67
N ILE B 182 -7.34 -22.26 3.34
CA ILE B 182 -6.20 -21.73 2.58
C ILE B 182 -5.09 -21.37 3.57
N ILE B 183 -4.13 -22.24 3.70
CA ILE B 183 -3.03 -22.00 4.64
C ILE B 183 -2.08 -20.99 4.03
N GLY B 184 -1.48 -20.16 4.86
CA GLY B 184 -0.72 -19.05 4.32
C GLY B 184 0.77 -19.27 4.07
N SER B 185 1.33 -20.44 4.39
CA SER B 185 2.77 -20.62 4.24
C SER B 185 3.01 -22.12 4.01
N VAL B 186 4.30 -22.48 3.92
CA VAL B 186 4.70 -23.84 3.57
C VAL B 186 4.76 -24.68 4.84
N VAL B 187 3.66 -24.69 5.59
CA VAL B 187 3.58 -25.24 6.93
C VAL B 187 2.34 -26.11 7.01
N GLY B 188 2.14 -26.73 8.17
CA GLY B 188 0.99 -27.58 8.37
C GLY B 188 1.20 -28.99 7.86
N PRO B 189 0.13 -29.78 7.87
CA PRO B 189 0.23 -31.17 7.44
C PRO B 189 0.33 -31.25 5.91
N HIS B 190 0.99 -32.29 5.44
CA HIS B 190 0.91 -32.67 4.03
C HIS B 190 -0.57 -32.69 3.65
N PRO B 191 -0.92 -32.11 2.48
CA PRO B 191 -0.01 -31.72 1.39
C PRO B 191 0.26 -30.21 1.31
N TYR B 192 0.01 -29.50 2.39
CA TYR B 192 0.14 -28.05 2.36
C TYR B 192 1.57 -27.55 2.16
N PRO B 193 2.59 -28.07 2.85
CA PRO B 193 3.97 -27.64 2.51
C PRO B 193 4.26 -27.84 1.03
N MET B 194 3.97 -29.03 0.52
CA MET B 194 4.22 -29.28 -0.90
C MET B 194 3.42 -28.32 -1.77
N MET B 195 2.13 -28.18 -1.49
CA MET B 195 1.22 -27.44 -2.36
C MET B 195 1.53 -25.95 -2.38
N VAL B 196 1.78 -25.36 -1.21
CA VAL B 196 2.14 -23.94 -1.15
C VAL B 196 3.47 -23.70 -1.85
N ARG B 197 4.46 -24.57 -1.62
CA ARG B 197 5.72 -24.46 -2.33
C ARG B 197 5.53 -24.51 -3.85
N ASP B 198 4.64 -25.39 -4.34
CA ASP B 198 4.42 -25.45 -5.79
C ASP B 198 3.78 -24.17 -6.31
N PHE B 199 2.80 -23.61 -5.59
CA PHE B 199 2.13 -22.41 -6.09
C PHE B 199 3.05 -21.19 -6.05
N GLN B 200 4.14 -21.27 -5.29
CA GLN B 200 5.10 -20.17 -5.17
C GLN B 200 6.35 -20.40 -6.02
N SER B 201 6.51 -21.61 -6.60
CA SER B 201 7.67 -21.89 -7.44
C SER B 201 7.67 -21.03 -8.68
N VAL B 202 6.52 -20.48 -9.07
CA VAL B 202 6.49 -19.49 -10.15
C VAL B 202 7.53 -18.40 -9.92
N ILE B 203 7.77 -18.02 -8.67
CA ILE B 203 8.78 -16.99 -8.38
C ILE B 203 10.15 -17.45 -8.88
N GLY B 204 10.61 -18.62 -8.42
CA GLY B 204 11.95 -19.04 -8.82
C GLY B 204 12.03 -19.43 -10.28
N GLU B 205 10.93 -19.96 -10.83
CA GLU B 205 10.94 -20.33 -12.25
C GLU B 205 11.16 -19.11 -13.14
N GLU B 206 10.44 -18.01 -12.86
CA GLU B 206 10.70 -16.76 -13.54
C GLU B 206 12.12 -16.29 -13.27
N ALA B 207 12.50 -16.24 -11.99
CA ALA B 207 13.80 -15.71 -11.62
C ALA B 207 14.93 -16.45 -12.33
N ARG B 208 14.82 -17.78 -12.42
CA ARG B 208 15.88 -18.55 -13.05
C ARG B 208 16.03 -18.16 -14.52
N GLN B 209 14.90 -18.07 -15.24
CA GLN B 209 14.95 -17.70 -16.64
C GLN B 209 15.42 -16.25 -16.81
N GLN B 210 14.99 -15.37 -15.91
CA GLN B 210 15.33 -13.95 -16.06
C GLN B 210 16.82 -13.71 -15.83
N ILE B 211 17.41 -14.34 -14.82
CA ILE B 211 18.84 -14.12 -14.60
C ILE B 211 19.66 -14.71 -15.75
N LEU B 212 19.28 -15.87 -16.26
CA LEU B 212 20.04 -16.41 -17.40
C LEU B 212 19.98 -15.44 -18.57
N GLU B 213 18.81 -14.87 -18.83
CA GLU B 213 18.68 -13.91 -19.93
C GLU B 213 19.44 -12.62 -19.64
N LYS B 214 19.35 -12.10 -18.41
CA LYS B 214 20.01 -10.84 -18.10
C LYS B 214 21.52 -10.99 -18.00
N GLU B 215 22.00 -12.06 -17.36
CA GLU B 215 23.42 -12.20 -17.06
C GLU B 215 24.08 -13.42 -17.69
N GLY B 216 23.31 -14.39 -18.15
CA GLY B 216 23.94 -15.56 -18.74
C GLY B 216 24.61 -16.50 -17.77
N ARG B 217 24.39 -16.31 -16.47
CA ARG B 217 24.87 -17.22 -15.45
C ARG B 217 23.76 -17.37 -14.41
N LEU B 218 23.89 -18.39 -13.57
CA LEU B 218 23.01 -18.51 -12.41
C LEU B 218 23.55 -17.68 -11.25
N PRO B 219 22.72 -17.34 -10.28
CA PRO B 219 23.21 -16.51 -9.17
C PRO B 219 24.32 -17.22 -8.41
N ASP B 220 25.22 -16.43 -7.82
CA ASP B 220 26.13 -16.97 -6.82
C ASP B 220 25.42 -17.25 -5.52
N ALA B 221 24.43 -16.44 -5.17
CA ALA B 221 23.65 -16.65 -3.97
C ALA B 221 22.25 -16.11 -4.21
N ILE B 222 21.26 -16.76 -3.59
CA ILE B 222 19.90 -16.27 -3.54
C ILE B 222 19.54 -16.07 -2.08
N VAL B 223 19.05 -14.89 -1.75
CA VAL B 223 18.82 -14.46 -0.37
C VAL B 223 17.33 -14.15 -0.20
N ALA B 224 16.69 -14.80 0.77
CA ALA B 224 15.28 -14.60 0.97
C ALA B 224 14.98 -14.65 2.48
N CYS B 225 14.06 -13.79 2.92
CA CYS B 225 13.70 -13.83 4.33
C CYS B 225 12.82 -15.05 4.58
N VAL B 226 12.81 -15.51 5.83
CA VAL B 226 12.15 -16.77 6.18
C VAL B 226 11.35 -16.58 7.46
N GLY B 227 10.03 -16.61 7.34
CA GLY B 227 9.13 -16.66 8.47
C GLY B 227 8.57 -18.06 8.54
N GLY B 228 7.40 -18.28 7.95
CA GLY B 228 6.98 -19.65 7.69
C GLY B 228 7.79 -20.30 6.58
N GLY B 229 8.26 -19.50 5.62
CA GLY B 229 9.19 -19.97 4.62
C GLY B 229 8.69 -19.99 3.19
N SER B 230 7.54 -19.36 2.90
CA SER B 230 6.95 -19.65 1.59
C SER B 230 7.60 -18.85 0.47
N ASN B 231 7.89 -17.55 0.66
CA ASN B 231 8.59 -16.85 -0.42
C ASN B 231 9.97 -17.47 -0.65
N ALA B 232 10.66 -17.87 0.42
CA ALA B 232 11.97 -18.50 0.28
C ALA B 232 11.90 -19.79 -0.51
N MET B 233 10.97 -20.68 -0.14
CA MET B 233 10.83 -21.94 -0.88
C MET B 233 10.44 -21.67 -2.33
N GLY B 234 9.65 -20.63 -2.58
CA GLY B 234 9.22 -20.33 -3.94
C GLY B 234 10.37 -19.94 -4.84
N ILE B 235 11.30 -19.14 -4.33
CA ILE B 235 12.48 -18.80 -5.13
C ILE B 235 13.58 -19.86 -5.01
N PHE B 236 13.69 -20.58 -3.88
CA PHE B 236 14.73 -21.61 -3.74
C PHE B 236 14.46 -22.83 -4.61
N HIS B 237 13.22 -23.31 -4.65
CA HIS B 237 12.98 -24.65 -5.19
C HIS B 237 13.49 -24.83 -6.60
N PRO B 238 13.24 -23.91 -7.53
CA PRO B 238 13.72 -24.12 -8.92
C PRO B 238 15.23 -24.05 -9.06
N PHE B 239 15.97 -23.69 -8.01
CA PHE B 239 17.43 -23.70 -8.01
C PHE B 239 18.02 -24.83 -7.19
N ILE B 240 17.19 -25.71 -6.62
CA ILE B 240 17.69 -26.72 -5.70
C ILE B 240 18.78 -27.55 -6.36
N ASP B 241 18.58 -27.90 -7.64
CA ASP B 241 19.51 -28.78 -8.34
C ASP B 241 20.72 -28.04 -8.90
N ASP B 242 20.68 -26.72 -8.99
CA ASP B 242 21.84 -25.93 -9.42
C ASP B 242 22.82 -25.87 -8.25
N GLU B 243 23.72 -26.86 -8.20
CA GLU B 243 24.53 -27.08 -7.00
C GLU B 243 25.40 -25.87 -6.67
N SER B 244 25.83 -25.13 -7.68
CA SER B 244 26.68 -23.96 -7.48
C SER B 244 25.94 -22.75 -6.91
N VAL B 245 24.63 -22.82 -6.73
CA VAL B 245 23.85 -21.66 -6.31
C VAL B 245 23.61 -21.77 -4.80
N ARG B 246 24.14 -20.82 -4.05
CA ARG B 246 23.90 -20.79 -2.61
C ARG B 246 22.49 -20.30 -2.31
N LEU B 247 21.81 -20.98 -1.40
CA LEU B 247 20.46 -20.62 -0.96
C LEU B 247 20.53 -20.19 0.50
N ILE B 248 20.28 -18.90 0.75
CA ILE B 248 20.46 -18.32 2.08
C ILE B 248 19.13 -17.77 2.57
N GLY B 249 18.58 -18.38 3.61
CA GLY B 249 17.36 -17.89 4.25
C GLY B 249 17.70 -17.02 5.45
N VAL B 250 17.00 -15.89 5.55
CA VAL B 250 17.30 -14.91 6.59
C VAL B 250 16.11 -14.83 7.53
N GLU B 251 16.35 -15.16 8.79
CA GLU B 251 15.36 -15.07 9.84
C GLU B 251 15.53 -13.79 10.64
N ALA B 252 14.49 -13.47 11.43
CA ALA B 252 14.51 -12.29 12.28
C ALA B 252 15.17 -12.62 13.62
N ALA B 253 16.26 -11.92 13.93
CA ALA B 253 16.88 -12.03 15.24
C ALA B 253 16.29 -11.05 16.25
N GLY B 254 15.36 -10.20 15.83
CA GLY B 254 14.79 -9.21 16.75
C GLY B 254 15.86 -8.35 17.39
N LYS B 255 15.85 -8.28 18.72
CA LYS B 255 16.87 -7.51 19.44
C LYS B 255 18.22 -8.22 19.43
N GLY B 256 18.22 -9.51 19.12
CA GLY B 256 19.40 -10.34 19.16
C GLY B 256 19.00 -11.72 19.62
N ILE B 257 19.58 -12.77 19.02
CA ILE B 257 19.28 -14.12 19.49
C ILE B 257 19.53 -14.22 20.98
N GLU B 258 20.69 -13.71 21.43
CA GLU B 258 21.10 -13.88 22.82
C GLU B 258 20.12 -13.24 23.79
N THR B 259 19.23 -12.36 23.33
CA THR B 259 18.23 -11.78 24.21
C THR B 259 17.01 -12.66 24.38
N GLY B 260 16.86 -13.70 23.56
CA GLY B 260 15.66 -14.50 23.55
C GLY B 260 14.51 -13.92 22.76
N LYS B 261 14.52 -12.61 22.51
CA LYS B 261 13.45 -11.94 21.77
C LYS B 261 13.83 -11.94 20.30
N HIS B 262 13.50 -13.02 19.61
CA HIS B 262 13.80 -13.19 18.19
C HIS B 262 12.73 -14.05 17.56
N ALA B 263 12.86 -14.29 16.25
CA ALA B 263 11.98 -15.23 15.55
C ALA B 263 12.80 -16.20 14.71
N ALA B 264 13.96 -16.60 15.21
CA ALA B 264 14.94 -17.36 14.44
C ALA B 264 14.77 -18.87 14.68
N THR B 265 13.68 -19.39 14.12
CA THR B 265 13.28 -20.78 14.36
C THR B 265 14.37 -21.76 13.95
N LEU B 266 14.93 -21.57 12.75
CA LEU B 266 15.93 -22.51 12.23
C LEU B 266 17.24 -22.43 13.01
N SER B 267 17.67 -21.23 13.37
CA SER B 267 18.95 -21.07 14.04
C SER B 267 18.88 -21.32 15.54
N ALA B 268 17.70 -21.18 16.17
CA ALA B 268 17.63 -21.34 17.62
C ALA B 268 16.51 -22.25 18.10
N GLY B 269 15.65 -22.74 17.22
CA GLY B 269 14.61 -23.66 17.63
C GLY B 269 15.16 -25.06 17.75
N ARG B 270 14.25 -25.99 18.05
CA ARG B 270 14.60 -27.40 18.05
C ARG B 270 13.42 -28.18 17.49
N PRO B 271 13.64 -29.41 17.06
CA PRO B 271 12.60 -30.14 16.32
C PRO B 271 11.39 -30.43 17.21
N GLY B 272 10.22 -30.46 16.58
CA GLY B 272 8.99 -30.72 17.30
C GLY B 272 7.84 -30.73 16.32
N VAL B 273 6.65 -30.89 16.85
CA VAL B 273 5.44 -30.99 16.03
C VAL B 273 4.54 -29.81 16.30
N LEU B 274 4.15 -29.10 15.24
CA LEU B 274 3.24 -27.97 15.36
C LEU B 274 2.31 -27.90 14.16
N HIS B 275 1.00 -27.81 14.40
CA HIS B 275 0.04 -27.54 13.34
C HIS B 275 0.04 -28.61 12.26
N GLY B 276 0.49 -29.81 12.59
CA GLY B 276 0.43 -30.95 11.68
C GLY B 276 1.77 -31.35 11.09
N ALA B 277 2.83 -30.61 11.35
CA ALA B 277 4.11 -30.86 10.73
C ALA B 277 5.18 -31.09 11.78
N MET B 278 6.04 -32.08 11.54
CA MET B 278 7.30 -32.21 12.25
C MET B 278 8.31 -31.24 11.64
N THR B 279 8.86 -30.34 12.44
CA THR B 279 9.74 -29.31 11.89
C THR B 279 10.53 -28.70 13.04
N TYR B 280 11.21 -27.58 12.77
CA TYR B 280 11.84 -26.80 13.82
C TYR B 280 10.83 -25.83 14.43
N LEU B 281 10.93 -25.61 15.74
CA LEU B 281 9.97 -24.83 16.48
C LEU B 281 10.66 -24.00 17.54
N LEU B 282 10.16 -22.79 17.76
CA LEU B 282 10.48 -22.07 18.98
C LEU B 282 9.54 -22.60 20.06
N GLN B 283 10.10 -23.26 21.07
CA GLN B 283 9.33 -23.90 22.13
C GLN B 283 10.12 -23.84 23.41
N ASP B 284 9.43 -24.03 24.53
CA ASP B 284 10.12 -24.01 25.81
C ASP B 284 10.53 -25.45 26.17
N GLU B 285 11.15 -25.59 27.34
CA GLU B 285 11.64 -26.90 27.79
C GLU B 285 10.54 -27.90 28.05
N ASP B 286 9.29 -27.49 28.14
CA ASP B 286 8.20 -28.45 28.28
C ASP B 286 7.47 -28.68 26.97
N GLY B 287 8.04 -28.25 25.85
CA GLY B 287 7.41 -28.42 24.57
C GLY B 287 6.25 -27.48 24.30
N GLN B 288 6.08 -26.43 25.10
CA GLN B 288 5.06 -25.43 24.86
C GLN B 288 5.56 -24.43 23.83
N ILE B 289 4.66 -23.99 22.94
CA ILE B 289 5.05 -23.10 21.85
C ILE B 289 5.22 -21.67 22.39
N ILE B 290 6.30 -21.02 21.95
CA ILE B 290 6.70 -19.71 22.44
C ILE B 290 6.37 -18.67 21.38
N GLU B 291 6.18 -17.43 21.81
CA GLU B 291 5.94 -16.37 20.83
C GLU B 291 7.26 -15.92 20.21
N ALA B 292 7.23 -15.66 18.90
CA ALA B 292 8.38 -15.08 18.20
C ALA B 292 8.30 -13.56 18.25
N HIS B 293 9.46 -12.91 18.15
CA HIS B 293 9.55 -11.45 18.32
C HIS B 293 10.40 -10.84 17.21
N SER B 294 9.86 -9.82 16.55
CA SER B 294 10.53 -9.17 15.44
C SER B 294 9.93 -7.80 15.27
N ILE B 295 10.70 -6.87 14.71
CA ILE B 295 10.12 -5.58 14.36
C ILE B 295 9.10 -5.72 13.23
N SER B 296 9.18 -6.80 12.46
CA SER B 296 8.18 -7.08 11.41
C SER B 296 7.30 -8.24 11.85
N ALA B 297 5.99 -7.98 11.99
CA ALA B 297 5.05 -9.00 12.41
C ALA B 297 4.98 -10.18 11.44
N GLY B 298 5.33 -9.96 10.17
CA GLY B 298 5.20 -11.02 9.18
C GLY B 298 6.12 -12.21 9.40
N LEU B 299 7.18 -12.03 10.19
CA LEU B 299 8.13 -13.10 10.45
C LEU B 299 7.85 -13.83 11.77
N ASP B 300 6.62 -13.78 12.26
CA ASP B 300 6.31 -14.15 13.65
C ASP B 300 5.84 -15.58 13.83
N TYR B 301 5.82 -16.40 12.81
CA TYR B 301 5.40 -17.78 13.02
C TYR B 301 6.46 -18.53 13.82
N PRO B 302 6.10 -19.18 14.93
CA PRO B 302 7.13 -19.84 15.74
C PRO B 302 7.67 -21.12 15.13
N GLY B 303 6.99 -21.72 14.16
CA GLY B 303 7.54 -22.83 13.41
C GLY B 303 8.19 -22.35 12.12
N VAL B 304 8.39 -23.31 11.20
CA VAL B 304 8.93 -23.01 9.88
C VAL B 304 8.56 -24.21 9.02
N GLY B 305 8.53 -24.01 7.70
CA GLY B 305 8.19 -25.11 6.83
C GLY B 305 9.08 -26.31 7.06
N PRO B 306 8.52 -27.52 7.12
CA PRO B 306 9.39 -28.71 7.26
C PRO B 306 10.39 -28.86 6.12
N GLU B 307 10.11 -28.30 4.94
CA GLU B 307 11.08 -28.44 3.85
C GLU B 307 12.34 -27.61 4.13
N HIS B 308 12.21 -26.46 4.79
CA HIS B 308 13.43 -25.75 5.23
C HIS B 308 14.16 -26.52 6.32
N ALA B 309 13.42 -27.18 7.21
CA ALA B 309 14.06 -28.04 8.20
C ALA B 309 14.97 -29.04 7.52
N TYR B 310 14.47 -29.64 6.44
CA TYR B 310 15.25 -30.61 5.69
C TYR B 310 16.42 -29.96 4.97
N LEU B 311 16.21 -28.78 4.38
CA LEU B 311 17.32 -28.15 3.67
C LEU B 311 18.41 -27.70 4.62
N LYS B 312 18.04 -27.26 5.83
CA LYS B 312 19.05 -26.90 6.81
C LYS B 312 19.87 -28.12 7.21
N ASP B 313 19.20 -29.22 7.54
CA ASP B 313 19.92 -30.41 8.02
C ASP B 313 20.80 -31.03 6.95
N THR B 314 20.35 -31.03 5.69
CA THR B 314 21.22 -31.54 4.63
C THR B 314 22.30 -30.56 4.22
N GLY B 315 22.17 -29.29 4.57
CA GLY B 315 23.16 -28.30 4.17
C GLY B 315 22.99 -27.75 2.77
N ARG B 316 21.88 -28.06 2.08
CA ARG B 316 21.64 -27.46 0.78
C ARG B 316 21.40 -25.95 0.90
N ALA B 317 20.71 -25.53 1.96
CA ALA B 317 20.48 -24.12 2.21
C ALA B 317 21.15 -23.76 3.53
N GLU B 318 21.49 -22.48 3.67
CA GLU B 318 22.14 -21.95 4.85
C GLU B 318 21.23 -20.88 5.45
N TYR B 319 21.04 -20.92 6.77
CA TYR B 319 20.11 -20.03 7.42
C TYR B 319 20.84 -19.14 8.41
N VAL B 320 20.60 -17.83 8.30
CA VAL B 320 21.26 -16.80 9.07
C VAL B 320 20.19 -15.87 9.60
N SER B 321 20.59 -14.88 10.39
CA SER B 321 19.61 -13.98 10.95
C SER B 321 20.17 -12.56 10.96
N VAL B 322 19.27 -11.59 10.86
CA VAL B 322 19.65 -10.19 11.01
C VAL B 322 18.70 -9.58 12.03
N THR B 323 19.22 -8.61 12.78
CA THR B 323 18.49 -7.97 13.84
C THR B 323 17.47 -6.98 13.28
N ASP B 324 16.58 -6.51 14.16
CA ASP B 324 15.66 -5.43 13.80
C ASP B 324 16.43 -4.21 13.31
N ASP B 325 17.51 -3.84 14.01
CA ASP B 325 18.25 -2.64 13.63
C ASP B 325 18.80 -2.77 12.22
N GLU B 326 19.32 -3.93 11.87
CA GLU B 326 19.85 -4.15 10.53
C GLU B 326 18.74 -4.11 9.47
N ALA B 327 17.60 -4.73 9.76
CA ALA B 327 16.49 -4.65 8.83
C ALA B 327 16.08 -3.20 8.62
N LEU B 328 16.01 -2.42 9.69
CA LEU B 328 15.63 -1.01 9.56
C LEU B 328 16.59 -0.25 8.68
N GLU B 329 17.89 -0.52 8.80
CA GLU B 329 18.86 0.24 8.03
C GLU B 329 18.76 -0.12 6.56
N ALA B 330 18.57 -1.40 6.27
CA ALA B 330 18.33 -1.85 4.89
C ALA B 330 17.05 -1.23 4.33
N PHE B 331 15.97 -1.25 5.12
CA PHE B 331 14.73 -0.58 4.70
C PHE B 331 15.03 0.83 4.22
N GLN B 332 15.79 1.58 5.03
CA GLN B 332 16.09 2.95 4.68
C GLN B 332 17.05 3.04 3.49
N LEU B 333 18.08 2.20 3.46
CA LEU B 333 19.06 2.27 2.38
C LEU B 333 18.45 1.94 1.02
N LEU B 334 17.60 0.90 0.98
CA LEU B 334 17.01 0.52 -0.31
C LEU B 334 16.08 1.61 -0.81
N SER B 335 15.29 2.19 0.10
CA SER B 335 14.41 3.29 -0.27
C SER B 335 15.21 4.42 -0.93
N ARG B 336 16.26 4.90 -0.28
CA ARG B 336 16.93 6.08 -0.79
C ARG B 336 17.87 5.79 -1.96
N THR B 337 18.33 4.54 -2.12
CA THR B 337 19.26 4.25 -3.21
C THR B 337 18.60 3.65 -4.45
N GLU B 338 17.44 3.03 -4.31
CA GLU B 338 16.72 2.48 -5.46
C GLU B 338 15.30 2.97 -5.54
N GLY B 339 14.84 3.76 -4.56
CA GLY B 339 13.45 4.18 -4.56
C GLY B 339 12.47 3.04 -4.41
N ILE B 340 12.89 1.91 -3.87
CA ILE B 340 11.98 0.82 -3.56
C ILE B 340 11.82 0.76 -2.04
N ILE B 341 10.59 0.90 -1.57
CA ILE B 341 10.28 0.78 -0.15
C ILE B 341 9.92 -0.69 0.11
N PRO B 342 10.79 -1.47 0.74
CA PRO B 342 10.52 -2.89 0.91
C PRO B 342 9.77 -3.18 2.20
N ALA B 343 9.02 -4.27 2.20
CA ALA B 343 8.47 -4.78 3.45
C ALA B 343 9.59 -4.96 4.46
N LEU B 344 9.30 -4.68 5.73
CA LEU B 344 10.29 -4.95 6.77
C LEU B 344 10.66 -6.42 6.80
N GLU B 345 9.74 -7.31 6.41
CA GLU B 345 10.13 -8.71 6.26
C GLU B 345 11.26 -8.85 5.23
N SER B 346 11.04 -8.33 4.03
CA SER B 346 12.02 -8.47 2.96
C SER B 346 13.28 -7.70 3.27
N SER B 347 13.16 -6.62 4.07
CA SER B 347 14.34 -5.88 4.49
C SER B 347 15.38 -6.79 5.16
N HIS B 348 14.93 -7.86 5.81
CA HIS B 348 15.90 -8.76 6.42
C HIS B 348 16.80 -9.38 5.37
N ALA B 349 16.21 -9.83 4.26
CA ALA B 349 17.00 -10.34 3.14
C ALA B 349 17.92 -9.25 2.58
N VAL B 350 17.38 -8.06 2.31
CA VAL B 350 18.22 -6.98 1.82
C VAL B 350 19.39 -6.74 2.77
N ALA B 351 19.14 -6.84 4.07
CA ALA B 351 20.20 -6.56 5.04
C ALA B 351 21.33 -7.59 4.95
N TYR B 352 20.99 -8.86 4.78
CA TYR B 352 22.06 -9.84 4.68
C TYR B 352 22.79 -9.73 3.34
N ALA B 353 22.06 -9.40 2.28
CA ALA B 353 22.73 -9.19 1.00
C ALA B 353 23.72 -8.04 1.07
N MET B 354 23.43 -7.03 1.91
CA MET B 354 24.36 -5.93 2.10
C MET B 354 25.62 -6.37 2.81
N LYS B 355 25.51 -7.38 3.69
CA LYS B 355 26.69 -7.93 4.34
C LYS B 355 27.51 -8.77 3.37
N LEU B 356 26.83 -9.48 2.46
CA LEU B 356 27.50 -10.45 1.59
C LEU B 356 28.04 -9.83 0.32
N ALA B 357 27.32 -8.88 -0.27
CA ALA B 357 27.75 -8.28 -1.53
C ALA B 357 29.18 -7.76 -1.48
N PRO B 358 29.60 -7.00 -0.48
CA PRO B 358 30.98 -6.48 -0.49
C PRO B 358 32.02 -7.57 -0.42
N GLU B 359 31.65 -8.75 0.06
CA GLU B 359 32.57 -9.88 0.18
C GLU B 359 32.61 -10.75 -1.07
N LEU B 360 31.95 -10.34 -2.15
CA LEU B 360 32.03 -11.05 -3.41
C LEU B 360 32.66 -10.16 -4.48
N SER B 361 33.06 -10.78 -5.58
CA SER B 361 33.65 -10.02 -6.67
C SER B 361 32.56 -9.31 -7.47
N LYS B 362 32.98 -8.35 -8.28
CA LYS B 362 32.02 -7.59 -9.07
C LYS B 362 31.38 -8.42 -10.15
N ASP B 363 32.02 -9.53 -10.58
CA ASP B 363 31.44 -10.43 -11.57
C ASP B 363 30.38 -11.36 -10.99
N GLN B 364 30.26 -11.43 -9.67
CA GLN B 364 29.30 -12.34 -9.06
C GLN B 364 27.94 -11.67 -8.91
N ILE B 365 26.93 -12.50 -8.63
CA ILE B 365 25.53 -12.07 -8.66
C ILE B 365 24.82 -12.56 -7.41
N ILE B 366 24.14 -11.64 -6.73
CA ILE B 366 23.20 -11.99 -5.67
C ILE B 366 21.81 -11.63 -6.17
N VAL B 367 20.87 -12.55 -6.02
CA VAL B 367 19.45 -12.27 -6.20
C VAL B 367 18.80 -12.20 -4.84
N VAL B 368 18.11 -11.10 -4.55
CA VAL B 368 17.34 -10.93 -3.32
C VAL B 368 15.87 -11.05 -3.65
N ASN B 369 15.15 -11.91 -2.94
CA ASN B 369 13.71 -11.99 -3.13
C ASN B 369 13.05 -10.82 -2.40
N LEU B 370 12.49 -9.88 -3.15
CA LEU B 370 11.78 -8.75 -2.56
C LEU B 370 10.34 -9.15 -2.36
N SER B 371 10.06 -9.77 -1.21
CA SER B 371 8.81 -10.48 -1.02
C SER B 371 7.60 -9.56 -0.91
N GLY B 372 7.78 -8.27 -0.58
CA GLY B 372 6.63 -7.39 -0.51
C GLY B 372 7.05 -5.94 -0.45
N ARG B 373 6.09 -5.06 -0.67
CA ARG B 373 6.36 -3.63 -0.55
C ARG B 373 6.14 -3.21 0.90
N GLY B 374 6.76 -2.08 1.28
CA GLY B 374 6.83 -1.68 2.66
C GLY B 374 5.98 -0.47 2.99
N ASP B 375 5.05 -0.14 2.10
CA ASP B 375 4.10 0.93 2.40
C ASP B 375 3.40 0.67 3.72
N LYS B 376 3.07 -0.60 3.98
CA LYS B 376 2.39 -0.97 5.23
C LYS B 376 3.26 -0.69 6.45
N ASP B 377 4.59 -0.69 6.29
CA ASP B 377 5.50 -0.58 7.42
C ASP B 377 5.99 0.84 7.64
N VAL B 378 5.54 1.78 6.82
CA VAL B 378 6.05 3.14 6.91
C VAL B 378 5.69 3.75 8.28
N ASN B 379 4.50 3.48 8.81
CA ASN B 379 4.17 3.97 10.15
C ASN B 379 5.11 3.38 11.20
N THR B 380 5.28 2.07 11.18
CA THR B 380 6.18 1.40 12.12
C THR B 380 7.56 2.04 12.11
N VAL B 381 8.13 2.20 10.91
CA VAL B 381 9.49 2.75 10.80
C VAL B 381 9.54 4.17 11.34
N ALA B 382 8.51 4.98 11.06
CA ALA B 382 8.48 6.33 11.63
C ALA B 382 8.49 6.30 13.15
N ARG B 383 7.75 5.37 13.75
CA ARG B 383 7.70 5.24 15.21
C ARG B 383 9.10 4.93 15.76
N ASN C 2 1.43 59.53 -25.88
CA ASN C 2 1.31 58.82 -24.61
C ASN C 2 2.08 59.53 -23.49
N ARG C 3 1.50 59.55 -22.28
CA ARG C 3 2.20 60.10 -21.13
C ARG C 3 3.62 59.55 -21.03
N ILE C 4 3.78 58.23 -21.22
CA ILE C 4 5.11 57.62 -21.10
C ILE C 4 6.07 58.26 -22.10
N ALA C 5 5.64 58.38 -23.36
CA ALA C 5 6.48 58.99 -24.37
C ALA C 5 6.85 60.42 -24.00
N GLU C 6 5.87 61.19 -23.53
CA GLU C 6 6.14 62.58 -23.15
C GLU C 6 7.14 62.66 -22.01
N ALA C 7 7.13 61.68 -21.10
CA ALA C 7 7.96 61.75 -19.91
C ALA C 7 9.42 61.48 -20.21
N PHE C 8 9.71 60.47 -21.04
CA PHE C 8 11.09 60.18 -21.40
C PHE C 8 11.68 61.30 -22.25
N GLU C 9 10.85 62.01 -23.00
CA GLU C 9 11.30 63.13 -23.82
C GLU C 9 11.74 64.30 -22.96
N GLU C 10 10.96 64.63 -21.93
CA GLU C 10 11.32 65.74 -21.04
C GLU C 10 12.59 65.43 -20.26
N LEU C 11 12.76 64.18 -19.82
CA LEU C 11 13.98 63.78 -19.12
C LEU C 11 15.20 63.97 -20.01
N LYS C 12 15.13 63.49 -21.24
CA LYS C 12 16.29 63.57 -22.11
C LYS C 12 16.60 65.03 -22.48
N LYS C 13 15.60 65.90 -22.50
CA LYS C 13 15.89 67.32 -22.73
C LYS C 13 16.78 67.86 -21.63
N LYS C 14 16.56 67.40 -20.39
CA LYS C 14 17.38 67.80 -19.27
C LYS C 14 18.55 66.85 -19.03
N GLY C 15 18.73 65.85 -19.89
CA GLY C 15 19.77 64.85 -19.68
C GLY C 15 19.55 64.03 -18.43
N GLU C 16 18.30 63.72 -18.10
CA GLU C 16 17.97 63.05 -16.85
C GLU C 16 17.53 61.62 -17.11
N LYS C 17 17.60 60.81 -16.06
CA LYS C 17 17.19 59.42 -16.10
C LYS C 17 15.88 59.24 -15.34
N ALA C 18 15.13 58.21 -15.71
CA ALA C 18 13.81 57.96 -15.15
C ALA C 18 13.93 57.15 -13.86
N LEU C 19 13.18 57.58 -12.84
CA LEU C 19 13.01 56.84 -11.60
C LEU C 19 11.60 56.27 -11.62
N ILE C 20 11.49 54.94 -11.59
CA ILE C 20 10.20 54.31 -11.83
C ILE C 20 9.84 53.42 -10.65
N PRO C 21 9.27 53.98 -9.58
CA PRO C 21 8.90 53.13 -8.45
C PRO C 21 7.77 52.19 -8.82
N PHE C 22 7.81 51.00 -8.24
CA PHE C 22 6.71 50.06 -8.30
C PHE C 22 6.19 49.86 -6.88
N ILE C 23 4.88 49.88 -6.72
CA ILE C 23 4.24 49.44 -5.49
C ILE C 23 3.01 48.61 -5.87
N THR C 24 2.59 47.75 -4.95
CA THR C 24 1.41 46.93 -5.16
C THR C 24 0.18 47.72 -4.74
N ALA C 25 -0.79 47.84 -5.64
CA ALA C 25 -1.99 48.60 -5.32
C ALA C 25 -2.79 47.83 -4.28
N GLY C 26 -3.27 48.53 -3.26
CA GLY C 26 -4.05 47.92 -2.21
C GLY C 26 -3.25 47.42 -1.03
N ASP C 27 -1.94 47.69 -0.99
CA ASP C 27 -1.11 47.26 0.13
C ASP C 27 -0.58 48.44 0.94
N PRO C 28 -1.02 48.58 2.22
CA PRO C 28 -1.94 47.74 3.00
C PRO C 28 -3.42 47.95 2.66
N ASP C 29 -3.75 49.06 1.99
CA ASP C 29 -5.11 49.29 1.51
C ASP C 29 -5.05 50.36 0.43
N LEU C 30 -6.15 50.52 -0.30
CA LEU C 30 -6.14 51.40 -1.46
C LEU C 30 -6.11 52.87 -1.08
N GLU C 31 -6.56 53.24 0.12
CA GLU C 31 -6.39 54.62 0.56
C GLU C 31 -4.92 54.92 0.81
N THR C 32 -4.13 53.94 1.26
CA THR C 32 -2.71 54.20 1.44
C THR C 32 -1.95 54.17 0.12
N THR C 33 -2.35 53.29 -0.80
CA THR C 33 -1.79 53.32 -2.16
C THR C 33 -1.84 54.73 -2.75
N LEU C 34 -3.01 55.36 -2.70
CA LEU C 34 -3.16 56.65 -3.38
C LEU C 34 -2.36 57.75 -2.68
N GLU C 35 -2.28 57.74 -1.34
CA GLU C 35 -1.38 58.67 -0.67
C GLU C 35 0.07 58.37 -1.04
N LEU C 36 0.38 57.09 -1.26
CA LEU C 36 1.72 56.70 -1.67
C LEU C 36 2.03 57.23 -3.06
N VAL C 37 1.11 57.04 -4.01
CA VAL C 37 1.36 57.53 -5.37
C VAL C 37 1.58 59.03 -5.36
N ARG C 38 0.84 59.76 -4.52
CA ARG C 38 1.05 61.20 -4.43
C ARG C 38 2.41 61.51 -3.81
N ALA C 39 2.86 60.71 -2.85
CA ALA C 39 4.15 60.99 -2.24
C ALA C 39 5.29 60.54 -3.16
N LEU C 40 5.09 59.51 -3.97
CA LEU C 40 6.09 59.17 -4.97
C LEU C 40 6.21 60.29 -5.98
N VAL C 41 5.08 60.85 -6.42
CA VAL C 41 5.08 62.04 -7.28
C VAL C 41 5.90 63.16 -6.65
N GLU C 42 5.61 63.47 -5.38
CA GLU C 42 6.29 64.56 -4.70
C GLU C 42 7.79 64.28 -4.58
N ALA C 43 8.18 63.04 -4.30
CA ALA C 43 9.60 62.75 -4.18
C ALA C 43 10.31 62.68 -5.52
N GLY C 44 9.61 62.83 -6.65
CA GLY C 44 10.25 62.95 -7.93
C GLY C 44 10.14 61.76 -8.87
N ALA C 45 9.16 60.86 -8.65
CA ALA C 45 8.99 59.74 -9.56
C ALA C 45 8.57 60.21 -10.95
N ASP C 46 9.15 59.60 -11.98
CA ASP C 46 8.82 59.96 -13.36
C ASP C 46 7.73 59.09 -13.96
N ILE C 47 7.64 57.83 -13.53
CA ILE C 47 6.61 56.89 -13.96
C ILE C 47 6.27 56.01 -12.77
N ILE C 48 4.99 55.83 -12.48
CA ILE C 48 4.54 54.99 -11.37
C ILE C 48 3.98 53.70 -11.93
N GLU C 49 4.57 52.57 -11.51
CA GLU C 49 4.01 51.25 -11.81
C GLU C 49 3.15 50.80 -10.63
N LEU C 50 1.91 50.39 -10.91
CA LEU C 50 1.00 49.88 -9.91
C LEU C 50 0.80 48.38 -10.14
N GLY C 51 1.21 47.57 -9.17
CA GLY C 51 0.97 46.14 -9.25
C GLY C 51 -0.48 45.81 -8.99
N ILE C 52 -1.13 45.15 -9.95
CA ILE C 52 -2.47 44.63 -9.75
C ILE C 52 -2.34 43.26 -9.08
N PRO C 53 -2.78 43.10 -7.84
CA PRO C 53 -2.50 41.84 -7.11
C PRO C 53 -3.21 40.65 -7.74
N PHE C 54 -2.45 39.55 -7.87
CA PHE C 54 -2.93 38.31 -8.49
C PHE C 54 -2.64 37.15 -7.54
N SER C 55 -3.56 36.20 -7.46
CA SER C 55 -3.35 35.14 -6.48
C SER C 55 -2.15 34.24 -6.84
N ASP C 56 -1.63 34.30 -8.07
CA ASP C 56 -0.53 33.43 -8.52
C ASP C 56 0.57 34.22 -9.23
N PRO C 57 1.29 35.09 -8.51
CA PRO C 57 2.35 35.88 -9.14
C PRO C 57 3.57 35.04 -9.49
N LEU C 58 3.50 34.38 -10.65
CA LEU C 58 4.53 33.43 -11.07
C LEU C 58 5.92 34.05 -11.19
N ALA C 59 6.01 35.37 -11.36
CA ALA C 59 7.29 36.03 -11.64
C ALA C 59 7.79 36.86 -10.47
N ASP C 60 7.14 36.78 -9.31
CA ASP C 60 7.46 37.65 -8.19
C ASP C 60 8.08 36.87 -7.05
N GLY C 61 9.09 37.49 -6.41
CA GLY C 61 9.75 36.92 -5.27
C GLY C 61 8.94 37.11 -4.01
N PRO C 62 9.51 36.65 -2.88
CA PRO C 62 8.80 36.71 -1.59
C PRO C 62 8.12 38.05 -1.33
N THR C 63 8.89 39.13 -1.41
CA THR C 63 8.42 40.45 -1.01
C THR C 63 7.11 40.81 -1.71
N ILE C 64 7.11 40.80 -3.04
CA ILE C 64 5.95 41.24 -3.79
C ILE C 64 4.82 40.21 -3.77
N GLN C 65 5.15 38.94 -3.56
CA GLN C 65 4.11 37.93 -3.36
C GLN C 65 3.34 38.19 -2.06
N ARG C 66 4.06 38.50 -0.97
CA ARG C 66 3.40 38.86 0.26
C ARG C 66 2.59 40.14 0.12
N ALA C 67 3.07 41.08 -0.68
CA ALA C 67 2.32 42.33 -0.85
C ALA C 67 1.01 42.06 -1.59
N SER C 68 1.06 41.27 -2.67
CA SER C 68 -0.15 40.90 -3.39
C SER C 68 -1.12 40.19 -2.46
N GLN C 69 -0.61 39.31 -1.61
CA GLN C 69 -1.49 38.60 -0.70
C GLN C 69 -2.17 39.55 0.27
N ARG C 70 -1.42 40.47 0.85
CA ARG C 70 -2.07 41.47 1.70
C ARG C 70 -3.08 42.28 0.91
N ALA C 71 -2.75 42.65 -0.33
CA ALA C 71 -3.64 43.49 -1.13
C ALA C 71 -4.94 42.77 -1.45
N LEU C 72 -4.87 41.46 -1.71
CA LEU C 72 -6.10 40.74 -1.98
C LEU C 72 -6.93 40.59 -0.71
N ALA C 73 -6.28 40.52 0.46
CA ALA C 73 -7.03 40.42 1.70
C ALA C 73 -7.80 41.70 1.99
N SER C 74 -7.31 42.84 1.49
CA SER C 74 -8.02 44.10 1.68
C SER C 74 -9.12 44.31 0.67
N GLY C 75 -9.34 43.34 -0.23
CA GLY C 75 -10.40 43.42 -1.21
C GLY C 75 -10.02 44.02 -2.53
N THR C 76 -8.72 44.27 -2.76
CA THR C 76 -8.28 44.93 -3.98
C THR C 76 -8.72 44.14 -5.21
N THR C 77 -9.37 44.83 -6.13
CA THR C 77 -9.79 44.31 -7.41
C THR C 77 -9.40 45.29 -8.50
N LEU C 78 -9.49 44.85 -9.75
CA LEU C 78 -9.19 45.72 -10.88
C LEU C 78 -10.03 46.99 -10.85
N ASP C 79 -11.35 46.84 -10.77
CA ASP C 79 -12.22 48.01 -10.82
C ASP C 79 -11.91 48.97 -9.69
N LYS C 80 -11.55 48.45 -8.51
CA LYS C 80 -11.20 49.36 -7.42
C LYS C 80 -9.92 50.13 -7.74
N VAL C 81 -8.95 49.50 -8.40
CA VAL C 81 -7.74 50.23 -8.74
C VAL C 81 -8.06 51.27 -9.82
N PHE C 82 -8.90 50.91 -10.79
CA PHE C 82 -9.29 51.88 -11.81
C PHE C 82 -9.94 53.11 -11.18
N GLU C 83 -10.71 52.91 -10.12
CA GLU C 83 -11.37 54.04 -9.45
C GLU C 83 -10.35 54.91 -8.73
N MET C 84 -9.34 54.29 -8.12
CA MET C 84 -8.27 55.08 -7.51
C MET C 84 -7.52 55.91 -8.55
N VAL C 85 -7.29 55.34 -9.73
CA VAL C 85 -6.57 56.09 -10.76
C VAL C 85 -7.39 57.28 -11.22
N ARG C 86 -8.70 57.09 -11.39
CA ARG C 86 -9.56 58.22 -11.75
C ARG C 86 -9.47 59.32 -10.70
N GLU C 87 -9.54 58.95 -9.42
CA GLU C 87 -9.37 59.94 -8.36
C GLU C 87 -8.05 60.68 -8.53
N LEU C 88 -6.97 59.93 -8.73
CA LEU C 88 -5.67 60.55 -8.99
C LEU C 88 -5.75 61.50 -10.19
N ARG C 89 -6.39 61.06 -11.28
CA ARG C 89 -6.48 61.91 -12.47
C ARG C 89 -7.29 63.16 -12.21
N GLU C 90 -8.12 63.18 -11.17
CA GLU C 90 -8.86 64.39 -10.84
C GLU C 90 -7.91 65.56 -10.56
N LYS C 91 -6.71 65.27 -10.06
CA LYS C 91 -5.69 66.28 -9.82
C LYS C 91 -4.44 66.05 -10.65
N ASN C 92 -3.80 64.89 -10.52
CA ASN C 92 -2.51 64.66 -11.18
C ASN C 92 -2.76 64.08 -12.58
N THR C 93 -3.15 64.97 -13.50
CA THR C 93 -3.29 64.59 -14.92
C THR C 93 -1.93 64.45 -15.63
N ASP C 94 -0.86 64.48 -14.84
CA ASP C 94 0.51 64.55 -15.34
C ASP C 94 1.25 63.22 -15.27
N VAL C 95 1.30 62.60 -14.10
CA VAL C 95 2.25 61.48 -13.93
C VAL C 95 1.75 60.27 -14.71
N PRO C 96 2.60 59.64 -15.52
CA PRO C 96 2.17 58.42 -16.22
C PRO C 96 1.98 57.26 -15.25
N ILE C 97 0.96 56.45 -15.51
CA ILE C 97 0.62 55.31 -14.67
C ILE C 97 0.72 54.06 -15.53
N VAL C 98 1.47 53.08 -15.04
CA VAL C 98 1.64 51.78 -15.69
C VAL C 98 1.03 50.71 -14.78
N PHE C 99 0.14 49.89 -15.35
CA PHE C 99 -0.41 48.76 -14.63
C PHE C 99 0.47 47.54 -14.89
N LEU C 100 0.95 46.92 -13.82
CA LEU C 100 1.63 45.63 -13.91
C LEU C 100 0.62 44.57 -13.51
N THR C 101 0.19 43.76 -14.47
CA THR C 101 -0.85 42.78 -14.20
C THR C 101 -0.59 41.50 -14.96
N TYR C 102 -0.99 40.40 -14.32
CA TYR C 102 -0.92 39.10 -14.97
C TYR C 102 -2.10 38.94 -15.93
N TYR C 103 -1.95 38.05 -16.90
CA TYR C 103 -2.85 38.05 -18.05
C TYR C 103 -4.24 37.56 -17.68
N ASN C 104 -4.35 36.55 -16.82
CA ASN C 104 -5.68 35.98 -16.62
C ASN C 104 -6.68 36.99 -16.10
N PRO C 105 -6.34 37.86 -15.14
CA PRO C 105 -7.29 38.94 -14.79
C PRO C 105 -7.64 39.83 -15.98
N ILE C 106 -6.67 40.16 -16.85
CA ILE C 106 -7.02 40.83 -18.12
C ILE C 106 -8.06 40.00 -18.87
N PHE C 107 -7.74 38.72 -19.08
CA PHE C 107 -8.55 37.91 -19.99
C PHE C 107 -9.96 37.71 -19.41
N ARG C 108 -10.06 37.54 -18.10
CA ARG C 108 -11.36 37.31 -17.46
C ARG C 108 -12.19 38.59 -17.45
N TYR C 109 -11.55 39.73 -17.21
CA TYR C 109 -12.24 41.02 -17.28
C TYR C 109 -12.77 41.29 -18.68
N GLY C 110 -12.14 40.68 -19.69
CA GLY C 110 -12.43 40.99 -21.07
C GLY C 110 -11.40 41.96 -21.63
N ILE C 111 -10.62 41.49 -22.61
CA ILE C 111 -9.52 42.28 -23.16
C ILE C 111 -10.00 43.65 -23.60
N GLU C 112 -10.87 43.69 -24.61
CA GLU C 112 -11.32 44.96 -25.16
C GLU C 112 -11.84 45.88 -24.06
N ARG C 113 -12.69 45.34 -23.19
CA ARG C 113 -13.19 46.11 -22.06
C ARG C 113 -12.05 46.60 -21.16
N PHE C 114 -11.10 45.70 -20.84
CA PHE C 114 -10.01 46.10 -19.95
C PHE C 114 -9.25 47.29 -20.51
N VAL C 115 -8.85 47.22 -21.77
CA VAL C 115 -8.05 48.30 -22.35
C VAL C 115 -8.86 49.58 -22.43
N LYS C 116 -10.14 49.48 -22.83
CA LYS C 116 -10.98 50.66 -22.88
C LYS C 116 -11.07 51.30 -21.50
N GLU C 117 -11.26 50.48 -20.46
CA GLU C 117 -11.28 51.03 -19.11
C GLU C 117 -9.94 51.64 -18.75
N CYS C 118 -8.85 51.09 -19.30
CA CYS C 118 -7.53 51.69 -19.11
C CYS C 118 -7.51 53.12 -19.64
N ALA C 119 -7.92 53.31 -20.90
CA ALA C 119 -7.84 54.63 -21.51
C ALA C 119 -8.75 55.63 -20.82
N GLU C 120 -9.90 55.18 -20.32
CA GLU C 120 -10.83 56.11 -19.68
C GLU C 120 -10.33 56.53 -18.30
N ALA C 121 -9.78 55.59 -17.54
CA ALA C 121 -9.29 55.91 -16.21
C ALA C 121 -8.03 56.77 -16.25
N GLY C 122 -7.17 56.55 -17.25
CA GLY C 122 -5.91 57.26 -17.34
C GLY C 122 -4.68 56.40 -17.05
N VAL C 123 -4.78 55.09 -17.29
CA VAL C 123 -3.61 54.22 -17.23
C VAL C 123 -2.95 54.22 -18.60
N ASP C 124 -1.64 54.47 -18.62
CA ASP C 124 -0.95 54.77 -19.87
C ASP C 124 -0.18 53.58 -20.43
N GLY C 125 0.33 52.70 -19.58
CA GLY C 125 1.07 51.54 -20.06
C GLY C 125 0.65 50.30 -19.29
N LEU C 126 0.89 49.14 -19.92
CA LEU C 126 0.64 47.85 -19.30
C LEU C 126 1.88 46.98 -19.34
N ILE C 127 2.10 46.25 -18.25
CA ILE C 127 3.15 45.23 -18.15
C ILE C 127 2.46 43.93 -17.78
N VAL C 128 2.48 42.95 -18.69
CA VAL C 128 1.86 41.65 -18.46
C VAL C 128 2.97 40.61 -18.36
N PRO C 129 3.48 40.34 -17.16
CA PRO C 129 4.65 39.45 -17.01
C PRO C 129 4.52 38.12 -17.74
N ASP C 130 3.33 37.52 -17.80
CA ASP C 130 3.23 36.15 -18.31
C ASP C 130 2.63 36.09 -19.73
N LEU C 131 2.73 37.17 -20.50
CA LEU C 131 2.22 37.20 -21.88
C LEU C 131 3.33 37.58 -22.85
N PRO C 132 3.98 36.63 -23.49
CA PRO C 132 5.01 36.96 -24.49
C PRO C 132 4.39 37.55 -25.75
N PRO C 133 5.21 38.16 -26.61
CA PRO C 133 4.64 38.82 -27.81
C PRO C 133 3.81 37.90 -28.70
N GLU C 134 4.23 36.63 -28.84
CA GLU C 134 3.49 35.69 -29.67
C GLU C 134 2.01 35.62 -29.30
N GLU C 135 1.72 35.52 -28.01
CA GLU C 135 0.34 35.34 -27.54
C GLU C 135 -0.38 36.65 -27.27
N ALA C 136 0.26 37.78 -27.55
CA ALA C 136 -0.20 39.10 -27.13
C ALA C 136 -0.95 39.85 -28.23
N ALA C 137 -1.47 39.15 -29.24
CA ALA C 137 -2.00 39.83 -30.42
C ALA C 137 -3.30 40.58 -30.09
N ASP C 138 -4.30 39.87 -29.58
CA ASP C 138 -5.58 40.52 -29.32
C ASP C 138 -5.44 41.65 -28.31
N LEU C 139 -4.60 41.47 -27.28
CA LEU C 139 -4.33 42.57 -26.36
C LEU C 139 -3.64 43.72 -27.09
N ALA C 140 -2.68 43.40 -27.96
CA ALA C 140 -1.97 44.43 -28.69
C ALA C 140 -2.90 45.19 -29.63
N ALA C 141 -3.82 44.47 -30.28
CA ALA C 141 -4.79 45.14 -31.14
C ALA C 141 -5.71 46.06 -30.33
N ALA C 142 -6.14 45.62 -29.15
CA ALA C 142 -6.98 46.46 -28.31
C ALA C 142 -6.20 47.67 -27.81
N ALA C 143 -4.98 47.45 -27.32
CA ALA C 143 -4.19 48.53 -26.76
C ALA C 143 -3.79 49.54 -27.83
N GLU C 144 -3.50 49.07 -29.04
CA GLU C 144 -3.14 50.00 -30.12
C GLU C 144 -4.31 50.89 -30.49
N LYS C 145 -5.54 50.36 -30.36
CA LYS C 145 -6.71 51.16 -30.68
C LYS C 145 -6.86 52.32 -29.72
N TYR C 146 -6.60 52.09 -28.45
CA TYR C 146 -6.81 53.08 -27.40
C TYR C 146 -5.54 53.82 -26.99
N GLY C 147 -4.40 53.49 -27.59
CA GLY C 147 -3.18 54.21 -27.30
C GLY C 147 -2.60 53.91 -25.94
N VAL C 148 -2.75 52.68 -25.46
CA VAL C 148 -2.11 52.24 -24.23
C VAL C 148 -0.90 51.40 -24.62
N ASP C 149 0.26 51.74 -24.05
CA ASP C 149 1.49 51.04 -24.40
C ASP C 149 1.58 49.69 -23.72
N LEU C 150 2.17 48.74 -24.44
CA LEU C 150 2.46 47.40 -23.92
C LEU C 150 3.97 47.31 -23.69
N ILE C 151 4.37 47.25 -22.42
CA ILE C 151 5.79 47.19 -22.06
C ILE C 151 6.19 45.71 -21.96
N PHE C 152 7.05 45.27 -22.86
CA PHE C 152 7.54 43.90 -22.85
C PHE C 152 8.88 43.82 -22.15
N LEU C 153 9.13 42.67 -21.54
CA LEU C 153 10.36 42.45 -20.79
C LEU C 153 11.38 41.66 -21.61
N VAL C 154 12.65 41.97 -21.37
CA VAL C 154 13.77 41.28 -21.97
C VAL C 154 14.69 40.85 -20.84
N ALA C 155 15.24 39.65 -20.95
CA ALA C 155 16.04 39.04 -19.91
C ALA C 155 17.45 38.83 -20.40
N PRO C 156 18.42 38.71 -19.49
CA PRO C 156 19.80 38.48 -19.94
C PRO C 156 19.95 37.21 -20.75
N THR C 157 19.18 36.19 -20.43
CA THR C 157 19.24 34.91 -21.13
C THR C 157 18.48 34.91 -22.46
N SER C 158 17.76 35.98 -22.76
CA SER C 158 16.98 36.07 -24.01
C SER C 158 17.91 35.98 -25.21
N THR C 159 17.56 35.12 -26.17
CA THR C 159 18.36 35.03 -27.38
C THR C 159 18.33 36.37 -28.12
N ASP C 160 19.24 36.51 -29.09
CA ASP C 160 19.24 37.71 -29.91
C ASP C 160 17.99 37.75 -30.79
N GLU C 161 17.61 36.62 -31.39
CA GLU C 161 16.38 36.57 -32.16
C GLU C 161 15.20 37.01 -31.32
N ARG C 162 15.18 36.62 -30.05
CA ARG C 162 14.03 36.97 -29.23
C ARG C 162 14.03 38.46 -28.89
N ILE C 163 15.21 39.05 -28.68
CA ILE C 163 15.29 40.48 -28.44
C ILE C 163 14.76 41.25 -29.63
N LYS C 164 15.10 40.81 -30.85
CA LYS C 164 14.66 41.51 -32.06
C LYS C 164 13.15 41.46 -32.20
N MET C 165 12.53 40.33 -31.85
CA MET C 165 11.09 40.22 -31.98
C MET C 165 10.37 40.98 -30.88
N ILE C 166 10.90 40.96 -29.65
CA ILE C 166 10.31 41.79 -28.60
C ILE C 166 10.43 43.26 -28.97
N ALA C 167 11.48 43.62 -29.73
CA ALA C 167 11.68 45.01 -30.12
C ALA C 167 10.62 45.46 -31.13
N LYS C 168 10.29 44.59 -32.08
CA LYS C 168 9.33 44.96 -33.11
C LYS C 168 7.92 45.06 -32.56
N HIS C 169 7.68 44.65 -31.32
CA HIS C 169 6.35 44.71 -30.74
C HIS C 169 6.27 45.58 -29.49
N ALA C 170 7.35 46.24 -29.10
CA ALA C 170 7.36 47.02 -27.88
C ALA C 170 6.77 48.42 -28.09
N SER C 171 6.28 48.99 -27.00
CA SER C 171 5.73 50.35 -26.97
C SER C 171 6.02 50.96 -25.62
N GLY C 172 6.21 52.28 -25.60
CA GLY C 172 6.49 52.98 -24.37
C GLY C 172 7.94 52.83 -23.94
N PHE C 173 8.30 51.70 -23.34
CA PHE C 173 9.69 51.40 -23.09
C PHE C 173 9.87 49.89 -23.05
N VAL C 174 11.10 49.44 -23.14
CA VAL C 174 11.40 48.02 -22.99
C VAL C 174 11.96 47.83 -21.60
N TYR C 175 11.50 46.78 -20.94
CA TYR C 175 11.81 46.52 -19.54
C TYR C 175 12.91 45.47 -19.50
N CYS C 176 14.09 45.88 -19.06
CA CYS C 176 15.26 45.00 -18.99
C CYS C 176 15.33 44.37 -17.61
N VAL C 177 15.08 43.07 -17.54
CA VAL C 177 15.25 42.31 -16.30
C VAL C 177 16.73 42.03 -16.10
N SER C 178 17.27 42.49 -14.96
CA SER C 178 18.72 42.47 -14.75
C SER C 178 19.25 41.12 -14.29
N VAL C 179 18.39 40.14 -14.01
CA VAL C 179 18.86 38.84 -13.57
C VAL C 179 17.81 37.78 -13.86
N THR C 180 18.25 36.65 -14.42
CA THR C 180 17.37 35.52 -14.65
C THR C 180 16.91 34.96 -13.30
N GLY C 181 15.82 35.52 -12.81
CA GLY C 181 15.22 35.05 -11.59
C GLY C 181 13.89 35.71 -11.39
N VAL C 182 13.54 35.93 -10.15
CA VAL C 182 12.31 36.56 -9.76
C VAL C 182 12.64 37.86 -9.02
N THR C 183 11.63 38.62 -8.67
CA THR C 183 11.85 39.85 -7.92
C THR C 183 12.19 39.56 -6.47
N ARG C 199 25.52 46.91 -22.06
CA ARG C 199 24.92 45.71 -22.60
C ARG C 199 25.29 44.60 -21.68
N ILE C 200 24.31 43.86 -21.17
CA ILE C 200 22.90 43.96 -21.55
C ILE C 200 22.33 45.35 -21.45
N ARG C 201 21.59 45.71 -22.49
CA ARG C 201 21.12 47.06 -22.81
C ARG C 201 21.67 47.36 -24.16
N LYS C 202 20.75 47.50 -25.09
CA LYS C 202 21.00 47.59 -26.52
C LYS C 202 19.75 47.00 -27.17
N HIS C 203 19.17 47.67 -28.14
CA HIS C 203 19.86 48.72 -28.88
C HIS C 203 18.99 49.15 -30.02
N THR C 204 17.71 48.86 -29.94
CA THR C 204 16.73 49.43 -30.84
C THR C 204 16.34 50.80 -30.26
N ASP C 205 15.28 51.45 -30.69
CA ASP C 205 15.12 52.87 -30.44
C ASP C 205 14.57 53.35 -29.11
N LEU C 206 13.68 52.57 -28.53
CA LEU C 206 12.83 52.96 -27.42
C LEU C 206 13.62 53.16 -26.14
N PRO C 207 13.07 53.87 -25.17
CA PRO C 207 13.71 53.93 -23.86
C PRO C 207 13.85 52.54 -23.24
N ILE C 208 14.97 52.34 -22.56
CA ILE C 208 15.28 51.09 -21.89
C ILE C 208 15.38 51.39 -20.40
N ALA C 209 14.54 50.73 -19.60
CA ALA C 209 14.56 50.83 -18.16
C ALA C 209 14.96 49.47 -17.57
N VAL C 210 15.82 49.48 -16.56
CA VAL C 210 16.37 48.26 -16.00
C VAL C 210 15.74 48.02 -14.63
N GLY C 211 15.33 46.78 -14.38
CA GLY C 211 14.66 46.44 -13.13
C GLY C 211 15.20 45.14 -12.56
N PHE C 212 14.59 44.74 -11.44
CA PHE C 212 14.93 43.51 -10.72
C PHE C 212 16.21 43.66 -9.90
N GLY C 213 16.07 43.55 -8.57
CA GLY C 213 17.21 43.47 -7.68
C GLY C 213 17.70 44.80 -7.12
N ILE C 214 17.44 45.91 -7.80
CA ILE C 214 17.99 47.19 -7.36
C ILE C 214 17.33 47.57 -6.05
N SER C 215 18.15 47.68 -4.99
CA SER C 215 17.60 47.90 -3.66
C SER C 215 18.38 48.92 -2.83
N THR C 216 19.40 49.56 -3.37
CA THR C 216 20.14 50.57 -2.62
C THR C 216 20.40 51.77 -3.52
N PRO C 217 20.58 52.95 -2.94
CA PRO C 217 20.86 54.12 -3.78
C PRO C 217 22.14 53.99 -4.59
N GLU C 218 23.18 53.34 -4.05
CA GLU C 218 24.37 53.07 -4.85
C GLU C 218 24.01 52.31 -6.11
N GLN C 219 23.38 51.13 -5.95
CA GLN C 219 23.05 50.32 -7.12
C GLN C 219 22.19 51.08 -8.12
N ALA C 220 21.27 51.91 -7.64
CA ALA C 220 20.32 52.56 -8.54
C ALA C 220 21.02 53.58 -9.42
N ALA C 221 21.90 54.40 -8.83
CA ALA C 221 22.71 55.30 -9.65
C ALA C 221 23.64 54.50 -10.54
N GLU C 222 24.05 53.31 -10.08
CA GLU C 222 24.85 52.43 -10.91
C GLU C 222 24.08 51.96 -12.14
N VAL C 223 22.79 51.67 -11.97
CA VAL C 223 21.95 51.33 -13.11
C VAL C 223 21.60 52.59 -13.91
N ALA C 224 21.44 53.73 -13.22
CA ALA C 224 21.16 54.97 -13.93
C ALA C 224 22.24 55.28 -14.96
N GLN C 225 23.49 54.96 -14.64
CA GLN C 225 24.62 55.28 -15.50
C GLN C 225 24.70 54.42 -16.75
N VAL C 226 23.75 53.50 -16.95
CA VAL C 226 23.84 52.54 -18.05
C VAL C 226 22.56 52.55 -18.90
N ALA C 227 21.43 52.88 -18.29
CA ALA C 227 20.14 52.81 -18.98
C ALA C 227 19.46 54.18 -18.98
N ASP C 228 18.23 54.21 -19.49
CA ASP C 228 17.41 55.42 -19.53
C ASP C 228 16.58 55.61 -18.27
N GLY C 229 16.32 54.52 -17.54
CA GLY C 229 15.54 54.60 -16.33
C GLY C 229 15.85 53.43 -15.44
N VAL C 230 15.51 53.58 -14.17
CA VAL C 230 15.67 52.53 -13.17
C VAL C 230 14.30 52.21 -12.61
N ILE C 231 14.01 50.91 -12.50
CA ILE C 231 12.78 50.43 -11.91
C ILE C 231 13.12 49.84 -10.54
N VAL C 232 12.39 50.27 -9.51
CA VAL C 232 12.62 49.83 -8.13
C VAL C 232 11.29 49.41 -7.53
N GLY C 233 11.22 48.15 -7.08
CA GLY C 233 9.99 47.65 -6.50
C GLY C 233 10.17 47.09 -5.11
N SER C 234 10.73 45.87 -5.04
CA SER C 234 10.83 45.16 -3.78
C SER C 234 11.42 46.05 -2.69
N ALA C 235 12.42 46.86 -3.06
CA ALA C 235 13.05 47.73 -2.06
C ALA C 235 12.03 48.66 -1.42
N ILE C 236 11.09 49.18 -2.20
CA ILE C 236 10.09 50.08 -1.64
C ILE C 236 9.00 49.31 -0.93
N VAL C 237 8.58 48.18 -1.50
CA VAL C 237 7.54 47.35 -0.87
C VAL C 237 7.99 46.90 0.51
N LYS C 238 9.26 46.50 0.64
CA LYS C 238 9.81 46.12 1.93
C LYS C 238 9.50 47.17 2.99
N ARG C 239 9.68 48.44 2.67
CA ARG C 239 9.47 49.49 3.66
C ARG C 239 7.99 49.69 3.95
N ILE C 240 7.11 49.46 2.96
CA ILE C 240 5.69 49.46 3.22
C ILE C 240 5.34 48.40 4.26
N GLU C 241 5.91 47.20 4.11
CA GLU C 241 5.60 46.09 5.01
C GLU C 241 6.10 46.34 6.42
N GLU C 242 7.33 46.87 6.55
CA GLU C 242 7.95 47.00 7.87
C GLU C 242 7.38 48.15 8.69
N ASN C 243 6.80 49.15 8.03
CA ASN C 243 6.34 50.35 8.72
C ASN C 243 5.02 50.03 9.39
N GLN C 244 5.07 49.82 10.70
CA GLN C 244 3.92 49.35 11.45
C GLN C 244 2.75 50.30 11.37
N ASP C 245 2.06 50.30 10.22
CA ASP C 245 0.71 50.85 10.14
C ASP C 245 0.64 52.35 10.41
N GLU C 246 1.66 52.92 11.05
CA GLU C 246 1.53 54.30 11.48
C GLU C 246 1.44 55.21 10.27
N GLU C 247 2.39 55.07 9.35
CA GLU C 247 2.50 55.92 8.18
C GLU C 247 3.01 57.32 8.55
N ASP C 248 4.31 57.48 8.84
CA ASP C 248 5.37 56.46 8.82
C ASP C 248 5.61 55.81 7.45
N ILE C 249 4.70 54.92 7.03
CA ILE C 249 4.81 54.26 5.74
C ILE C 249 5.08 55.27 4.63
N VAL C 250 4.19 56.26 4.50
CA VAL C 250 4.37 57.29 3.49
C VAL C 250 5.68 58.02 3.70
N GLU C 251 5.95 58.45 4.94
CA GLU C 251 7.17 59.21 5.20
C GLU C 251 8.41 58.35 4.94
N GLU C 252 8.36 57.07 5.30
CA GLU C 252 9.50 56.19 5.01
C GLU C 252 9.66 55.98 3.51
N VAL C 253 8.56 55.72 2.80
CA VAL C 253 8.64 55.51 1.35
C VAL C 253 9.16 56.78 0.66
N ARG C 254 8.72 57.94 1.14
CA ARG C 254 9.09 59.21 0.51
C ARG C 254 10.59 59.49 0.69
N GLU C 255 11.10 59.33 1.90
CA GLU C 255 12.52 59.60 2.16
C GLU C 255 13.40 58.59 1.45
N PHE C 256 12.99 57.31 1.42
CA PHE C 256 13.77 56.34 0.68
C PHE C 256 13.83 56.70 -0.80
N VAL C 257 12.69 57.10 -1.38
CA VAL C 257 12.64 57.40 -2.81
C VAL C 257 13.41 58.69 -3.12
N ARG C 258 13.29 59.69 -2.25
CA ARG C 258 14.09 60.90 -2.42
C ARG C 258 15.57 60.55 -2.56
N GLU C 259 16.05 59.65 -1.71
CA GLU C 259 17.44 59.22 -1.82
C GLU C 259 17.71 58.57 -3.16
N LEU C 260 16.77 57.75 -3.65
CA LEU C 260 16.94 57.13 -4.97
C LEU C 260 16.96 58.19 -6.07
N ARG C 261 16.31 59.33 -5.87
CA ARG C 261 16.31 60.42 -6.84
C ARG C 261 17.70 61.04 -6.99
N GLY D 1 2.65 23.83 -29.97
CA GLY D 1 2.34 23.94 -28.55
C GLY D 1 0.88 24.33 -28.31
N ARG D 2 0.08 24.27 -29.37
CA ARG D 2 -1.27 24.78 -29.36
C ARG D 2 -2.25 23.65 -29.66
N PHE D 3 -3.36 23.61 -28.92
CA PHE D 3 -4.44 22.64 -29.12
C PHE D 3 -5.69 23.45 -29.45
N GLY D 4 -5.89 23.71 -30.73
CA GLY D 4 -6.87 24.71 -31.10
C GLY D 4 -6.46 26.05 -30.52
N LYS D 5 -7.39 26.71 -29.82
CA LYS D 5 -7.08 27.96 -29.15
C LYS D 5 -6.41 27.77 -27.79
N TYR D 6 -6.21 26.53 -27.35
CA TYR D 6 -5.64 26.28 -26.03
C TYR D 6 -4.16 25.93 -26.10
N GLY D 7 -3.52 25.94 -24.94
CA GLY D 7 -2.12 25.57 -24.83
C GLY D 7 -1.23 26.81 -24.81
N GLY D 8 -0.18 26.79 -25.62
CA GLY D 8 0.73 27.92 -25.68
C GLY D 8 1.71 27.93 -24.52
N GLN D 9 2.33 29.10 -24.32
CA GLN D 9 3.40 29.29 -23.32
C GLN D 9 3.22 30.68 -22.71
N TYR D 10 2.27 30.80 -21.80
CA TYR D 10 2.01 32.04 -21.08
C TYR D 10 2.94 32.11 -19.87
N VAL D 11 4.21 32.38 -20.15
CA VAL D 11 5.23 32.42 -19.10
C VAL D 11 6.08 33.67 -19.23
N PRO D 12 6.68 34.15 -18.15
CA PRO D 12 7.55 35.34 -18.26
C PRO D 12 8.72 35.08 -19.19
N GLU D 13 9.30 36.17 -19.70
CA GLU D 13 10.40 36.05 -20.65
C GLU D 13 11.61 35.34 -20.05
N THR D 14 11.77 35.42 -18.73
CA THR D 14 12.88 34.74 -18.06
C THR D 14 12.77 33.23 -18.15
N LEU D 15 11.57 32.69 -18.35
CA LEU D 15 11.37 31.25 -18.52
C LEU D 15 11.49 30.79 -19.97
N MET D 16 11.50 31.71 -20.92
CA MET D 16 11.43 31.29 -22.33
C MET D 16 12.69 30.53 -22.75
N PRO D 17 13.88 30.94 -22.31
CA PRO D 17 15.06 30.14 -22.64
C PRO D 17 15.00 28.71 -22.12
N ALA D 18 14.55 28.52 -20.88
CA ALA D 18 14.45 27.17 -20.32
C ALA D 18 13.47 26.32 -21.12
N LEU D 19 12.36 26.91 -21.55
CA LEU D 19 11.36 26.15 -22.30
C LEU D 19 11.87 25.79 -23.69
N GLU D 20 12.64 26.67 -24.32
CA GLU D 20 13.14 26.36 -25.65
C GLU D 20 14.14 25.22 -25.62
N GLU D 21 15.06 25.23 -24.65
CA GLU D 21 15.96 24.10 -24.49
C GLU D 21 15.18 22.81 -24.21
N LEU D 22 14.19 22.87 -23.31
CA LEU D 22 13.38 21.70 -23.05
C LEU D 22 12.63 21.24 -24.29
N GLU D 23 12.03 22.18 -25.04
CA GLU D 23 11.35 21.81 -26.28
C GLU D 23 12.26 21.01 -27.18
N GLU D 24 13.48 21.52 -27.39
CA GLU D 24 14.39 20.87 -28.33
C GLU D 24 14.94 19.56 -27.76
N ALA D 25 15.18 19.51 -26.45
CA ALA D 25 15.69 18.27 -25.85
C ALA D 25 14.67 17.17 -25.94
N TYR D 26 13.39 17.49 -25.71
CA TYR D 26 12.35 16.48 -25.79
C TYR D 26 12.10 16.07 -27.24
N GLU D 27 12.08 17.04 -28.16
CA GLU D 27 11.84 16.65 -29.54
C GLU D 27 12.91 15.68 -30.02
N ARG D 28 14.16 15.86 -29.59
CA ARG D 28 15.19 14.90 -29.96
C ARG D 28 14.98 13.55 -29.27
N ALA D 29 14.68 13.57 -27.97
CA ALA D 29 14.47 12.34 -27.23
C ALA D 29 13.28 11.55 -27.78
N LYS D 30 12.19 12.25 -28.09
CA LYS D 30 11.01 11.61 -28.65
C LYS D 30 11.36 10.72 -29.82
N ASN D 31 12.29 11.18 -30.68
CA ASN D 31 12.68 10.46 -31.88
C ASN D 31 13.98 9.69 -31.74
N ASP D 32 14.51 9.56 -30.53
CA ASP D 32 15.82 8.93 -30.38
C ASP D 32 15.61 7.46 -30.01
N PRO D 33 15.91 6.51 -30.89
CA PRO D 33 15.70 5.10 -30.50
C PRO D 33 16.43 4.73 -29.22
N GLU D 34 17.55 5.36 -28.92
CA GLU D 34 18.29 4.94 -27.73
C GLU D 34 17.61 5.45 -26.47
N PHE D 35 17.16 6.71 -26.47
CA PHE D 35 16.36 7.20 -25.34
C PHE D 35 15.14 6.31 -25.13
N GLN D 36 14.49 5.93 -26.21
CA GLN D 36 13.27 5.13 -26.08
C GLN D 36 13.58 3.72 -25.57
N ALA D 37 14.66 3.11 -26.07
CA ALA D 37 15.01 1.79 -25.58
C ALA D 37 15.37 1.83 -24.08
N GLU D 38 16.04 2.90 -23.64
CA GLU D 38 16.33 3.07 -22.22
C GLU D 38 15.05 3.24 -21.41
N LEU D 39 14.18 4.13 -21.86
CA LEU D 39 12.92 4.32 -21.16
C LEU D 39 12.14 2.99 -21.10
N GLU D 40 12.08 2.26 -22.21
CA GLU D 40 11.40 0.98 -22.18
C GLU D 40 12.04 0.04 -21.17
N TYR D 41 13.37 0.03 -21.09
CA TYR D 41 14.07 -0.82 -20.14
C TYR D 41 13.59 -0.55 -18.71
N TYR D 42 13.54 0.73 -18.32
CA TYR D 42 13.17 1.04 -16.94
C TYR D 42 11.68 0.82 -16.70
N LEU D 43 10.83 1.10 -17.70
CA LEU D 43 9.42 0.77 -17.57
C LEU D 43 9.21 -0.72 -17.36
N ARG D 44 9.99 -1.54 -18.06
CA ARG D 44 9.90 -2.98 -17.89
C ARG D 44 10.38 -3.42 -16.51
N ASP D 45 11.66 -3.26 -16.25
CA ASP D 45 12.26 -3.90 -15.08
C ASP D 45 12.05 -3.14 -13.78
N TYR D 46 11.85 -1.83 -13.85
CA TYR D 46 11.68 -1.04 -12.63
C TYR D 46 10.22 -0.77 -12.30
N VAL D 47 9.43 -0.36 -13.30
CA VAL D 47 8.03 -0.04 -13.06
C VAL D 47 7.15 -1.28 -13.14
N GLY D 48 7.53 -2.27 -13.94
CA GLY D 48 6.76 -3.49 -14.06
C GLY D 48 5.84 -3.57 -15.26
N ARG D 49 6.09 -2.79 -16.32
CA ARG D 49 5.19 -2.79 -17.45
C ARG D 49 5.49 -3.98 -18.33
N PRO D 50 4.50 -4.42 -19.13
CA PRO D 50 3.16 -3.82 -19.26
C PRO D 50 2.25 -4.17 -18.09
N THR D 51 1.26 -3.33 -17.83
CA THR D 51 0.24 -3.71 -16.87
C THR D 51 -0.84 -4.52 -17.59
N PRO D 52 -1.48 -5.45 -16.88
CA PRO D 52 -2.50 -6.29 -17.52
C PRO D 52 -3.76 -5.49 -17.84
N LEU D 53 -4.48 -5.97 -18.84
CA LEU D 53 -5.84 -5.53 -19.10
C LEU D 53 -6.75 -6.66 -18.61
N TYR D 54 -7.52 -6.39 -17.57
CA TYR D 54 -8.16 -7.43 -16.77
C TYR D 54 -9.67 -7.41 -17.02
N PHE D 55 -10.22 -8.55 -17.43
CA PHE D 55 -11.67 -8.68 -17.60
C PHE D 55 -12.32 -8.87 -16.22
N ALA D 56 -13.12 -7.89 -15.82
CA ALA D 56 -13.80 -7.89 -14.53
C ALA D 56 -15.11 -8.65 -14.70
N GLU D 57 -15.04 -9.97 -14.49
CA GLU D 57 -16.18 -10.85 -14.74
C GLU D 57 -17.30 -10.64 -13.73
N ASN D 58 -16.99 -10.56 -12.43
CA ASN D 58 -18.04 -10.36 -11.45
C ASN D 58 -18.76 -9.03 -11.68
N LEU D 59 -17.98 -7.95 -11.81
CA LEU D 59 -18.55 -6.62 -12.08
C LEU D 59 -19.39 -6.63 -13.35
N THR D 60 -18.81 -7.11 -14.44
CA THR D 60 -19.58 -7.23 -15.67
C THR D 60 -20.92 -7.89 -15.41
N LYS D 61 -20.92 -9.03 -14.71
CA LYS D 61 -22.18 -9.74 -14.51
C LYS D 61 -23.13 -8.95 -13.59
N ASP D 62 -22.58 -8.29 -12.57
CA ASP D 62 -23.43 -7.53 -11.64
C ASP D 62 -24.07 -6.31 -12.31
N LEU D 63 -23.40 -5.68 -13.27
CA LEU D 63 -23.98 -4.51 -13.92
C LEU D 63 -24.94 -4.87 -15.04
N GLY D 64 -24.82 -6.06 -15.61
CA GLY D 64 -25.77 -6.57 -16.58
C GLY D 64 -25.65 -6.03 -17.98
N GLY D 65 -24.62 -5.26 -18.28
CA GLY D 65 -24.48 -4.73 -19.62
C GLY D 65 -23.17 -5.05 -20.32
N ALA D 66 -22.42 -4.01 -20.69
CA ALA D 66 -21.21 -4.21 -21.46
C ALA D 66 -20.16 -4.97 -20.68
N LYS D 67 -19.26 -5.64 -21.41
CA LYS D 67 -18.08 -6.21 -20.79
C LYS D 67 -17.17 -5.10 -20.29
N ILE D 68 -16.67 -5.26 -19.06
CA ILE D 68 -15.86 -4.25 -18.39
C ILE D 68 -14.43 -4.76 -18.26
N TYR D 69 -13.49 -4.07 -18.91
CA TYR D 69 -12.07 -4.35 -18.78
C TYR D 69 -11.39 -3.24 -17.99
N LEU D 70 -10.50 -3.63 -17.08
CA LEU D 70 -9.77 -2.66 -16.27
C LEU D 70 -8.33 -2.65 -16.73
N LYS D 71 -7.86 -1.47 -17.15
CA LYS D 71 -6.45 -1.29 -17.41
C LYS D 71 -5.76 -1.06 -16.05
N ARG D 72 -4.89 -1.98 -15.67
CA ARG D 72 -4.44 -2.14 -14.28
C ARG D 72 -3.21 -1.28 -13.97
N GLU D 73 -3.35 0.03 -14.13
CA GLU D 73 -2.30 0.94 -13.67
C GLU D 73 -2.12 0.94 -12.15
N ASP D 74 -3.05 0.34 -11.39
CA ASP D 74 -2.79 0.15 -9.96
C ASP D 74 -1.60 -0.74 -9.69
N LEU D 75 -1.14 -1.51 -10.69
CA LEU D 75 -0.05 -2.47 -10.49
C LEU D 75 1.33 -1.91 -10.77
N ASN D 76 1.43 -0.68 -11.27
CA ASN D 76 2.73 -0.05 -11.40
C ASN D 76 3.42 0.02 -10.05
N HIS D 77 4.74 -0.07 -10.05
CA HIS D 77 5.54 0.41 -8.93
C HIS D 77 5.06 1.79 -8.55
N THR D 78 4.80 1.97 -7.25
CA THR D 78 4.30 3.12 -6.50
C THR D 78 2.78 3.20 -6.57
N GLY D 79 2.12 2.32 -7.32
CA GLY D 79 0.68 2.18 -7.20
C GLY D 79 -0.16 3.12 -8.04
N ALA D 80 0.45 3.82 -9.01
CA ALA D 80 -0.32 4.74 -9.85
C ALA D 80 0.40 4.96 -11.18
N HIS D 81 -0.30 5.64 -12.08
CA HIS D 81 0.24 5.95 -13.40
C HIS D 81 1.31 7.04 -13.36
N LYS D 82 1.39 7.80 -12.30
CA LYS D 82 2.24 8.96 -12.30
C LYS D 82 3.68 8.60 -12.62
N ILE D 83 4.12 7.43 -12.18
CA ILE D 83 5.53 7.12 -12.36
C ILE D 83 5.90 6.99 -13.83
N ASN D 84 4.97 6.62 -14.71
CA ASN D 84 5.30 6.58 -16.14
C ASN D 84 5.86 7.91 -16.60
N ASN D 85 5.21 9.00 -16.16
CA ASN D 85 5.58 10.34 -16.54
C ASN D 85 6.84 10.77 -15.80
N ALA D 86 6.86 10.57 -14.48
CA ALA D 86 8.04 10.94 -13.71
C ALA D 86 9.28 10.22 -14.23
N LEU D 87 9.15 8.94 -14.58
CA LEU D 87 10.30 8.21 -15.10
C LEU D 87 10.80 8.83 -16.39
N GLY D 88 9.90 9.17 -17.31
CA GLY D 88 10.33 9.71 -18.59
C GLY D 88 11.02 11.05 -18.44
N GLN D 89 10.44 11.93 -17.63
CA GLN D 89 11.08 13.23 -17.45
C GLN D 89 12.41 13.07 -16.71
N ALA D 90 12.46 12.21 -15.70
CA ALA D 90 13.71 12.06 -14.97
C ALA D 90 14.80 11.44 -15.85
N LEU D 91 14.43 10.53 -16.75
CA LEU D 91 15.40 9.98 -17.69
C LEU D 91 15.91 11.06 -18.64
N LEU D 92 15.01 11.92 -19.13
CA LEU D 92 15.43 13.08 -19.91
C LEU D 92 16.38 13.97 -19.12
N ALA D 93 16.02 14.27 -17.87
CA ALA D 93 16.90 15.09 -17.02
C ALA D 93 18.27 14.44 -16.87
N LYS D 94 18.30 13.14 -16.61
CA LYS D 94 19.57 12.47 -16.39
C LYS D 94 20.42 12.53 -17.63
N ARG D 95 19.84 12.19 -18.78
CA ARG D 95 20.62 12.19 -20.02
C ARG D 95 21.01 13.59 -20.46
N MET D 96 20.29 14.63 -20.02
CA MET D 96 20.74 16.00 -20.22
C MET D 96 21.85 16.42 -19.27
N GLY D 97 22.33 15.51 -18.41
CA GLY D 97 23.33 15.88 -17.42
C GLY D 97 22.83 16.69 -16.26
N LYS D 98 21.51 16.84 -16.11
CA LYS D 98 20.96 17.54 -14.95
C LYS D 98 21.30 16.77 -13.68
N LYS D 99 21.61 17.51 -12.61
CA LYS D 99 21.92 16.90 -11.32
C LYS D 99 20.73 16.87 -10.38
N ARG D 100 19.69 17.64 -10.66
CA ARG D 100 18.64 17.93 -9.70
C ARG D 100 17.30 17.95 -10.43
N VAL D 101 16.28 17.30 -9.86
CA VAL D 101 14.93 17.39 -10.37
C VAL D 101 14.04 17.99 -9.28
N ILE D 102 13.10 18.83 -9.69
CA ILE D 102 12.13 19.36 -8.73
C ILE D 102 10.74 18.99 -9.19
N ALA D 103 9.82 19.00 -8.24
CA ALA D 103 8.44 18.64 -8.54
C ALA D 103 7.51 19.33 -7.55
N GLU D 104 6.28 19.58 -7.98
CA GLU D 104 5.20 20.00 -7.10
C GLU D 104 4.37 18.78 -6.76
N THR D 105 3.66 18.85 -5.65
CA THR D 105 2.70 17.79 -5.36
C THR D 105 1.60 18.35 -4.48
N GLY D 106 0.39 17.83 -4.67
CA GLY D 106 -0.74 18.20 -3.85
C GLY D 106 -0.98 17.13 -2.81
N ALA D 107 -1.51 15.99 -3.24
CA ALA D 107 -1.70 14.85 -2.35
C ALA D 107 -0.44 14.04 -2.16
N GLY D 108 0.66 14.39 -2.83
CA GLY D 108 1.90 13.68 -2.62
C GLY D 108 2.16 12.53 -3.58
N GLN D 109 1.21 12.20 -4.44
CA GLN D 109 1.41 11.07 -5.34
C GLN D 109 2.50 11.36 -6.37
N HIS D 110 2.44 12.54 -7.00
CA HIS D 110 3.52 12.92 -7.91
C HIS D 110 4.82 13.14 -7.17
N GLY D 111 4.76 13.68 -5.95
CA GLY D 111 5.97 13.87 -5.19
C GLY D 111 6.64 12.55 -4.89
N VAL D 112 5.85 11.56 -4.48
CA VAL D 112 6.39 10.21 -4.26
C VAL D 112 6.94 9.63 -5.56
N ALA D 113 6.16 9.71 -6.65
CA ALA D 113 6.65 9.17 -7.90
C ALA D 113 7.95 9.86 -8.32
N THR D 114 8.01 11.17 -8.12
CA THR D 114 9.22 11.90 -8.50
C THR D 114 10.41 11.53 -7.62
N ALA D 115 10.21 11.53 -6.30
CA ALA D 115 11.31 11.15 -5.42
C ALA D 115 11.76 9.72 -5.70
N THR D 116 10.83 8.85 -6.10
CA THR D 116 11.16 7.46 -6.38
C THR D 116 12.13 7.32 -7.56
N VAL D 117 11.82 7.97 -8.69
CA VAL D 117 12.68 7.80 -9.85
C VAL D 117 13.97 8.59 -9.66
N ALA D 118 13.90 9.71 -8.93
CA ALA D 118 15.12 10.44 -8.61
C ALA D 118 16.06 9.55 -7.80
N ALA D 119 15.52 8.81 -6.83
CA ALA D 119 16.36 7.93 -6.04
C ALA D 119 16.99 6.87 -6.93
N MET D 120 16.19 6.29 -7.82
CA MET D 120 16.69 5.22 -8.70
C MET D 120 17.74 5.77 -9.67
N PHE D 121 17.57 7.00 -10.15
CA PHE D 121 18.49 7.61 -11.11
C PHE D 121 19.69 8.29 -10.46
N GLY D 122 19.71 8.44 -9.14
CA GLY D 122 20.80 9.13 -8.47
C GLY D 122 20.75 10.64 -8.61
N LEU D 123 19.56 11.22 -8.76
CA LEU D 123 19.36 12.64 -8.89
C LEU D 123 18.93 13.23 -7.55
N GLU D 124 19.42 14.43 -7.24
CA GLU D 124 18.89 15.14 -6.09
C GLU D 124 17.44 15.52 -6.38
N CYS D 125 16.63 15.52 -5.34
CA CYS D 125 15.21 15.70 -5.57
C CYS D 125 14.65 16.62 -4.50
N VAL D 126 13.88 17.60 -4.93
CA VAL D 126 13.18 18.53 -4.04
C VAL D 126 11.72 18.58 -4.48
N VAL D 127 10.81 18.38 -3.54
CA VAL D 127 9.39 18.43 -3.83
C VAL D 127 8.81 19.61 -3.09
N TYR D 128 8.12 20.49 -3.82
CA TYR D 128 7.41 21.62 -3.25
C TYR D 128 6.00 21.19 -2.90
N MET D 129 5.57 21.51 -1.68
CA MET D 129 4.26 21.08 -1.23
C MET D 129 3.68 22.16 -0.33
N GLY D 130 2.44 22.55 -0.63
CA GLY D 130 1.79 23.55 0.19
C GLY D 130 1.70 23.07 1.63
N ALA D 131 1.83 24.02 2.55
CA ALA D 131 1.84 23.67 3.97
C ALA D 131 0.53 23.03 4.39
N GLU D 132 -0.60 23.48 3.82
CA GLU D 132 -1.88 22.85 4.14
C GLU D 132 -1.90 21.39 3.67
N ASP D 133 -1.32 21.11 2.50
CA ASP D 133 -1.23 19.74 2.02
C ASP D 133 -0.25 18.90 2.84
N ILE D 134 0.85 19.49 3.29
CA ILE D 134 1.75 18.77 4.18
C ILE D 134 1.00 18.31 5.41
N GLU D 135 0.20 19.19 6.02
CA GLU D 135 -0.42 18.77 7.26
C GLU D 135 -1.45 17.66 7.06
N ARG D 136 -2.00 17.51 5.85
CA ARG D 136 -2.96 16.44 5.59
C ARG D 136 -2.32 15.16 5.05
N GLN D 137 -1.04 15.15 4.76
CA GLN D 137 -0.40 14.01 4.08
C GLN D 137 0.91 13.65 4.77
N ALA D 138 0.85 13.38 6.08
CA ALA D 138 2.06 13.05 6.82
C ALA D 138 2.71 11.79 6.26
N LEU D 139 1.91 10.78 5.91
CA LEU D 139 2.46 9.53 5.38
C LEU D 139 3.27 9.76 4.11
N ASN D 140 2.72 10.52 3.15
CA ASN D 140 3.44 10.71 1.90
C ASN D 140 4.65 11.61 2.08
N VAL D 141 4.56 12.62 2.95
CA VAL D 141 5.74 13.39 3.30
C VAL D 141 6.82 12.47 3.84
N PHE D 142 6.46 11.58 4.75
CA PHE D 142 7.47 10.67 5.31
C PHE D 142 8.09 9.80 4.23
N ARG D 143 7.27 9.29 3.31
CA ARG D 143 7.81 8.44 2.25
C ARG D 143 8.75 9.22 1.35
N MET D 144 8.36 10.42 0.95
CA MET D 144 9.24 11.22 0.13
C MET D 144 10.60 11.37 0.79
N LYS D 145 10.62 11.59 2.10
CA LYS D 145 11.89 11.74 2.81
C LYS D 145 12.64 10.41 2.90
N LEU D 146 11.91 9.31 3.11
CA LEU D 146 12.55 7.98 3.03
C LEU D 146 13.23 7.77 1.69
N LEU D 147 12.61 8.24 0.61
CA LEU D 147 13.18 8.12 -0.73
C LEU D 147 14.32 9.09 -0.97
N GLY D 148 14.72 9.88 0.03
CA GLY D 148 15.85 10.78 -0.09
C GLY D 148 15.52 12.15 -0.65
N ALA D 149 14.26 12.48 -0.85
CA ALA D 149 13.94 13.81 -1.34
C ALA D 149 13.88 14.82 -0.20
N LYS D 150 14.11 16.07 -0.53
CA LYS D 150 13.86 17.16 0.40
C LYS D 150 12.46 17.69 0.12
N VAL D 151 11.66 17.88 1.16
CA VAL D 151 10.31 18.39 1.01
C VAL D 151 10.30 19.84 1.46
N ARG D 152 9.98 20.74 0.54
CA ARG D 152 10.03 22.16 0.84
C ARG D 152 8.60 22.68 1.04
N PRO D 153 8.20 23.00 2.26
CA PRO D 153 6.84 23.51 2.48
C PRO D 153 6.68 24.88 1.85
N VAL D 154 5.49 25.13 1.33
CA VAL D 154 5.16 26.40 0.70
C VAL D 154 4.07 27.01 1.55
N THR D 155 4.43 28.01 2.36
CA THR D 155 3.48 28.67 3.23
C THR D 155 3.07 30.03 2.69
N SER D 156 3.35 30.29 1.41
CA SER D 156 2.94 31.48 0.70
C SER D 156 1.61 31.25 -0.01
N GLY D 157 0.96 32.35 -0.37
CA GLY D 157 -0.33 32.23 -1.03
C GLY D 157 -1.32 31.44 -0.19
N SER D 158 -2.05 30.55 -0.85
CA SER D 158 -3.04 29.69 -0.19
C SER D 158 -2.45 28.39 0.33
N ARG D 159 -1.13 28.22 0.24
CA ARG D 159 -0.44 27.10 0.88
C ARG D 159 -0.93 25.74 0.37
N THR D 160 -1.13 25.65 -0.94
CA THR D 160 -1.65 24.41 -1.50
C THR D 160 -1.05 24.22 -2.90
N LEU D 161 -1.68 23.34 -3.70
CA LEU D 161 -1.04 22.87 -4.92
C LEU D 161 -0.65 24.04 -5.83
N LYS D 162 -1.60 24.92 -6.08
CA LYS D 162 -1.40 26.12 -6.87
C LYS D 162 -0.10 26.83 -6.51
N ASP D 163 0.15 26.97 -5.22
CA ASP D 163 1.26 27.76 -4.72
C ASP D 163 2.57 27.00 -4.78
N ALA D 164 2.50 25.67 -4.66
CA ALA D 164 3.70 24.86 -4.84
C ALA D 164 4.16 24.88 -6.28
N ILE D 165 3.23 24.92 -7.24
CA ILE D 165 3.63 25.01 -8.64
C ILE D 165 4.38 26.32 -8.91
N ASN D 166 3.88 27.42 -8.35
CA ASN D 166 4.55 28.70 -8.57
C ASN D 166 5.95 28.70 -7.96
N GLU D 167 6.09 28.18 -6.73
CA GLU D 167 7.41 28.12 -6.11
C GLU D 167 8.35 27.24 -6.92
N ALA D 168 7.85 26.09 -7.38
CA ALA D 168 8.64 25.21 -8.22
C ALA D 168 9.09 25.89 -9.51
N MET D 169 8.17 26.59 -10.19
CA MET D 169 8.57 27.35 -11.38
C MET D 169 9.62 28.40 -11.03
N ARG D 170 9.51 29.00 -9.86
CA ARG D 170 10.48 29.99 -9.42
C ARG D 170 11.86 29.36 -9.18
N ASP D 171 11.87 28.17 -8.59
CA ASP D 171 13.12 27.45 -8.42
C ASP D 171 13.72 27.09 -9.77
N TRP D 172 12.88 26.59 -10.68
CA TRP D 172 13.36 26.15 -11.99
C TRP D 172 14.06 27.28 -12.73
N VAL D 173 13.41 28.45 -12.82
CA VAL D 173 14.00 29.56 -13.55
C VAL D 173 15.32 29.99 -12.90
N THR D 174 15.40 29.93 -11.57
CA THR D 174 16.63 30.33 -10.91
C THR D 174 17.74 29.30 -11.06
N ASN D 175 17.41 28.02 -11.24
CA ASN D 175 18.43 26.98 -11.24
C ASN D 175 18.41 26.15 -12.51
N VAL D 176 18.00 26.74 -13.65
CA VAL D 176 17.79 25.95 -14.88
C VAL D 176 19.03 25.17 -15.26
N GLU D 177 20.20 25.72 -15.01
CA GLU D 177 21.41 25.13 -15.59
C GLU D 177 21.70 23.75 -15.03
N ASP D 178 21.18 23.41 -13.85
CA ASP D 178 21.41 22.08 -13.28
C ASP D 178 20.13 21.43 -12.78
N THR D 179 18.96 22.03 -13.00
CA THR D 179 17.69 21.54 -12.47
C THR D 179 16.69 21.27 -13.58
N PHE D 180 15.98 20.15 -13.49
CA PHE D 180 14.88 19.81 -14.39
C PHE D 180 13.59 19.83 -13.60
N TYR D 181 12.58 20.55 -14.10
CA TYR D 181 11.29 20.65 -13.42
C TYR D 181 10.38 19.54 -13.95
N ILE D 182 10.07 18.57 -13.10
CA ILE D 182 9.22 17.44 -13.50
C ILE D 182 7.78 17.80 -13.14
N ILE D 183 7.02 18.27 -14.13
CA ILE D 183 5.61 18.58 -13.96
C ILE D 183 4.81 17.29 -13.90
N GLY D 184 3.78 17.27 -13.07
CA GLY D 184 3.08 16.06 -12.73
C GLY D 184 1.80 15.74 -13.48
N SER D 185 1.35 16.61 -14.38
CA SER D 185 0.17 16.32 -15.19
C SER D 185 0.37 16.94 -16.57
N VAL D 186 -0.66 16.84 -17.42
CA VAL D 186 -0.56 17.33 -18.80
C VAL D 186 -0.93 18.81 -18.82
N VAL D 187 -0.26 19.59 -17.97
CA VAL D 187 -0.61 20.98 -17.75
C VAL D 187 0.63 21.86 -17.96
N GLY D 188 0.42 23.16 -17.89
CA GLY D 188 1.53 24.08 -17.93
C GLY D 188 1.90 24.45 -19.37
N PRO D 189 3.03 25.14 -19.54
CA PRO D 189 3.42 25.60 -20.88
C PRO D 189 3.91 24.45 -21.75
N HIS D 190 3.69 24.60 -23.05
CA HIS D 190 4.43 23.80 -24.04
C HIS D 190 5.92 23.76 -23.65
N PRO D 191 6.55 22.57 -23.70
CA PRO D 191 6.05 21.32 -24.26
C PRO D 191 5.54 20.32 -23.22
N TYR D 192 5.27 20.76 -21.99
CA TYR D 192 4.84 19.80 -20.97
C TYR D 192 3.53 19.09 -21.27
N PRO D 193 2.46 19.75 -21.72
CA PRO D 193 1.25 18.97 -22.03
C PRO D 193 1.49 17.87 -23.03
N MET D 194 2.21 18.17 -24.11
CA MET D 194 2.53 17.17 -25.12
C MET D 194 3.44 16.10 -24.55
N MET D 195 4.47 16.50 -23.79
CA MET D 195 5.47 15.55 -23.31
C MET D 195 4.89 14.61 -22.29
N VAL D 196 4.09 15.12 -21.35
CA VAL D 196 3.46 14.25 -20.36
C VAL D 196 2.49 13.30 -21.05
N ARG D 197 1.68 13.81 -21.97
CA ARG D 197 0.85 12.91 -22.78
C ARG D 197 1.67 11.82 -23.44
N ASP D 198 2.81 12.19 -24.04
CA ASP D 198 3.61 11.18 -24.73
C ASP D 198 4.10 10.11 -23.76
N PHE D 199 4.54 10.50 -22.56
CA PHE D 199 5.07 9.51 -21.64
C PHE D 199 3.96 8.63 -21.11
N GLN D 200 2.74 9.15 -21.01
CA GLN D 200 1.62 8.36 -20.54
C GLN D 200 0.96 7.54 -21.63
N SER D 201 1.32 7.76 -22.90
CA SER D 201 0.64 7.04 -23.98
C SER D 201 0.92 5.55 -23.95
N VAL D 202 1.97 5.12 -23.24
CA VAL D 202 2.23 3.69 -23.05
C VAL D 202 0.98 2.97 -22.54
N ILE D 203 0.19 3.63 -21.70
CA ILE D 203 -1.05 3.05 -21.18
C ILE D 203 -1.96 2.65 -22.33
N GLY D 204 -2.28 3.61 -23.20
CA GLY D 204 -3.20 3.34 -24.29
C GLY D 204 -2.59 2.45 -25.35
N GLU D 205 -1.27 2.53 -25.54
CA GLU D 205 -0.62 1.68 -26.53
C GLU D 205 -0.70 0.21 -26.12
N GLU D 206 -0.49 -0.06 -24.83
CA GLU D 206 -0.66 -1.42 -24.34
C GLU D 206 -2.12 -1.84 -24.41
N ALA D 207 -3.01 -0.99 -23.87
CA ALA D 207 -4.42 -1.33 -23.87
C ALA D 207 -4.92 -1.63 -25.27
N ARG D 208 -4.52 -0.84 -26.26
CA ARG D 208 -4.99 -1.10 -27.61
C ARG D 208 -4.54 -2.48 -28.08
N GLN D 209 -3.28 -2.86 -27.81
CA GLN D 209 -2.83 -4.15 -28.32
C GLN D 209 -3.47 -5.28 -27.54
N GLN D 210 -3.67 -5.06 -26.24
CA GLN D 210 -4.26 -6.08 -25.39
C GLN D 210 -5.73 -6.30 -25.75
N ILE D 211 -6.49 -5.20 -25.91
CA ILE D 211 -7.92 -5.37 -26.20
C ILE D 211 -8.12 -5.98 -27.58
N LEU D 212 -7.18 -5.75 -28.51
CA LEU D 212 -7.28 -6.43 -29.80
C LEU D 212 -7.03 -7.92 -29.65
N GLU D 213 -6.14 -8.31 -28.74
CA GLU D 213 -5.87 -9.74 -28.57
C GLU D 213 -6.93 -10.44 -27.72
N LYS D 214 -7.58 -9.72 -26.80
CA LYS D 214 -8.62 -10.31 -25.95
C LYS D 214 -9.99 -10.33 -26.62
N GLU D 215 -10.24 -9.41 -27.55
CA GLU D 215 -11.55 -9.33 -28.18
C GLU D 215 -11.50 -9.17 -29.70
N GLY D 216 -10.32 -9.08 -30.33
CA GLY D 216 -10.28 -8.93 -31.78
C GLY D 216 -10.96 -7.70 -32.30
N ARG D 217 -11.09 -6.67 -31.49
CA ARG D 217 -11.87 -5.49 -31.84
C ARG D 217 -11.52 -4.38 -30.86
N LEU D 218 -11.57 -3.14 -31.33
CA LEU D 218 -11.35 -1.99 -30.48
C LEU D 218 -12.48 -1.83 -29.48
N PRO D 219 -12.24 -1.13 -28.37
CA PRO D 219 -13.29 -0.94 -27.36
C PRO D 219 -14.42 -0.09 -27.89
N ASP D 220 -15.61 -0.27 -27.31
CA ASP D 220 -16.70 0.65 -27.63
C ASP D 220 -16.59 1.94 -26.84
N ALA D 221 -15.96 1.91 -25.67
CA ALA D 221 -15.76 3.14 -24.91
C ALA D 221 -14.56 2.97 -23.98
N ILE D 222 -13.84 4.05 -23.79
CA ILE D 222 -12.80 4.16 -22.78
C ILE D 222 -13.25 5.20 -21.75
N VAL D 223 -13.14 4.85 -20.47
CA VAL D 223 -13.53 5.74 -19.38
C VAL D 223 -12.31 5.97 -18.49
N ALA D 224 -12.01 7.23 -18.21
CA ALA D 224 -10.91 7.58 -17.33
C ALA D 224 -11.28 8.82 -16.53
N CYS D 225 -10.75 8.91 -15.32
CA CYS D 225 -10.95 10.08 -14.48
C CYS D 225 -10.01 11.19 -14.91
N VAL D 226 -10.43 12.43 -14.65
CA VAL D 226 -9.72 13.60 -15.14
C VAL D 226 -9.57 14.58 -13.99
N GLY D 227 -8.34 14.78 -13.52
CA GLY D 227 -8.04 15.91 -12.67
C GLY D 227 -7.27 16.93 -13.47
N GLY D 228 -5.95 16.78 -13.51
CA GLY D 228 -5.16 17.51 -14.49
C GLY D 228 -5.28 16.89 -15.86
N GLY D 229 -5.54 15.59 -15.93
CA GLY D 229 -5.84 14.94 -17.18
C GLY D 229 -4.80 13.99 -17.74
N SER D 230 -3.76 13.62 -16.95
CA SER D 230 -2.66 12.86 -17.54
C SER D 230 -3.01 11.40 -17.75
N ASN D 231 -3.69 10.75 -16.80
CA ASN D 231 -4.01 9.34 -17.02
C ASN D 231 -5.03 9.19 -18.14
N ALA D 232 -5.89 10.20 -18.32
CA ALA D 232 -6.87 10.12 -19.39
C ALA D 232 -6.21 10.32 -20.74
N MET D 233 -5.31 11.31 -20.86
CA MET D 233 -4.64 11.51 -22.14
C MET D 233 -3.80 10.29 -22.51
N GLY D 234 -3.21 9.63 -21.51
CA GLY D 234 -2.36 8.48 -21.82
C GLY D 234 -3.16 7.33 -22.39
N ILE D 235 -4.34 7.08 -21.84
CA ILE D 235 -5.14 6.02 -22.44
C ILE D 235 -5.94 6.50 -23.68
N PHE D 236 -6.32 7.80 -23.75
CA PHE D 236 -7.10 8.29 -24.90
C PHE D 236 -6.24 8.37 -26.16
N HIS D 237 -5.06 8.99 -26.04
CA HIS D 237 -4.31 9.39 -27.22
C HIS D 237 -4.21 8.30 -28.29
N PRO D 238 -3.84 7.05 -27.98
CA PRO D 238 -3.70 6.04 -29.03
C PRO D 238 -5.02 5.61 -29.64
N PHE D 239 -6.15 6.11 -29.17
CA PHE D 239 -7.44 5.82 -29.80
C PHE D 239 -8.08 7.03 -30.46
N ILE D 240 -7.40 8.18 -30.46
CA ILE D 240 -8.02 9.41 -30.97
C ILE D 240 -8.49 9.24 -32.41
N ASP D 241 -7.71 8.58 -33.25
CA ASP D 241 -8.09 8.43 -34.65
C ASP D 241 -9.00 7.24 -34.89
N ASP D 242 -9.32 6.47 -33.85
CA ASP D 242 -10.29 5.39 -33.97
C ASP D 242 -11.65 5.99 -33.66
N GLU D 243 -12.35 6.42 -34.70
CA GLU D 243 -13.61 7.13 -34.52
C GLU D 243 -14.65 6.28 -33.80
N SER D 244 -14.55 4.96 -33.90
CA SER D 244 -15.53 4.04 -33.31
C SER D 244 -15.38 3.88 -31.81
N VAL D 245 -14.40 4.54 -31.20
CA VAL D 245 -14.12 4.43 -29.77
C VAL D 245 -14.52 5.72 -29.10
N ARG D 246 -15.51 5.64 -28.21
CA ARG D 246 -15.88 6.79 -27.40
C ARG D 246 -14.84 7.03 -26.32
N LEU D 247 -14.49 8.30 -26.09
CA LEU D 247 -13.52 8.69 -25.06
C LEU D 247 -14.24 9.54 -24.03
N ILE D 248 -14.34 9.03 -22.79
CA ILE D 248 -15.17 9.63 -21.74
C ILE D 248 -14.28 9.95 -20.55
N GLY D 249 -14.14 11.24 -20.23
CA GLY D 249 -13.40 11.69 -19.07
C GLY D 249 -14.34 12.08 -17.95
N VAL D 250 -13.98 11.70 -16.72
CA VAL D 250 -14.87 11.80 -15.57
C VAL D 250 -14.20 12.72 -14.55
N GLU D 251 -14.87 13.83 -14.23
CA GLU D 251 -14.37 14.79 -13.26
C GLU D 251 -15.05 14.60 -11.89
N ALA D 252 -14.50 15.28 -10.89
CA ALA D 252 -15.03 15.23 -9.52
C ALA D 252 -16.03 16.36 -9.29
N ALA D 253 -17.28 16.00 -9.01
CA ALA D 253 -18.31 16.98 -8.65
C ALA D 253 -18.39 17.21 -7.13
N GLY D 254 -17.59 16.49 -6.34
CA GLY D 254 -17.57 16.71 -4.90
C GLY D 254 -18.95 16.58 -4.28
N LYS D 255 -19.29 17.54 -3.41
CA LYS D 255 -20.60 17.59 -2.76
C LYS D 255 -21.70 17.98 -3.73
N GLY D 256 -21.37 18.13 -5.01
CA GLY D 256 -22.32 18.61 -6.00
C GLY D 256 -21.95 19.98 -6.55
N ILE D 257 -21.87 20.09 -7.88
CA ILE D 257 -21.51 21.37 -8.51
C ILE D 257 -22.28 22.53 -7.89
N GLU D 258 -23.55 22.31 -7.54
CA GLU D 258 -24.38 23.38 -6.99
C GLU D 258 -23.88 23.87 -5.63
N THR D 259 -23.15 23.05 -4.88
CA THR D 259 -22.56 23.53 -3.63
C THR D 259 -21.41 24.51 -3.88
N GLY D 260 -20.74 24.40 -5.02
CA GLY D 260 -19.59 25.23 -5.32
C GLY D 260 -18.27 24.54 -5.06
N LYS D 261 -18.19 23.76 -3.98
CA LYS D 261 -16.97 23.07 -3.60
C LYS D 261 -16.84 21.80 -4.44
N HIS D 262 -16.25 21.95 -5.63
CA HIS D 262 -16.10 20.86 -6.58
C HIS D 262 -14.76 21.00 -7.29
N ALA D 263 -14.45 20.04 -8.15
CA ALA D 263 -13.22 20.10 -8.93
C ALA D 263 -13.51 19.92 -10.42
N ALA D 264 -14.69 20.32 -10.86
CA ALA D 264 -15.14 20.07 -12.24
C ALA D 264 -14.74 21.26 -13.10
N THR D 265 -13.52 21.20 -13.64
CA THR D 265 -12.98 22.29 -14.45
C THR D 265 -13.65 22.34 -15.82
N LEU D 266 -13.77 21.18 -16.49
CA LEU D 266 -14.29 21.17 -17.85
C LEU D 266 -15.78 21.48 -17.88
N SER D 267 -16.56 20.90 -16.95
CA SER D 267 -18.01 21.05 -17.01
C SER D 267 -18.48 22.40 -16.48
N ALA D 268 -17.74 23.01 -15.54
CA ALA D 268 -18.16 24.26 -14.94
C ALA D 268 -17.16 25.40 -15.06
N GLY D 269 -15.91 25.12 -15.39
CA GLY D 269 -14.92 26.17 -15.55
C GLY D 269 -15.11 26.95 -16.84
N ARG D 270 -14.30 27.97 -17.00
CA ARG D 270 -14.32 28.80 -18.18
C ARG D 270 -12.89 29.10 -18.60
N PRO D 271 -12.66 29.41 -19.87
CA PRO D 271 -11.30 29.60 -20.37
C PRO D 271 -10.53 30.66 -19.59
N GLY D 272 -9.25 30.40 -19.40
CA GLY D 272 -8.35 31.33 -18.77
C GLY D 272 -6.94 30.79 -18.88
N VAL D 273 -6.01 31.55 -18.30
CA VAL D 273 -4.59 31.20 -18.36
C VAL D 273 -4.14 30.82 -16.96
N LEU D 274 -3.51 29.65 -16.85
CA LEU D 274 -2.97 29.20 -15.59
C LEU D 274 -1.66 28.47 -15.83
N HIS D 275 -0.61 28.89 -15.12
CA HIS D 275 0.65 28.16 -15.08
C HIS D 275 1.22 27.97 -16.48
N GLY D 276 0.93 28.91 -17.39
CA GLY D 276 1.53 28.89 -18.70
C GLY D 276 0.67 28.30 -19.80
N ALA D 277 -0.54 27.86 -19.49
CA ALA D 277 -1.43 27.25 -20.47
C ALA D 277 -2.75 28.01 -20.55
N MET D 278 -3.24 28.22 -21.76
CA MET D 278 -4.64 28.61 -21.94
C MET D 278 -5.50 27.36 -21.87
N THR D 279 -6.44 27.30 -20.95
CA THR D 279 -7.25 26.10 -20.77
C THR D 279 -8.52 26.48 -20.01
N TYR D 280 -9.32 25.48 -19.65
CA TYR D 280 -10.45 25.71 -18.75
C TYR D 280 -9.96 25.74 -17.31
N LEU D 281 -10.62 26.56 -16.49
CA LEU D 281 -10.03 26.97 -15.22
C LEU D 281 -11.12 27.31 -14.20
N LEU D 282 -10.89 26.97 -12.93
CA LEU D 282 -11.77 27.36 -11.84
C LEU D 282 -11.25 28.66 -11.24
N GLN D 283 -12.01 29.74 -11.43
CA GLN D 283 -11.56 31.09 -11.12
C GLN D 283 -12.76 31.91 -10.68
N ASP D 284 -12.49 32.98 -9.93
CA ASP D 284 -13.54 33.85 -9.43
C ASP D 284 -13.82 34.96 -10.45
N GLU D 285 -14.64 35.93 -10.04
CA GLU D 285 -15.08 37.00 -10.94
C GLU D 285 -13.93 37.86 -11.41
N ASP D 286 -12.86 37.98 -10.61
CA ASP D 286 -11.71 38.81 -10.95
C ASP D 286 -10.60 38.01 -11.60
N GLY D 287 -10.85 36.76 -11.97
CA GLY D 287 -9.81 35.92 -12.50
C GLY D 287 -8.81 35.43 -11.48
N GLN D 288 -9.11 35.55 -10.18
CA GLN D 288 -8.29 34.92 -9.16
C GLN D 288 -8.54 33.41 -9.17
N ILE D 289 -7.46 32.64 -9.09
CA ILE D 289 -7.59 31.19 -9.10
C ILE D 289 -8.27 30.71 -7.82
N ILE D 290 -9.25 29.82 -7.97
CA ILE D 290 -9.92 29.21 -6.83
C ILE D 290 -9.31 27.83 -6.59
N GLU D 291 -9.42 27.36 -5.35
CA GLU D 291 -9.01 25.99 -5.06
C GLU D 291 -10.20 25.05 -5.20
N ALA D 292 -9.91 23.82 -5.60
CA ALA D 292 -10.93 22.82 -5.88
C ALA D 292 -11.06 21.85 -4.71
N HIS D 293 -12.28 21.33 -4.52
CA HIS D 293 -12.59 20.49 -3.38
C HIS D 293 -13.27 19.20 -3.86
N SER D 294 -12.77 18.07 -3.37
CA SER D 294 -13.28 16.74 -3.72
C SER D 294 -12.89 15.78 -2.61
N ILE D 295 -13.59 14.64 -2.56
CA ILE D 295 -13.20 13.60 -1.62
C ILE D 295 -11.78 13.11 -1.92
N SER D 296 -11.39 13.05 -3.19
CA SER D 296 -10.06 12.63 -3.59
C SER D 296 -9.21 13.84 -3.92
N ALA D 297 -8.13 14.04 -3.15
CA ALA D 297 -7.27 15.20 -3.36
C ALA D 297 -6.57 15.14 -4.72
N GLY D 298 -6.36 13.95 -5.28
CA GLY D 298 -5.67 13.82 -6.54
C GLY D 298 -6.39 14.51 -7.68
N LEU D 299 -7.58 15.04 -7.39
CA LEU D 299 -8.40 15.69 -8.40
C LEU D 299 -8.61 17.18 -8.14
N ASP D 300 -7.80 17.79 -7.28
CA ASP D 300 -8.01 19.17 -6.86
C ASP D 300 -7.15 20.17 -7.66
N TYR D 301 -6.77 19.85 -8.88
CA TYR D 301 -6.04 20.86 -9.63
C TYR D 301 -7.03 21.89 -10.20
N PRO D 302 -6.83 23.18 -9.94
CA PRO D 302 -7.84 24.17 -10.36
C PRO D 302 -8.04 24.22 -11.86
N GLY D 303 -7.06 23.78 -12.65
CA GLY D 303 -7.17 23.75 -14.08
C GLY D 303 -7.31 22.36 -14.65
N VAL D 304 -7.05 22.25 -15.95
CA VAL D 304 -7.07 20.96 -16.64
C VAL D 304 -6.16 21.12 -17.84
N GLY D 305 -5.63 20.00 -18.33
CA GLY D 305 -4.78 20.02 -19.50
C GLY D 305 -5.42 20.63 -20.73
N PRO D 306 -4.70 21.54 -21.42
CA PRO D 306 -5.28 22.16 -22.62
C PRO D 306 -5.70 21.17 -23.68
N GLU D 307 -5.09 19.99 -23.73
CA GLU D 307 -5.52 19.04 -24.76
C GLU D 307 -6.93 18.52 -24.50
N HIS D 308 -7.35 18.43 -23.23
CA HIS D 308 -8.73 18.07 -22.94
C HIS D 308 -9.68 19.21 -23.28
N ALA D 309 -9.27 20.46 -23.01
CA ALA D 309 -10.05 21.60 -23.46
C ALA D 309 -10.31 21.51 -24.96
N TYR D 310 -9.26 21.20 -25.72
CA TYR D 310 -9.40 20.97 -27.16
C TYR D 310 -10.36 19.83 -27.45
N LEU D 311 -10.13 18.66 -26.84
CA LEU D 311 -10.96 17.50 -27.13
C LEU D 311 -12.43 17.76 -26.76
N LYS D 312 -12.66 18.46 -25.65
CA LYS D 312 -14.02 18.79 -25.25
C LYS D 312 -14.71 19.68 -26.29
N ASP D 313 -14.03 20.74 -26.74
CA ASP D 313 -14.65 21.69 -27.65
C ASP D 313 -14.87 21.12 -29.03
N THR D 314 -13.98 20.23 -29.48
CA THR D 314 -14.20 19.58 -30.77
C THR D 314 -15.12 18.38 -30.67
N GLY D 315 -15.49 17.98 -29.45
CA GLY D 315 -16.39 16.88 -29.24
C GLY D 315 -15.80 15.51 -29.44
N ARG D 316 -14.46 15.41 -29.57
CA ARG D 316 -13.86 14.08 -29.67
C ARG D 316 -13.97 13.32 -28.36
N ALA D 317 -13.96 14.03 -27.24
CA ALA D 317 -14.12 13.43 -25.92
C ALA D 317 -15.30 14.09 -25.23
N GLU D 318 -16.06 13.31 -24.48
CA GLU D 318 -17.18 13.80 -23.68
C GLU D 318 -16.78 13.75 -22.21
N TYR D 319 -17.02 14.84 -21.51
CA TYR D 319 -16.59 14.98 -20.13
C TYR D 319 -17.81 15.05 -19.24
N VAL D 320 -17.84 14.19 -18.22
CA VAL D 320 -18.93 14.13 -17.26
C VAL D 320 -18.33 14.23 -15.86
N SER D 321 -19.17 14.08 -14.83
CA SER D 321 -18.66 14.10 -13.47
C SER D 321 -19.48 13.14 -12.61
N VAL D 322 -18.87 12.71 -11.51
CA VAL D 322 -19.60 11.95 -10.50
C VAL D 322 -19.28 12.56 -9.15
N THR D 323 -20.18 12.36 -8.20
CA THR D 323 -20.04 13.01 -6.91
C THR D 323 -19.15 12.18 -5.98
N ASP D 324 -18.88 12.74 -4.80
CA ASP D 324 -18.15 12.02 -3.77
C ASP D 324 -18.85 10.73 -3.38
N ASP D 325 -20.18 10.79 -3.18
CA ASP D 325 -20.93 9.60 -2.81
C ASP D 325 -20.82 8.52 -3.89
N GLU D 326 -20.80 8.95 -5.15
CA GLU D 326 -20.74 7.98 -6.25
C GLU D 326 -19.39 7.30 -6.32
N ALA D 327 -18.30 8.07 -6.24
CA ALA D 327 -16.97 7.47 -6.14
C ALA D 327 -16.87 6.50 -4.96
N LEU D 328 -17.38 6.90 -3.80
CA LEU D 328 -17.33 6.04 -2.62
C LEU D 328 -18.05 4.72 -2.86
N GLU D 329 -19.26 4.79 -3.43
CA GLU D 329 -19.98 3.55 -3.79
C GLU D 329 -19.16 2.68 -4.74
N ALA D 330 -18.51 3.29 -5.73
CA ALA D 330 -17.74 2.48 -6.68
C ALA D 330 -16.49 1.90 -6.03
N PHE D 331 -15.80 2.69 -5.20
CA PHE D 331 -14.68 2.22 -4.38
C PHE D 331 -15.05 0.92 -3.65
N GLN D 332 -16.24 0.89 -3.06
CA GLN D 332 -16.67 -0.28 -2.30
C GLN D 332 -17.08 -1.44 -3.21
N LEU D 333 -17.80 -1.14 -4.29
CA LEU D 333 -18.27 -2.20 -5.17
C LEU D 333 -17.11 -2.98 -5.77
N LEU D 334 -16.12 -2.26 -6.32
CA LEU D 334 -15.00 -2.93 -6.98
C LEU D 334 -14.18 -3.73 -5.99
N SER D 335 -14.03 -3.23 -4.76
CA SER D 335 -13.28 -3.98 -3.76
C SER D 335 -13.96 -5.31 -3.47
N ARG D 336 -15.26 -5.28 -3.22
CA ARG D 336 -15.98 -6.48 -2.85
C ARG D 336 -16.26 -7.41 -4.03
N THR D 337 -16.28 -6.87 -5.25
CA THR D 337 -16.66 -7.66 -6.42
C THR D 337 -15.45 -8.22 -7.16
N GLU D 338 -14.37 -7.47 -7.21
CA GLU D 338 -13.18 -7.89 -7.93
C GLU D 338 -11.97 -8.04 -7.03
N GLY D 339 -12.07 -7.70 -5.75
CA GLY D 339 -10.89 -7.72 -4.92
C GLY D 339 -9.84 -6.71 -5.31
N ILE D 340 -10.24 -5.65 -6.01
CA ILE D 340 -9.36 -4.56 -6.38
C ILE D 340 -9.81 -3.32 -5.62
N ILE D 341 -8.94 -2.81 -4.77
CA ILE D 341 -9.19 -1.57 -4.03
C ILE D 341 -8.66 -0.42 -4.88
N PRO D 342 -9.52 0.36 -5.52
CA PRO D 342 -9.05 1.40 -6.44
C PRO D 342 -8.80 2.71 -5.71
N ALA D 343 -7.93 3.55 -6.29
CA ALA D 343 -7.80 4.90 -5.80
C ALA D 343 -9.15 5.62 -5.84
N LEU D 344 -9.34 6.59 -4.96
CA LEU D 344 -10.58 7.37 -5.01
C LEU D 344 -10.68 8.14 -6.32
N GLU D 345 -9.55 8.58 -6.87
CA GLU D 345 -9.57 9.18 -8.20
C GLU D 345 -10.15 8.22 -9.23
N SER D 346 -9.58 7.03 -9.31
CA SER D 346 -10.00 6.01 -10.26
C SER D 346 -11.45 5.59 -10.05
N SER D 347 -11.93 5.56 -8.80
CA SER D 347 -13.32 5.14 -8.59
C SER D 347 -14.32 6.12 -9.18
N HIS D 348 -13.89 7.33 -9.54
CA HIS D 348 -14.79 8.19 -10.31
C HIS D 348 -15.03 7.59 -11.69
N ALA D 349 -13.99 7.02 -12.31
CA ALA D 349 -14.16 6.35 -13.59
C ALA D 349 -14.97 5.08 -13.44
N VAL D 350 -14.72 4.31 -12.37
CA VAL D 350 -15.53 3.14 -12.12
C VAL D 350 -16.98 3.53 -11.90
N ALA D 351 -17.21 4.61 -11.15
CA ALA D 351 -18.56 5.06 -10.87
C ALA D 351 -19.31 5.38 -12.16
N TYR D 352 -18.64 6.01 -13.12
CA TYR D 352 -19.33 6.34 -14.37
C TYR D 352 -19.55 5.09 -15.22
N ALA D 353 -18.55 4.21 -15.31
CA ALA D 353 -18.75 2.96 -16.04
C ALA D 353 -19.87 2.14 -15.43
N MET D 354 -20.09 2.27 -14.12
CA MET D 354 -21.22 1.60 -13.51
C MET D 354 -22.55 2.15 -14.05
N LYS D 355 -22.55 3.41 -14.49
CA LYS D 355 -23.75 3.96 -15.12
C LYS D 355 -23.84 3.60 -16.60
N LEU D 356 -22.70 3.60 -17.29
CA LEU D 356 -22.70 3.39 -18.72
C LEU D 356 -22.94 1.92 -19.08
N ALA D 357 -22.39 0.99 -18.29
CA ALA D 357 -22.40 -0.40 -18.73
C ALA D 357 -23.81 -0.95 -18.91
N PRO D 358 -24.76 -0.71 -18.01
CA PRO D 358 -26.13 -1.19 -18.25
C PRO D 358 -26.74 -0.67 -19.54
N GLU D 359 -26.49 0.61 -19.87
CA GLU D 359 -27.04 1.20 -21.08
C GLU D 359 -26.54 0.51 -22.33
N LEU D 360 -25.47 -0.26 -22.22
CA LEU D 360 -24.77 -0.81 -23.38
C LEU D 360 -25.10 -2.28 -23.56
N SER D 361 -24.96 -2.74 -24.79
CA SER D 361 -25.23 -4.12 -25.14
C SER D 361 -24.21 -5.06 -24.49
N LYS D 362 -24.61 -6.32 -24.38
CA LYS D 362 -23.76 -7.34 -23.76
C LYS D 362 -22.46 -7.54 -24.55
N ASP D 363 -22.55 -7.57 -25.87
CA ASP D 363 -21.37 -7.80 -26.70
C ASP D 363 -20.44 -6.61 -26.76
N GLN D 364 -20.88 -5.45 -26.27
CA GLN D 364 -20.03 -4.27 -26.29
C GLN D 364 -18.94 -4.35 -25.22
N ILE D 365 -17.97 -3.42 -25.32
CA ILE D 365 -16.74 -3.47 -24.54
C ILE D 365 -16.44 -2.07 -24.00
N ILE D 366 -16.17 -1.99 -22.70
CA ILE D 366 -15.73 -0.76 -22.03
C ILE D 366 -14.37 -1.03 -21.39
N VAL D 367 -13.40 -0.16 -21.65
CA VAL D 367 -12.12 -0.18 -20.94
C VAL D 367 -12.11 0.95 -19.93
N VAL D 368 -11.90 0.62 -18.67
CA VAL D 368 -11.78 1.60 -17.59
C VAL D 368 -10.30 1.70 -17.24
N ASN D 369 -9.76 2.91 -17.28
CA ASN D 369 -8.40 3.12 -16.82
C ASN D 369 -8.40 3.12 -15.29
N LEU D 370 -7.85 2.07 -14.70
CA LEU D 370 -7.72 2.00 -13.25
C LEU D 370 -6.40 2.66 -12.87
N SER D 371 -6.44 3.99 -12.74
CA SER D 371 -5.22 4.78 -12.66
C SER D 371 -4.39 4.55 -11.41
N GLY D 372 -4.98 4.06 -10.32
CA GLY D 372 -4.14 3.80 -9.14
C GLY D 372 -4.84 2.91 -8.16
N ARG D 373 -4.07 2.39 -7.20
CA ARG D 373 -4.59 1.55 -6.14
C ARG D 373 -5.02 2.43 -4.96
N GLY D 374 -5.93 1.90 -4.16
CA GLY D 374 -6.61 2.70 -3.16
C GLY D 374 -6.11 2.55 -1.75
N ASP D 375 -5.00 1.83 -1.55
CA ASP D 375 -4.43 1.66 -0.21
C ASP D 375 -4.25 2.97 0.53
N LYS D 376 -3.87 4.03 -0.19
CA LYS D 376 -3.68 5.36 0.39
C LYS D 376 -4.99 5.99 0.85
N ASP D 377 -6.13 5.53 0.33
CA ASP D 377 -7.41 6.14 0.63
C ASP D 377 -8.22 5.38 1.68
N VAL D 378 -7.74 4.22 2.13
CA VAL D 378 -8.54 3.41 3.03
C VAL D 378 -8.84 4.18 4.32
N ASN D 379 -7.87 4.99 4.77
CA ASN D 379 -8.06 5.81 5.95
C ASN D 379 -9.12 6.89 5.71
N THR D 380 -9.11 7.51 4.53
CA THR D 380 -10.10 8.54 4.21
C THR D 380 -11.50 7.95 4.11
N VAL D 381 -11.63 6.77 3.51
CA VAL D 381 -12.95 6.19 3.28
C VAL D 381 -13.61 5.84 4.61
N ALA D 382 -12.84 5.30 5.56
CA ALA D 382 -13.40 4.92 6.87
C ALA D 382 -14.02 6.11 7.60
N ARG D 383 -13.53 7.32 7.34
CA ARG D 383 -14.05 8.53 7.99
C ARG D 383 -15.14 9.17 7.14
O1 G3P E . -11.73 -37.40 26.29
C1 G3P E . -11.76 -36.11 25.76
C2 G3P E . -12.91 -35.31 26.34
O2 G3P E . -12.65 -33.96 26.06
C3 G3P E . -14.27 -35.76 25.75
O1P G3P E . -14.85 -34.79 24.91
O4P G3P E . -15.08 -32.63 26.26
O2P G3P E . -16.76 -33.06 24.46
O3P G3P E . -16.84 -34.40 26.50
P G3P E . -15.90 -33.68 25.54
N1 PLP F . 7.61 -11.35 3.24
C2 PLP F . 6.42 -10.73 3.07
C2A PLP F . 6.28 -9.49 2.21
C3 PLP F . 5.31 -11.23 3.72
O3 PLP F . 4.08 -10.58 3.56
C4 PLP F . 5.41 -12.33 4.51
C4A PLP F . 4.12 -12.79 5.19
C5 PLP F . 6.62 -12.95 4.66
C6 PLP F . 7.73 -12.46 4.01
C5A PLP F . 6.80 -14.19 5.56
O4P PLP F . 6.07 -15.29 5.11
P PLP F . 6.93 -16.49 4.36
O1P PLP F . 7.32 -15.98 2.98
O2P PLP F . 6.04 -17.71 4.30
O3P PLP F . 8.22 -16.81 5.12
H2A1 PLP F . 5.99 -8.75 2.75
H2A2 PLP F . 5.62 -9.66 1.51
H2A3 PLP F . 7.13 -9.29 1.79
HO3 PLP F . 4.08 -9.86 4.01
H4A PLP F . 4.18 -13.73 5.38
H6 PLP F . 8.55 -12.87 4.11
H5A1 PLP F . 6.51 -13.98 6.45
H5A2 PLP F . 7.74 -14.42 5.57
NA NA G . 9.53 -19.11 12.28
O1 G3P H . 8.95 45.48 -11.88
C1 G3P H . 8.68 46.14 -10.66
C2 G3P H . 9.53 45.54 -9.53
O2 G3P H . 9.17 44.21 -9.31
C3 G3P H . 11.02 45.64 -9.87
O1P G3P H . 11.70 44.47 -9.49
O4P G3P H . 13.35 43.28 -7.90
O2P G3P H . 12.80 45.66 -7.46
O3P G3P H . 11.13 43.89 -7.03
P G3P H . 12.27 44.32 -7.93
N1 PLP I . -5.56 8.90 -10.70
C2 PLP I . -4.64 8.75 -9.75
C2A PLP I . -4.38 7.40 -9.08
C3 PLP I . -3.92 9.85 -9.34
O3 PLP I . -2.96 9.70 -8.35
C4 PLP I . -4.11 11.06 -9.90
C4A PLP I . -3.24 12.21 -9.39
C5 PLP I . -5.04 11.20 -10.86
C6 PLP I . -5.76 10.11 -11.24
C5A PLP I . -5.33 12.54 -11.51
O4P PLP I . -4.23 13.07 -12.13
P PLP I . -4.26 13.18 -13.75
O1P PLP I . -5.60 13.66 -14.14
O2P PLP I . -4.15 11.83 -14.31
O3P PLP I . -3.16 14.05 -14.16
NA NA J . 3.89 -6.95 -16.10
NA NA K . -9.25 20.26 -12.41
#